data_3AUF
# 
_entry.id   3AUF 
# 
_audit_conform.dict_name       mmcif_pdbx.dic 
_audit_conform.dict_version    5.380 
_audit_conform.dict_location   http://mmcif.pdb.org/dictionaries/ascii/mmcif_pdbx.dic 
# 
loop_
_database_2.database_id 
_database_2.database_code 
_database_2.pdbx_database_accession 
_database_2.pdbx_DOI 
PDB   3AUF         pdb_00003auf 10.2210/pdb3auf/pdb 
RCSB  RCSB029707   ?            ?                   
WWPDB D_1000029707 ?            ?                   
# 
_pdbx_database_related.db_name        TargetTrack 
_pdbx_database_related.db_id          RSGI-syt001002794.1 
_pdbx_database_related.details        . 
_pdbx_database_related.content_type   unspecified 
# 
_pdbx_database_status.status_code                     REL 
_pdbx_database_status.entry_id                        3AUF 
_pdbx_database_status.recvd_initial_deposition_date   2011-02-03 
_pdbx_database_status.deposit_site                    PDBJ 
_pdbx_database_status.process_site                    PDBJ 
_pdbx_database_status.status_code_sf                  REL 
_pdbx_database_status.status_code_mr                  ? 
_pdbx_database_status.SG_entry                        Y 
_pdbx_database_status.status_code_cs                  ? 
_pdbx_database_status.methods_development_category    ? 
_pdbx_database_status.pdb_format_compatible           Y 
_pdbx_database_status.status_code_nmr_data            ? 
# 
loop_
_audit_author.name 
_audit_author.pdbx_ordinal 
'Kanagawa, M.'                                           1 
'Baba, S.'                                               2 
'Nagira, T.'                                             3 
'Kuramitsu, S.'                                          4 
'Yokoyama, S.'                                           5 
'Sampei, G.'                                             6 
'Kawai, G.'                                              7 
'RIKEN Structural Genomics/Proteomics Initiative (RSGI)' 8 
# 
_citation.id                        primary 
_citation.title                     'Structures and reaction mechanisms of the two related enzymes, PurN and PurU.' 
_citation.journal_abbrev            J.Biochem. 
_citation.journal_volume            154 
_citation.page_first                569 
_citation.page_last                 579 
_citation.year                      2013 
_citation.journal_id_ASTM           ? 
_citation.country                   JP 
_citation.journal_id_ISSN           0021-924X 
_citation.journal_id_CSD            ? 
_citation.book_publisher            ? 
_citation.pdbx_database_id_PubMed   24108189 
_citation.pdbx_database_id_DOI      10.1093/jb/mvt090 
# 
loop_
_citation_author.citation_id 
_citation_author.name 
_citation_author.ordinal 
_citation_author.identifier_ORCID 
primary 'Sampei, G.'    1  ? 
primary 'Kanagawa, M.'  2  ? 
primary 'Baba, S.'      3  ? 
primary 'Shimasaki, T.' 4  ? 
primary 'Taka, H.'      5  ? 
primary 'Mitsui, S.'    6  ? 
primary 'Fujiwara, S.'  7  ? 
primary 'Yanagida, Y.'  8  ? 
primary 'Kusano, M.'    9  ? 
primary 'Suzuki, S.'    10 ? 
primary 'Terao, K.'     11 ? 
primary 'Kawai, H.'     12 ? 
primary 'Fukai, Y.'     13 ? 
primary 'Nakagawa, N.'  14 ? 
primary 'Ebihara, A.'   15 ? 
primary 'Kuramitsu, S.' 16 ? 
primary 'Yokoyama, S.'  17 ? 
primary 'Kawai, G.'     18 ? 
# 
_cell.entry_id           3AUF 
_cell.length_a           85.316 
_cell.length_b           85.316 
_cell.length_c           58.019 
_cell.angle_alpha        90.00 
_cell.angle_beta         90.00 
_cell.angle_gamma        120.00 
_cell.Z_PDB              6 
_cell.pdbx_unique_axis   ? 
_cell.length_a_esd       ? 
_cell.length_b_esd       ? 
_cell.length_c_esd       ? 
_cell.angle_alpha_esd    ? 
_cell.angle_beta_esd     ? 
_cell.angle_gamma_esd    ? 
# 
_symmetry.entry_id                         3AUF 
_symmetry.space_group_name_H-M             'P 31 2 1' 
_symmetry.pdbx_full_space_group_name_H-M   ? 
_symmetry.cell_setting                     ? 
_symmetry.Int_Tables_number                152 
_symmetry.space_group_name_Hall            ? 
# 
loop_
_entity.id 
_entity.type 
_entity.src_method 
_entity.pdbx_description 
_entity.formula_weight 
_entity.pdbx_number_of_molecules 
_entity.pdbx_ec 
_entity.pdbx_mutation 
_entity.pdbx_fragment 
_entity.details 
1 polymer man 'Glycinamide ribonucleotide transformylase 1' 25045.764 1  ? ? ? ? 
2 water   nat water                                         18.015    91 ? ? ? ? 
# 
_entity_name_com.entity_id   1 
_entity_name_com.name        'Phosphoribosylglycinamide formyltransferase' 
# 
_entity_poly.entity_id                      1 
_entity_poly.type                           'polypeptide(L)' 
_entity_poly.nstd_linkage                   no 
_entity_poly.nstd_monomer                   no 
_entity_poly.pdbx_seq_one_letter_code       
;MGSSHHHHHHSSGENLYFQGHMIRIGVLISGSGTNLQAILDGCREGRIPGRVAVVISDRADAYGLERARRAGVDALHMDP
AAYPSRTAFDAALAERLQAYGVDLVCLAGYMRLVRGPMLTAFPNRILNIHPSLLPAFPGLEAQRQALEHGVKVAGCTVHF
VTAGVDEGPIILQAAVPVLEGDTVEDLRRRILAEEHRIYPEAIRLFAEGRLVIEGRRVRILDRAEAPRG
;
_entity_poly.pdbx_seq_one_letter_code_can   
;MGSSHHHHHHSSGENLYFQGHMIRIGVLISGSGTNLQAILDGCREGRIPGRVAVVISDRADAYGLERARRAGVDALHMDP
AAYPSRTAFDAALAERLQAYGVDLVCLAGYMRLVRGPMLTAFPNRILNIHPSLLPAFPGLEAQRQALEHGVKVAGCTVHF
VTAGVDEGPIILQAAVPVLEGDTVEDLRRRILAEEHRIYPEAIRLFAEGRLVIEGRRVRILDRAEAPRG
;
_entity_poly.pdbx_strand_id                 A 
_entity_poly.pdbx_target_identifier         RSGI-syt001002794.1 
# 
loop_
_entity_poly_seq.entity_id 
_entity_poly_seq.num 
_entity_poly_seq.mon_id 
_entity_poly_seq.hetero 
1 1   MET n 
1 2   GLY n 
1 3   SER n 
1 4   SER n 
1 5   HIS n 
1 6   HIS n 
1 7   HIS n 
1 8   HIS n 
1 9   HIS n 
1 10  HIS n 
1 11  SER n 
1 12  SER n 
1 13  GLY n 
1 14  GLU n 
1 15  ASN n 
1 16  LEU n 
1 17  TYR n 
1 18  PHE n 
1 19  GLN n 
1 20  GLY n 
1 21  HIS n 
1 22  MET n 
1 23  ILE n 
1 24  ARG n 
1 25  ILE n 
1 26  GLY n 
1 27  VAL n 
1 28  LEU n 
1 29  ILE n 
1 30  SER n 
1 31  GLY n 
1 32  SER n 
1 33  GLY n 
1 34  THR n 
1 35  ASN n 
1 36  LEU n 
1 37  GLN n 
1 38  ALA n 
1 39  ILE n 
1 40  LEU n 
1 41  ASP n 
1 42  GLY n 
1 43  CYS n 
1 44  ARG n 
1 45  GLU n 
1 46  GLY n 
1 47  ARG n 
1 48  ILE n 
1 49  PRO n 
1 50  GLY n 
1 51  ARG n 
1 52  VAL n 
1 53  ALA n 
1 54  VAL n 
1 55  VAL n 
1 56  ILE n 
1 57  SER n 
1 58  ASP n 
1 59  ARG n 
1 60  ALA n 
1 61  ASP n 
1 62  ALA n 
1 63  TYR n 
1 64  GLY n 
1 65  LEU n 
1 66  GLU n 
1 67  ARG n 
1 68  ALA n 
1 69  ARG n 
1 70  ARG n 
1 71  ALA n 
1 72  GLY n 
1 73  VAL n 
1 74  ASP n 
1 75  ALA n 
1 76  LEU n 
1 77  HIS n 
1 78  MET n 
1 79  ASP n 
1 80  PRO n 
1 81  ALA n 
1 82  ALA n 
1 83  TYR n 
1 84  PRO n 
1 85  SER n 
1 86  ARG n 
1 87  THR n 
1 88  ALA n 
1 89  PHE n 
1 90  ASP n 
1 91  ALA n 
1 92  ALA n 
1 93  LEU n 
1 94  ALA n 
1 95  GLU n 
1 96  ARG n 
1 97  LEU n 
1 98  GLN n 
1 99  ALA n 
1 100 TYR n 
1 101 GLY n 
1 102 VAL n 
1 103 ASP n 
1 104 LEU n 
1 105 VAL n 
1 106 CYS n 
1 107 LEU n 
1 108 ALA n 
1 109 GLY n 
1 110 TYR n 
1 111 MET n 
1 112 ARG n 
1 113 LEU n 
1 114 VAL n 
1 115 ARG n 
1 116 GLY n 
1 117 PRO n 
1 118 MET n 
1 119 LEU n 
1 120 THR n 
1 121 ALA n 
1 122 PHE n 
1 123 PRO n 
1 124 ASN n 
1 125 ARG n 
1 126 ILE n 
1 127 LEU n 
1 128 ASN n 
1 129 ILE n 
1 130 HIS n 
1 131 PRO n 
1 132 SER n 
1 133 LEU n 
1 134 LEU n 
1 135 PRO n 
1 136 ALA n 
1 137 PHE n 
1 138 PRO n 
1 139 GLY n 
1 140 LEU n 
1 141 GLU n 
1 142 ALA n 
1 143 GLN n 
1 144 ARG n 
1 145 GLN n 
1 146 ALA n 
1 147 LEU n 
1 148 GLU n 
1 149 HIS n 
1 150 GLY n 
1 151 VAL n 
1 152 LYS n 
1 153 VAL n 
1 154 ALA n 
1 155 GLY n 
1 156 CYS n 
1 157 THR n 
1 158 VAL n 
1 159 HIS n 
1 160 PHE n 
1 161 VAL n 
1 162 THR n 
1 163 ALA n 
1 164 GLY n 
1 165 VAL n 
1 166 ASP n 
1 167 GLU n 
1 168 GLY n 
1 169 PRO n 
1 170 ILE n 
1 171 ILE n 
1 172 LEU n 
1 173 GLN n 
1 174 ALA n 
1 175 ALA n 
1 176 VAL n 
1 177 PRO n 
1 178 VAL n 
1 179 LEU n 
1 180 GLU n 
1 181 GLY n 
1 182 ASP n 
1 183 THR n 
1 184 VAL n 
1 185 GLU n 
1 186 ASP n 
1 187 LEU n 
1 188 ARG n 
1 189 ARG n 
1 190 ARG n 
1 191 ILE n 
1 192 LEU n 
1 193 ALA n 
1 194 GLU n 
1 195 GLU n 
1 196 HIS n 
1 197 ARG n 
1 198 ILE n 
1 199 TYR n 
1 200 PRO n 
1 201 GLU n 
1 202 ALA n 
1 203 ILE n 
1 204 ARG n 
1 205 LEU n 
1 206 PHE n 
1 207 ALA n 
1 208 GLU n 
1 209 GLY n 
1 210 ARG n 
1 211 LEU n 
1 212 VAL n 
1 213 ILE n 
1 214 GLU n 
1 215 GLY n 
1 216 ARG n 
1 217 ARG n 
1 218 VAL n 
1 219 ARG n 
1 220 ILE n 
1 221 LEU n 
1 222 ASP n 
1 223 ARG n 
1 224 ALA n 
1 225 GLU n 
1 226 ALA n 
1 227 PRO n 
1 228 ARG n 
1 229 GLY n 
# 
_entity_src_gen.entity_id                          1 
_entity_src_gen.pdbx_src_id                        1 
_entity_src_gen.pdbx_alt_source_flag               sample 
_entity_src_gen.pdbx_seq_type                      ? 
_entity_src_gen.pdbx_beg_seq_num                   ? 
_entity_src_gen.pdbx_end_seq_num                   ? 
_entity_src_gen.gene_src_common_name               ? 
_entity_src_gen.gene_src_genus                     ? 
_entity_src_gen.pdbx_gene_src_gene                 PurN 
_entity_src_gen.gene_src_species                   ? 
_entity_src_gen.gene_src_strain                    ? 
_entity_src_gen.gene_src_tissue                    ? 
_entity_src_gen.gene_src_tissue_fraction           ? 
_entity_src_gen.gene_src_details                   ? 
_entity_src_gen.pdbx_gene_src_fragment             ? 
_entity_src_gen.pdbx_gene_src_scientific_name      'Symbiobacterium toebii' 
_entity_src_gen.pdbx_gene_src_ncbi_taxonomy_id     120580 
_entity_src_gen.pdbx_gene_src_variant              ? 
_entity_src_gen.pdbx_gene_src_cell_line            ? 
_entity_src_gen.pdbx_gene_src_atcc                 ? 
_entity_src_gen.pdbx_gene_src_organ                ? 
_entity_src_gen.pdbx_gene_src_organelle            ? 
_entity_src_gen.pdbx_gene_src_cell                 ? 
_entity_src_gen.pdbx_gene_src_cellular_location    ? 
_entity_src_gen.host_org_common_name               ? 
_entity_src_gen.pdbx_host_org_scientific_name      'Escherichia coli' 
_entity_src_gen.pdbx_host_org_ncbi_taxonomy_id     562 
_entity_src_gen.host_org_genus                     ? 
_entity_src_gen.pdbx_host_org_gene                 ? 
_entity_src_gen.pdbx_host_org_organ                ? 
_entity_src_gen.host_org_species                   ? 
_entity_src_gen.pdbx_host_org_tissue               ? 
_entity_src_gen.pdbx_host_org_tissue_fraction      ? 
_entity_src_gen.pdbx_host_org_strain               ? 
_entity_src_gen.pdbx_host_org_variant              ? 
_entity_src_gen.pdbx_host_org_cell_line            ? 
_entity_src_gen.pdbx_host_org_atcc                 ? 
_entity_src_gen.pdbx_host_org_culture_collection   ? 
_entity_src_gen.pdbx_host_org_cell                 ? 
_entity_src_gen.pdbx_host_org_organelle            ? 
_entity_src_gen.pdbx_host_org_cellular_location    ? 
_entity_src_gen.pdbx_host_org_vector_type          PLASMID 
_entity_src_gen.pdbx_host_org_vector               ? 
_entity_src_gen.host_org_details                   ? 
_entity_src_gen.expression_system_id               ? 
_entity_src_gen.plasmid_name                       pET-HisTEV 
_entity_src_gen.plasmid_details                    ? 
_entity_src_gen.pdbx_description                   ? 
# 
_struct_ref.id                         1 
_struct_ref.db_name                    UNP 
_struct_ref.db_code                    E5RXD0_9FIRM 
_struct_ref.pdbx_db_accession          E5RXD0 
_struct_ref.entity_id                  1 
_struct_ref.pdbx_align_begin           1 
_struct_ref.pdbx_seq_one_letter_code   
;MIRIGVLISGSGTNLQAILDGCREGRIPGRVAVVISDRADAYGLERARRAGVDALHMDPAAYPSRTAFDAALAERLQAYG
VDLVCLAGYMRLVRGPMLTAFPNRILNIHPSLLPAFPGLEAQRQALEHGVKVAGCTVHFVTAGVDEGPIILQAAVPVLEG
DTVEDLRRRILAEEHRIYPEAIRLFAEGRLVIEGRRVRILDRAEAPRG
;
_struct_ref.pdbx_db_isoform            ? 
# 
_struct_ref_seq.align_id                      1 
_struct_ref_seq.ref_id                        1 
_struct_ref_seq.pdbx_PDB_id_code              3AUF 
_struct_ref_seq.pdbx_strand_id                A 
_struct_ref_seq.seq_align_beg                 22 
_struct_ref_seq.pdbx_seq_align_beg_ins_code   ? 
_struct_ref_seq.seq_align_end                 229 
_struct_ref_seq.pdbx_seq_align_end_ins_code   ? 
_struct_ref_seq.pdbx_db_accession             E5RXD0 
_struct_ref_seq.db_align_beg                  1 
_struct_ref_seq.pdbx_db_align_beg_ins_code    ? 
_struct_ref_seq.db_align_end                  208 
_struct_ref_seq.pdbx_db_align_end_ins_code    ? 
_struct_ref_seq.pdbx_auth_seq_align_beg       1 
_struct_ref_seq.pdbx_auth_seq_align_end       208 
# 
loop_
_struct_ref_seq_dif.align_id 
_struct_ref_seq_dif.pdbx_pdb_id_code 
_struct_ref_seq_dif.mon_id 
_struct_ref_seq_dif.pdbx_pdb_strand_id 
_struct_ref_seq_dif.seq_num 
_struct_ref_seq_dif.pdbx_pdb_ins_code 
_struct_ref_seq_dif.pdbx_seq_db_name 
_struct_ref_seq_dif.pdbx_seq_db_accession_code 
_struct_ref_seq_dif.db_mon_id 
_struct_ref_seq_dif.pdbx_seq_db_seq_num 
_struct_ref_seq_dif.details 
_struct_ref_seq_dif.pdbx_auth_seq_num 
_struct_ref_seq_dif.pdbx_ordinal 
1 3AUF MET A 1  ? UNP E5RXD0 ? ? 'expression tag' -21 1  
1 3AUF GLY A 2  ? UNP E5RXD0 ? ? 'expression tag' -20 2  
1 3AUF SER A 3  ? UNP E5RXD0 ? ? 'expression tag' -19 3  
1 3AUF SER A 4  ? UNP E5RXD0 ? ? 'expression tag' -18 4  
1 3AUF HIS A 5  ? UNP E5RXD0 ? ? 'expression tag' -17 5  
1 3AUF HIS A 6  ? UNP E5RXD0 ? ? 'expression tag' -16 6  
1 3AUF HIS A 7  ? UNP E5RXD0 ? ? 'expression tag' -15 7  
1 3AUF HIS A 8  ? UNP E5RXD0 ? ? 'expression tag' -14 8  
1 3AUF HIS A 9  ? UNP E5RXD0 ? ? 'expression tag' -13 9  
1 3AUF HIS A 10 ? UNP E5RXD0 ? ? 'expression tag' -12 10 
1 3AUF SER A 11 ? UNP E5RXD0 ? ? 'expression tag' -11 11 
1 3AUF SER A 12 ? UNP E5RXD0 ? ? 'expression tag' -10 12 
1 3AUF GLY A 13 ? UNP E5RXD0 ? ? 'expression tag' -9  13 
1 3AUF GLU A 14 ? UNP E5RXD0 ? ? 'expression tag' -8  14 
1 3AUF ASN A 15 ? UNP E5RXD0 ? ? 'expression tag' -7  15 
1 3AUF LEU A 16 ? UNP E5RXD0 ? ? 'expression tag' -6  16 
1 3AUF TYR A 17 ? UNP E5RXD0 ? ? 'expression tag' -5  17 
1 3AUF PHE A 18 ? UNP E5RXD0 ? ? 'expression tag' -4  18 
1 3AUF GLN A 19 ? UNP E5RXD0 ? ? 'expression tag' -3  19 
1 3AUF GLY A 20 ? UNP E5RXD0 ? ? 'expression tag' -2  20 
1 3AUF HIS A 21 ? UNP E5RXD0 ? ? 'expression tag' -1  21 
# 
loop_
_chem_comp.id 
_chem_comp.type 
_chem_comp.mon_nstd_flag 
_chem_comp.name 
_chem_comp.pdbx_synonyms 
_chem_comp.formula 
_chem_comp.formula_weight 
ALA 'L-peptide linking' y ALANINE         ? 'C3 H7 N O2'     89.093  
ARG 'L-peptide linking' y ARGININE        ? 'C6 H15 N4 O2 1' 175.209 
ASN 'L-peptide linking' y ASPARAGINE      ? 'C4 H8 N2 O3'    132.118 
ASP 'L-peptide linking' y 'ASPARTIC ACID' ? 'C4 H7 N O4'     133.103 
CYS 'L-peptide linking' y CYSTEINE        ? 'C3 H7 N O2 S'   121.158 
GLN 'L-peptide linking' y GLUTAMINE       ? 'C5 H10 N2 O3'   146.144 
GLU 'L-peptide linking' y 'GLUTAMIC ACID' ? 'C5 H9 N O4'     147.129 
GLY 'peptide linking'   y GLYCINE         ? 'C2 H5 N O2'     75.067  
HIS 'L-peptide linking' y HISTIDINE       ? 'C6 H10 N3 O2 1' 156.162 
HOH non-polymer         . WATER           ? 'H2 O'           18.015  
ILE 'L-peptide linking' y ISOLEUCINE      ? 'C6 H13 N O2'    131.173 
LEU 'L-peptide linking' y LEUCINE         ? 'C6 H13 N O2'    131.173 
LYS 'L-peptide linking' y LYSINE          ? 'C6 H15 N2 O2 1' 147.195 
MET 'L-peptide linking' y METHIONINE      ? 'C5 H11 N O2 S'  149.211 
PHE 'L-peptide linking' y PHENYLALANINE   ? 'C9 H11 N O2'    165.189 
PRO 'L-peptide linking' y PROLINE         ? 'C5 H9 N O2'     115.130 
SER 'L-peptide linking' y SERINE          ? 'C3 H7 N O3'     105.093 
THR 'L-peptide linking' y THREONINE       ? 'C4 H9 N O3'     119.119 
TYR 'L-peptide linking' y TYROSINE        ? 'C9 H11 N O3'    181.189 
VAL 'L-peptide linking' y VALINE          ? 'C5 H11 N O2'    117.146 
# 
_exptl.entry_id          3AUF 
_exptl.method            'X-RAY DIFFRACTION' 
_exptl.crystals_number   1 
# 
_exptl_crystal.id                    1 
_exptl_crystal.density_meas          ? 
_exptl_crystal.density_Matthews      2.43 
_exptl_crystal.density_percent_sol   49.46 
_exptl_crystal.description           ? 
_exptl_crystal.F_000                 ? 
_exptl_crystal.preparation           ? 
# 
_exptl_crystal_grow.crystal_id      1 
_exptl_crystal_grow.method          'VAPOR DIFFUSION, SITTING DROP' 
_exptl_crystal_grow.temp            293 
_exptl_crystal_grow.temp_details    ? 
_exptl_crystal_grow.pH              4.6 
_exptl_crystal_grow.pdbx_details    
'0.7M Magnesium Formate, 0.1M Sodium Acetate pH 4.6, VAPOR DIFFUSION, SITTING DROP, temperature 293K' 
_exptl_crystal_grow.pdbx_pH_range   . 
# 
_diffrn.id                     1 
_diffrn.ambient_temp           100 
_diffrn.ambient_temp_details   ? 
_diffrn.crystal_id             1 
# 
_diffrn_detector.diffrn_id              1 
_diffrn_detector.detector               CCD 
_diffrn_detector.type                   'RIGAKU JUPITER 210' 
_diffrn_detector.pdbx_collection_date   2007-03-29 
_diffrn_detector.details                'Toroidal Mirror' 
# 
_diffrn_radiation.diffrn_id                        1 
_diffrn_radiation.wavelength_id                    1 
_diffrn_radiation.pdbx_monochromatic_or_laue_m_l   M 
_diffrn_radiation.monochromator                    'Fixed exit Si 111 double crystal monochromater' 
_diffrn_radiation.pdbx_diffrn_protocol             'SINGLE WAVELENGTH' 
_diffrn_radiation.pdbx_scattering_type             x-ray 
# 
_diffrn_radiation_wavelength.id           1 
_diffrn_radiation_wavelength.wavelength   1.0000 
_diffrn_radiation_wavelength.wt           1.0 
# 
_diffrn_source.diffrn_id                   1 
_diffrn_source.source                      SYNCHROTRON 
_diffrn_source.type                        'SPRING-8 BEAMLINE BL26B2' 
_diffrn_source.pdbx_synchrotron_site       SPring-8 
_diffrn_source.pdbx_synchrotron_beamline   BL26B2 
_diffrn_source.pdbx_wavelength             ? 
_diffrn_source.pdbx_wavelength_list        1.0000 
# 
_reflns.entry_id                     3AUF 
_reflns.observed_criterion_sigma_I   ? 
_reflns.observed_criterion_sigma_F   ? 
_reflns.d_resolution_low             50.0 
_reflns.d_resolution_high            2.07 
_reflns.number_obs                   28757 
_reflns.number_all                   ? 
_reflns.percent_possible_obs         100.0 
_reflns.pdbx_Rmerge_I_obs            0.067 
_reflns.pdbx_Rsym_value              ? 
_reflns.pdbx_netI_over_sigmaI        ? 
_reflns.B_iso_Wilson_estimate        6.6 
_reflns.pdbx_redundancy              5.5 
_reflns.R_free_details               ? 
_reflns.limit_h_max                  ? 
_reflns.limit_h_min                  ? 
_reflns.limit_k_max                  ? 
_reflns.limit_k_min                  ? 
_reflns.limit_l_max                  ? 
_reflns.limit_l_min                  ? 
_reflns.observed_criterion_F_max     ? 
_reflns.observed_criterion_F_min     ? 
_reflns.pdbx_chi_squared             ? 
_reflns.pdbx_scaling_rejects         ? 
_reflns.pdbx_ordinal                 1 
_reflns.pdbx_diffrn_id               1 
# 
_reflns_shell.d_res_high                  2.07 
_reflns_shell.d_res_low                   2.14 
_reflns_shell.percent_possible_all        100.0 
_reflns_shell.Rmerge_I_obs                0.213 
_reflns_shell.pdbx_Rsym_value             ? 
_reflns_shell.meanI_over_sigI_obs         ? 
_reflns_shell.pdbx_redundancy             5.6 
_reflns_shell.percent_possible_obs        ? 
_reflns_shell.number_unique_all           2888 
_reflns_shell.number_measured_all         ? 
_reflns_shell.number_measured_obs         ? 
_reflns_shell.number_unique_obs           ? 
_reflns_shell.pdbx_chi_squared            ? 
_reflns_shell.pdbx_rejects                ? 
_reflns_shell.pdbx_netI_over_sigmaI_obs   ? 
_reflns_shell.number_possible             ? 
_reflns_shell.Rmerge_F_all                ? 
_reflns_shell.Rmerge_F_obs                ? 
_reflns_shell.Rmerge_I_all                ? 
_reflns_shell.meanI_over_sigI_all         ? 
_reflns_shell.pdbx_Rrim_I_all             ? 
_reflns_shell.pdbx_Rpim_I_all             ? 
_reflns_shell.pdbx_ordinal                1 
_reflns_shell.pdbx_diffrn_id              1 
# 
_refine.entry_id                                 3AUF 
_refine.ls_number_reflns_obs                     15142 
_refine.ls_number_reflns_all                     ? 
_refine.pdbx_ls_sigma_I                          ? 
_refine.pdbx_ls_sigma_F                          0.0 
_refine.pdbx_data_cutoff_high_absF               1539530.17 
_refine.pdbx_data_cutoff_low_absF                0.000000 
_refine.pdbx_data_cutoff_high_rms_absF           ? 
_refine.ls_d_res_low                             45.63 
_refine.ls_d_res_high                            2.07 
_refine.ls_percent_reflns_obs                    99.8 
_refine.ls_R_factor_obs                          0.209 
_refine.ls_R_factor_all                          ? 
_refine.ls_R_factor_R_work                       0.209 
_refine.ls_R_factor_R_free                       0.246 
_refine.ls_R_factor_R_free_error                 0.006 
_refine.ls_R_factor_R_free_error_details         ? 
_refine.ls_percent_reflns_R_free                 10.1 
_refine.ls_number_reflns_R_free                  1533 
_refine.ls_number_parameters                     ? 
_refine.ls_number_restraints                     ? 
_refine.occupancy_min                            ? 
_refine.occupancy_max                            ? 
_refine.correlation_coeff_Fo_to_Fc               ? 
_refine.correlation_coeff_Fo_to_Fc_free          ? 
_refine.B_iso_mean                               17.6 
_refine.aniso_B[1][1]                            1.65 
_refine.aniso_B[2][2]                            1.65 
_refine.aniso_B[3][3]                            -3.29 
_refine.aniso_B[1][2]                            0.00 
_refine.aniso_B[1][3]                            0.00 
_refine.aniso_B[2][3]                            0.00 
_refine.solvent_model_details                    'FLAT MODEL' 
_refine.solvent_model_param_ksol                 0.4 
_refine.solvent_model_param_bsol                 39.3822 
_refine.pdbx_solvent_vdw_probe_radii             ? 
_refine.pdbx_solvent_ion_probe_radii             ? 
_refine.pdbx_solvent_shrinkage_radii             ? 
_refine.pdbx_ls_cross_valid_method               THROUGHOUT 
_refine.details                                  'BULK SOLVENT MODEL USED' 
_refine.pdbx_starting_model                      'PDB ENTRY 1JKX' 
_refine.pdbx_method_to_determine_struct          'MOLECULAR REPLACEMENT' 
_refine.pdbx_isotropic_thermal_model             RESTRAINED 
_refine.pdbx_stereochemistry_target_values       ? 
_refine.pdbx_stereochem_target_val_spec_case     ? 
_refine.pdbx_R_Free_selection_details            RANDOM 
_refine.pdbx_overall_ESU_R_Free                  ? 
_refine.overall_SU_ML                            ? 
_refine.overall_SU_B                             ? 
_refine.overall_SU_R_Cruickshank_DPI             ? 
_refine.ls_redundancy_reflns_obs                 ? 
_refine.B_iso_min                                ? 
_refine.B_iso_max                                ? 
_refine.overall_SU_R_free                        ? 
_refine.ls_wR_factor_R_free                      ? 
_refine.ls_wR_factor_R_work                      ? 
_refine.overall_FOM_free_R_set                   ? 
_refine.overall_FOM_work_R_set                   ? 
_refine.pdbx_refine_id                           'X-RAY DIFFRACTION' 
_refine.pdbx_overall_ESU_R                       ? 
_refine.pdbx_overall_phase_error                 ? 
_refine.pdbx_diffrn_id                           1 
_refine.pdbx_TLS_residual_ADP_flag               ? 
_refine.pdbx_overall_SU_R_free_Cruickshank_DPI   ? 
_refine.pdbx_overall_SU_R_Blow_DPI               ? 
_refine.pdbx_overall_SU_R_free_Blow_DPI          ? 
# 
_refine_analyze.entry_id                        3AUF 
_refine_analyze.Luzzati_coordinate_error_obs    0.24 
_refine_analyze.Luzzati_sigma_a_obs             0.10 
_refine_analyze.Luzzati_d_res_low_obs           5.00 
_refine_analyze.Luzzati_coordinate_error_free   0.29 
_refine_analyze.Luzzati_sigma_a_free            0.15 
_refine_analyze.Luzzati_d_res_low_free          ? 
_refine_analyze.number_disordered_residues      ? 
_refine_analyze.occupancy_sum_hydrogen          ? 
_refine_analyze.occupancy_sum_non_hydrogen      ? 
_refine_analyze.pdbx_Luzzati_d_res_high_obs     ? 
_refine_analyze.pdbx_refine_id                  'X-RAY DIFFRACTION' 
# 
_refine_hist.pdbx_refine_id                   'X-RAY DIFFRACTION' 
_refine_hist.cycle_id                         LAST 
_refine_hist.pdbx_number_atoms_protein        1623 
_refine_hist.pdbx_number_atoms_nucleic_acid   0 
_refine_hist.pdbx_number_atoms_ligand         0 
_refine_hist.number_atoms_solvent             91 
_refine_hist.number_atoms_total               1714 
_refine_hist.d_res_high                       2.07 
_refine_hist.d_res_low                        45.63 
# 
loop_
_refine_ls_restr.type 
_refine_ls_restr.dev_ideal 
_refine_ls_restr.dev_ideal_target 
_refine_ls_restr.weight 
_refine_ls_restr.number 
_refine_ls_restr.pdbx_refine_id 
_refine_ls_restr.pdbx_restraint_function 
c_bond_d                0.005 ? ? ? 'X-RAY DIFFRACTION' ? 
c_bond_d_na             ?     ? ? ? 'X-RAY DIFFRACTION' ? 
c_bond_d_prot           ?     ? ? ? 'X-RAY DIFFRACTION' ? 
c_angle_d               ?     ? ? ? 'X-RAY DIFFRACTION' ? 
c_angle_d_na            ?     ? ? ? 'X-RAY DIFFRACTION' ? 
c_angle_d_prot          ?     ? ? ? 'X-RAY DIFFRACTION' ? 
c_angle_deg             1.3   ? ? ? 'X-RAY DIFFRACTION' ? 
c_angle_deg_na          ?     ? ? ? 'X-RAY DIFFRACTION' ? 
c_angle_deg_prot        ?     ? ? ? 'X-RAY DIFFRACTION' ? 
c_dihedral_angle_d      23.3  ? ? ? 'X-RAY DIFFRACTION' ? 
c_dihedral_angle_d_na   ?     ? ? ? 'X-RAY DIFFRACTION' ? 
c_dihedral_angle_d_prot ?     ? ? ? 'X-RAY DIFFRACTION' ? 
c_improper_angle_d      0.76  ? ? ? 'X-RAY DIFFRACTION' ? 
c_improper_angle_d_na   ?     ? ? ? 'X-RAY DIFFRACTION' ? 
c_improper_angle_d_prot ?     ? ? ? 'X-RAY DIFFRACTION' ? 
c_mcbond_it             ?     ? ? ? 'X-RAY DIFFRACTION' ? 
c_mcangle_it            ?     ? ? ? 'X-RAY DIFFRACTION' ? 
c_scbond_it             ?     ? ? ? 'X-RAY DIFFRACTION' ? 
c_scangle_it            ?     ? ? ? 'X-RAY DIFFRACTION' ? 
# 
_refine_ls_shell.pdbx_refine_id                   'X-RAY DIFFRACTION' 
_refine_ls_shell.pdbx_total_number_of_bins_used   6 
_refine_ls_shell.d_res_high                       2.07 
_refine_ls_shell.d_res_low                        2.20 
_refine_ls_shell.number_reflns_R_work             2210 
_refine_ls_shell.R_factor_R_work                  0.201 
_refine_ls_shell.percent_reflns_obs               98.7 
_refine_ls_shell.R_factor_R_free                  0.247 
_refine_ls_shell.R_factor_R_free_error            0.016 
_refine_ls_shell.percent_reflns_R_free            10.1 
_refine_ls_shell.number_reflns_R_free             247 
_refine_ls_shell.number_reflns_all                ? 
_refine_ls_shell.R_factor_all                     ? 
_refine_ls_shell.number_reflns_obs                ? 
_refine_ls_shell.redundancy_reflns_obs            ? 
# 
loop_
_pdbx_xplor_file.pdbx_refine_id 
_pdbx_xplor_file.serial_no 
_pdbx_xplor_file.param_file 
_pdbx_xplor_file.topol_file 
'X-RAY DIFFRACTION' 1 protein_rep.param protein.top 
'X-RAY DIFFRACTION' 3 water_rep.param   water.top   
# 
_struct.entry_id                  3AUF 
_struct.title                     'Crystal structure of glycinamide ribonucleotide transformylase 1 from Symbiobacterium toebii' 
_struct.pdbx_model_details        ? 
_struct.pdbx_CASP_flag            ? 
_struct.pdbx_model_type_details   ? 
# 
_struct_keywords.entry_id        3AUF 
_struct_keywords.pdbx_keywords   TRANSFERASE 
_struct_keywords.text            
;Structural Genomics, RIKEN Structural Genomics/Proteomics Initiative, RSGI, Rossmann fold, transformylase, folate binding, TRANSFERASE
;
# 
loop_
_struct_asym.id 
_struct_asym.pdbx_blank_PDB_chainid_flag 
_struct_asym.pdbx_modified 
_struct_asym.entity_id 
_struct_asym.details 
A N N 1 ? 
B N N 2 ? 
# 
_struct_biol.id        1 
_struct_biol.details   ? 
# 
loop_
_struct_conf.conf_type_id 
_struct_conf.id 
_struct_conf.pdbx_PDB_helix_id 
_struct_conf.beg_label_comp_id 
_struct_conf.beg_label_asym_id 
_struct_conf.beg_label_seq_id 
_struct_conf.pdbx_beg_PDB_ins_code 
_struct_conf.end_label_comp_id 
_struct_conf.end_label_asym_id 
_struct_conf.end_label_seq_id 
_struct_conf.pdbx_end_PDB_ins_code 
_struct_conf.beg_auth_comp_id 
_struct_conf.beg_auth_asym_id 
_struct_conf.beg_auth_seq_id 
_struct_conf.end_auth_comp_id 
_struct_conf.end_auth_asym_id 
_struct_conf.end_auth_seq_id 
_struct_conf.pdbx_PDB_helix_class 
_struct_conf.details 
_struct_conf.pdbx_PDB_helix_length 
HELX_P HELX_P1 1 GLY A 33  ? GLU A 45  ? GLY A 12  GLU A 24  1 ? 13 
HELX_P HELX_P2 2 ALA A 62  ? ALA A 71  ? ALA A 41  ALA A 50  1 ? 10 
HELX_P HELX_P3 3 ASP A 79  ? TYR A 83  ? ASP A 58  TYR A 62  5 ? 5  
HELX_P HELX_P4 4 SER A 85  ? TYR A 100 ? SER A 64  TYR A 79  1 ? 16 
HELX_P HELX_P5 5 ARG A 115 ? PHE A 122 ? ARG A 94  PHE A 101 1 ? 8  
HELX_P HELX_P6 6 GLU A 141 ? GLY A 150 ? GLU A 120 GLY A 129 1 ? 10 
HELX_P HELX_P7 7 THR A 183 ? GLU A 208 ? THR A 162 GLU A 187 1 ? 26 
# 
_struct_conf_type.id          HELX_P 
_struct_conf_type.criteria    ? 
_struct_conf_type.reference   ? 
# 
_struct_mon_prot_cis.pdbx_id                1 
_struct_mon_prot_cis.label_comp_id          LEU 
_struct_mon_prot_cis.label_seq_id           134 
_struct_mon_prot_cis.label_asym_id          A 
_struct_mon_prot_cis.label_alt_id           . 
_struct_mon_prot_cis.pdbx_PDB_ins_code      ? 
_struct_mon_prot_cis.auth_comp_id           LEU 
_struct_mon_prot_cis.auth_seq_id            113 
_struct_mon_prot_cis.auth_asym_id           A 
_struct_mon_prot_cis.pdbx_label_comp_id_2   PRO 
_struct_mon_prot_cis.pdbx_label_seq_id_2    135 
_struct_mon_prot_cis.pdbx_label_asym_id_2   A 
_struct_mon_prot_cis.pdbx_PDB_ins_code_2    ? 
_struct_mon_prot_cis.pdbx_auth_comp_id_2    PRO 
_struct_mon_prot_cis.pdbx_auth_seq_id_2     114 
_struct_mon_prot_cis.pdbx_auth_asym_id_2    A 
_struct_mon_prot_cis.pdbx_PDB_model_num     1 
_struct_mon_prot_cis.pdbx_omega_angle       0.62 
# 
loop_
_struct_sheet.id 
_struct_sheet.type 
_struct_sheet.number_strands 
_struct_sheet.details 
A ? 7 ? 
B ? 2 ? 
# 
loop_
_struct_sheet_order.sheet_id 
_struct_sheet_order.range_id_1 
_struct_sheet_order.range_id_2 
_struct_sheet_order.offset 
_struct_sheet_order.sense 
A 1 2 ? parallel      
A 2 3 ? parallel      
A 3 4 ? parallel      
A 4 5 ? parallel      
A 5 6 ? anti-parallel 
A 6 7 ? anti-parallel 
B 1 2 ? anti-parallel 
# 
loop_
_struct_sheet_range.sheet_id 
_struct_sheet_range.id 
_struct_sheet_range.beg_label_comp_id 
_struct_sheet_range.beg_label_asym_id 
_struct_sheet_range.beg_label_seq_id 
_struct_sheet_range.pdbx_beg_PDB_ins_code 
_struct_sheet_range.end_label_comp_id 
_struct_sheet_range.end_label_asym_id 
_struct_sheet_range.end_label_seq_id 
_struct_sheet_range.pdbx_end_PDB_ins_code 
_struct_sheet_range.beg_auth_comp_id 
_struct_sheet_range.beg_auth_asym_id 
_struct_sheet_range.beg_auth_seq_id 
_struct_sheet_range.end_auth_comp_id 
_struct_sheet_range.end_auth_asym_id 
_struct_sheet_range.end_auth_seq_id 
A 1 ASP A 74  ? HIS A 77  ? ASP A 53  HIS A 56  
A 2 GLY A 50  ? SER A 57  ? GLY A 29  SER A 36  
A 3 ILE A 23  ? ILE A 29  ? ILE A 2   ILE A 8   
A 4 LEU A 104 ? LEU A 107 ? LEU A 83  LEU A 86  
A 5 ILE A 126 ? HIS A 130 ? ILE A 105 HIS A 109 
A 6 VAL A 153 ? PHE A 160 ? VAL A 132 PHE A 139 
A 7 ILE A 170 ? PRO A 177 ? ILE A 149 PRO A 156 
B 1 LEU A 211 ? GLU A 214 ? LEU A 190 GLU A 193 
B 2 ARG A 217 ? ILE A 220 ? ARG A 196 ILE A 199 
# 
loop_
_pdbx_struct_sheet_hbond.sheet_id 
_pdbx_struct_sheet_hbond.range_id_1 
_pdbx_struct_sheet_hbond.range_id_2 
_pdbx_struct_sheet_hbond.range_1_label_atom_id 
_pdbx_struct_sheet_hbond.range_1_label_comp_id 
_pdbx_struct_sheet_hbond.range_1_label_asym_id 
_pdbx_struct_sheet_hbond.range_1_label_seq_id 
_pdbx_struct_sheet_hbond.range_1_PDB_ins_code 
_pdbx_struct_sheet_hbond.range_1_auth_atom_id 
_pdbx_struct_sheet_hbond.range_1_auth_comp_id 
_pdbx_struct_sheet_hbond.range_1_auth_asym_id 
_pdbx_struct_sheet_hbond.range_1_auth_seq_id 
_pdbx_struct_sheet_hbond.range_2_label_atom_id 
_pdbx_struct_sheet_hbond.range_2_label_comp_id 
_pdbx_struct_sheet_hbond.range_2_label_asym_id 
_pdbx_struct_sheet_hbond.range_2_label_seq_id 
_pdbx_struct_sheet_hbond.range_2_PDB_ins_code 
_pdbx_struct_sheet_hbond.range_2_auth_atom_id 
_pdbx_struct_sheet_hbond.range_2_auth_comp_id 
_pdbx_struct_sheet_hbond.range_2_auth_asym_id 
_pdbx_struct_sheet_hbond.range_2_auth_seq_id 
A 1 2 O LEU A 76  ? O LEU A 55  N VAL A 55  ? N VAL A 34  
A 2 3 O ARG A 51  ? O ARG A 30  N ILE A 25  ? N ILE A 4   
A 3 4 N GLY A 26  ? N GLY A 5   O CYS A 106 ? O CYS A 85  
A 4 5 N VAL A 105 ? N VAL A 84  O LEU A 127 ? O LEU A 106 
A 5 6 N HIS A 130 ? N HIS A 109 O THR A 157 ? O THR A 136 
A 6 7 N ALA A 154 ? N ALA A 133 O VAL A 176 ? O VAL A 155 
B 1 2 N VAL A 212 ? N VAL A 191 O ARG A 219 ? O ARG A 198 
# 
_atom_sites.entry_id                    3AUF 
_atom_sites.fract_transf_matrix[1][1]   0.00307935 
_atom_sites.fract_transf_matrix[1][2]   0.00674463 
_atom_sites.fract_transf_matrix[1][3]   -0.01132262 
_atom_sites.fract_transf_matrix[2][1]   -0.00657538 
_atom_sites.fract_transf_matrix[2][2]   0.01142345 
_atom_sites.fract_transf_matrix[2][3]   -0.00307221 
_atom_sites.fract_transf_matrix[3][1]   0.01180225 
_atom_sites.fract_transf_matrix[3][2]   0.00911725 
_atom_sites.fract_transf_matrix[3][3]   0.00864073 
_atom_sites.fract_transf_vector[1]      0.458425 
_atom_sites.fract_transf_vector[2]      0.147873 
_atom_sites.fract_transf_vector[3]      0.052042 
# 
loop_
_atom_type.symbol 
C 
N 
O 
S 
# 
loop_
_atom_site.group_PDB 
_atom_site.id 
_atom_site.type_symbol 
_atom_site.label_atom_id 
_atom_site.label_alt_id 
_atom_site.label_comp_id 
_atom_site.label_asym_id 
_atom_site.label_entity_id 
_atom_site.label_seq_id 
_atom_site.pdbx_PDB_ins_code 
_atom_site.Cartn_x 
_atom_site.Cartn_y 
_atom_site.Cartn_z 
_atom_site.occupancy 
_atom_site.B_iso_or_equiv 
_atom_site.pdbx_formal_charge 
_atom_site.auth_seq_id 
_atom_site.auth_comp_id 
_atom_site.auth_asym_id 
_atom_site.auth_atom_id 
_atom_site.pdbx_PDB_model_num 
ATOM   1    N N   . SER A 1 11  ? -9.692  21.695  12.201  1.00 36.09 ? -11 SER A N   1 
ATOM   2    C CA  . SER A 1 11  ? -10.339 23.041  12.205  1.00 35.58 ? -11 SER A CA  1 
ATOM   3    C C   . SER A 1 11  ? -10.578 23.526  10.775  1.00 33.97 ? -11 SER A C   1 
ATOM   4    O O   . SER A 1 11  ? -10.879 24.697  10.544  1.00 33.32 ? -11 SER A O   1 
ATOM   5    C CB  . SER A 1 11  ? -9.457  24.045  12.952  1.00 36.21 ? -11 SER A CB  1 
ATOM   6    O OG  . SER A 1 11  ? -8.192  24.179  12.325  1.00 39.10 ? -11 SER A OG  1 
ATOM   7    N N   . SER A 1 12  ? -10.445 22.614  9.818   1.00 31.95 ? -10 SER A N   1 
ATOM   8    C CA  . SER A 1 12  ? -10.648 22.945  8.415   1.00 30.35 ? -10 SER A CA  1 
ATOM   9    C C   . SER A 1 12  ? -11.388 21.840  7.666   1.00 28.30 ? -10 SER A C   1 
ATOM   10   O O   . SER A 1 12  ? -11.020 20.667  7.742   1.00 27.13 ? -10 SER A O   1 
ATOM   11   C CB  . SER A 1 12  ? -9.299  23.209  7.738   1.00 30.96 ? -10 SER A CB  1 
ATOM   12   O OG  . SER A 1 12  ? -9.472  23.554  6.376   1.00 31.62 ? -10 SER A OG  1 
ATOM   13   N N   . GLY A 1 13  ? -12.441 22.230  6.954   1.00 27.27 ? -9  GLY A N   1 
ATOM   14   C CA  . GLY A 1 13  ? -13.219 21.289  6.168   1.00 25.47 ? -9  GLY A CA  1 
ATOM   15   C C   . GLY A 1 13  ? -14.059 20.286  6.935   1.00 25.12 ? -9  GLY A C   1 
ATOM   16   O O   . GLY A 1 13  ? -14.518 19.298  6.354   1.00 23.86 ? -9  GLY A O   1 
ATOM   17   N N   . GLU A 1 14  ? -14.282 20.528  8.223   1.00 23.60 ? -8  GLU A N   1 
ATOM   18   C CA  . GLU A 1 14  ? -15.072 19.595  9.017   1.00 24.37 ? -8  GLU A CA  1 
ATOM   19   C C   . GLU A 1 14  ? -16.118 20.253  9.910   1.00 23.07 ? -8  GLU A C   1 
ATOM   20   O O   . GLU A 1 14  ? -15.818 21.178  10.668  1.00 21.87 ? -8  GLU A O   1 
ATOM   21   C CB  . GLU A 1 14  ? -14.156 18.736  9.898   1.00 27.98 ? -8  GLU A CB  1 
ATOM   22   C CG  . GLU A 1 14  ? -12.992 18.079  9.173   1.00 33.56 ? -8  GLU A CG  1 
ATOM   23   C CD  . GLU A 1 14  ? -13.436 17.127  8.085   1.00 37.50 ? -8  GLU A CD  1 
ATOM   24   O OE1 . GLU A 1 14  ? -14.187 16.175  8.390   1.00 39.82 ? -8  GLU A OE1 1 
ATOM   25   O OE2 . GLU A 1 14  ? -13.025 17.330  6.920   1.00 40.99 ? -8  GLU A OE2 1 
ATOM   26   N N   . ASN A 1 15  ? -17.350 19.763  9.813   1.00 20.36 ? -7  ASN A N   1 
ATOM   27   C CA  . ASN A 1 15  ? -18.441 20.254  10.642  1.00 20.70 ? -7  ASN A CA  1 
ATOM   28   C C   . ASN A 1 15  ? -19.580 19.238  10.584  1.00 19.55 ? -7  ASN A C   1 
ATOM   29   O O   . ASN A 1 15  ? -19.405 18.146  10.045  1.00 20.07 ? -7  ASN A O   1 
ATOM   30   C CB  . ASN A 1 15  ? -18.875 21.662  10.196  1.00 19.62 ? -7  ASN A CB  1 
ATOM   31   C CG  . ASN A 1 15  ? -19.881 21.655  9.065   1.00 21.52 ? -7  ASN A CG  1 
ATOM   32   O OD1 . ASN A 1 15  ? -19.986 20.696  8.299   1.00 20.92 ? -7  ASN A OD1 1 
ATOM   33   N ND2 . ASN A 1 15  ? -20.622 22.753  8.945   1.00 22.99 ? -7  ASN A ND2 1 
ATOM   34   N N   . LEU A 1 16  ? -20.736 19.575  11.142  1.00 18.75 ? -6  LEU A N   1 
ATOM   35   C CA  . LEU A 1 16  ? -21.862 18.644  11.157  1.00 17.29 ? -6  LEU A CA  1 
ATOM   36   C C   . LEU A 1 16  ? -22.228 18.014  9.808   1.00 17.53 ? -6  LEU A C   1 
ATOM   37   O O   . LEU A 1 16  ? -22.492 16.811  9.732   1.00 17.72 ? -6  LEU A O   1 
ATOM   38   C CB  . LEU A 1 16  ? -23.104 19.332  11.728  1.00 17.40 ? -6  LEU A CB  1 
ATOM   39   C CG  . LEU A 1 16  ? -24.330 18.428  11.902  1.00 17.52 ? -6  LEU A CG  1 
ATOM   40   C CD1 . LEU A 1 16  ? -24.093 17.468  13.060  1.00 17.32 ? -6  LEU A CD1 1 
ATOM   41   C CD2 . LEU A 1 16  ? -25.564 19.275  12.167  1.00 16.81 ? -6  LEU A CD2 1 
ATOM   42   N N   . TYR A 1 17  ? -22.236 18.819  8.749   1.00 15.66 ? -5  TYR A N   1 
ATOM   43   C CA  . TYR A 1 17  ? -22.635 18.327  7.429   1.00 16.97 ? -5  TYR A CA  1 
ATOM   44   C C   . TYR A 1 17  ? -21.527 18.022  6.425   1.00 18.08 ? -5  TYR A C   1 
ATOM   45   O O   . TYR A 1 17  ? -21.779 17.377  5.403   1.00 17.79 ? -5  TYR A O   1 
ATOM   46   C CB  . TYR A 1 17  ? -23.571 19.335  6.757   1.00 15.16 ? -5  TYR A CB  1 
ATOM   47   C CG  . TYR A 1 17  ? -24.594 19.984  7.666   1.00 15.81 ? -5  TYR A CG  1 
ATOM   48   C CD1 . TYR A 1 17  ? -24.307 21.178  8.333   1.00 13.88 ? -5  TYR A CD1 1 
ATOM   49   C CD2 . TYR A 1 17  ? -25.851 19.411  7.848   1.00 16.21 ? -5  TYR A CD2 1 
ATOM   50   C CE1 . TYR A 1 17  ? -25.254 21.786  9.158   1.00 16.33 ? -5  TYR A CE1 1 
ATOM   51   C CE2 . TYR A 1 17  ? -26.805 20.007  8.672   1.00 16.03 ? -5  TYR A CE2 1 
ATOM   52   C CZ  . TYR A 1 17  ? -26.503 21.191  9.321   1.00 13.36 ? -5  TYR A CZ  1 
ATOM   53   O OH  . TYR A 1 17  ? -27.447 21.781  10.122  1.00 14.58 ? -5  TYR A OH  1 
ATOM   54   N N   . PHE A 1 18  ? -20.313 18.476  6.704   1.00 17.75 ? -4  PHE A N   1 
ATOM   55   C CA  . PHE A 1 18  ? -19.225 18.308  5.750   1.00 19.06 ? -4  PHE A CA  1 
ATOM   56   C C   . PHE A 1 18  ? -17.962 17.668  6.310   1.00 19.66 ? -4  PHE A C   1 
ATOM   57   O O   . PHE A 1 18  ? -17.525 17.984  7.414   1.00 19.05 ? -4  PHE A O   1 
ATOM   58   C CB  . PHE A 1 18  ? -18.881 19.686  5.177   1.00 18.16 ? -4  PHE A CB  1 
ATOM   59   C CG  . PHE A 1 18  ? -18.066 19.644  3.926   1.00 17.75 ? -4  PHE A CG  1 
ATOM   60   C CD1 . PHE A 1 18  ? -18.668 19.400  2.698   1.00 18.42 ? -4  PHE A CD1 1 
ATOM   61   C CD2 . PHE A 1 18  ? -16.696 19.872  3.969   1.00 17.28 ? -4  PHE A CD2 1 
ATOM   62   C CE1 . PHE A 1 18  ? -17.910 19.385  1.522   1.00 18.73 ? -4  PHE A CE1 1 
ATOM   63   C CE2 . PHE A 1 18  ? -15.933 19.859  2.804   1.00 18.52 ? -4  PHE A CE2 1 
ATOM   64   C CZ  . PHE A 1 18  ? -16.541 19.613  1.579   1.00 15.78 ? -4  PHE A CZ  1 
ATOM   65   N N   . GLN A 1 19  ? -17.378 16.773  5.522   1.00 20.07 ? -3  GLN A N   1 
ATOM   66   C CA  . GLN A 1 19  ? -16.145 16.084  5.884   1.00 24.28 ? -3  GLN A CA  1 
ATOM   67   C C   . GLN A 1 19  ? -15.303 16.024  4.617   1.00 24.41 ? -3  GLN A C   1 
ATOM   68   O O   . GLN A 1 19  ? -15.287 15.016  3.910   1.00 23.73 ? -3  GLN A O   1 
ATOM   69   C CB  . GLN A 1 19  ? -16.464 14.682  6.397   1.00 28.00 ? -3  GLN A CB  1 
ATOM   70   C CG  . GLN A 1 19  ? -17.170 14.699  7.735   1.00 33.24 ? -3  GLN A CG  1 
ATOM   71   C CD  . GLN A 1 19  ? -18.337 13.739  7.795   1.00 37.61 ? -3  GLN A CD  1 
ATOM   72   O OE1 . GLN A 1 19  ? -18.173 12.528  7.623   1.00 38.52 ? -3  GLN A OE1 1 
ATOM   73   N NE2 . GLN A 1 19  ? -19.531 14.277  8.040   1.00 39.35 ? -3  GLN A NE2 1 
ATOM   74   N N   . GLY A 1 20  ? -14.607 17.124  4.345   1.00 25.31 ? -2  GLY A N   1 
ATOM   75   C CA  . GLY A 1 20  ? -13.798 17.242  3.147   1.00 26.62 ? -2  GLY A CA  1 
ATOM   76   C C   . GLY A 1 20  ? -12.564 16.383  2.962   1.00 27.56 ? -2  GLY A C   1 
ATOM   77   O O   . GLY A 1 20  ? -12.107 16.228  1.831   1.00 28.91 ? -2  GLY A O   1 
ATOM   78   N N   . HIS A 1 21  ? -12.022 15.817  4.036   1.00 27.75 ? -1  HIS A N   1 
ATOM   79   C CA  . HIS A 1 21  ? -10.817 14.997  3.909   1.00 29.03 ? -1  HIS A CA  1 
ATOM   80   C C   . HIS A 1 21  ? -11.055 13.505  3.645   1.00 27.37 ? -1  HIS A C   1 
ATOM   81   O O   . HIS A 1 21  ? -10.099 12.749  3.460   1.00 27.13 ? -1  HIS A O   1 
ATOM   82   C CB  . HIS A 1 21  ? -9.934  15.172  5.145   1.00 31.57 ? -1  HIS A CB  1 
ATOM   83   C CG  . HIS A 1 21  ? -10.608 14.796  6.426   1.00 36.70 ? -1  HIS A CG  1 
ATOM   84   N ND1 . HIS A 1 21  ? -11.179 13.559  6.630   1.00 38.90 ? -1  HIS A ND1 1 
ATOM   85   C CD2 . HIS A 1 21  ? -10.808 15.497  7.566   1.00 39.93 ? -1  HIS A CD2 1 
ATOM   86   C CE1 . HIS A 1 21  ? -11.706 13.515  7.841   1.00 40.38 ? -1  HIS A CE1 1 
ATOM   87   N NE2 . HIS A 1 21  ? -11.494 14.679  8.429   1.00 41.84 ? -1  HIS A NE2 1 
ATOM   88   N N   . MET A 1 22  ? -12.319 13.083  3.629   1.00 24.16 ? 1   MET A N   1 
ATOM   89   C CA  . MET A 1 22  ? -12.660 11.688  3.351   1.00 20.99 ? 1   MET A CA  1 
ATOM   90   C C   . MET A 1 22  ? -12.035 11.300  2.011   1.00 18.94 ? 1   MET A C   1 
ATOM   91   O O   . MET A 1 22  ? -11.983 12.120  1.096   1.00 16.75 ? 1   MET A O   1 
ATOM   92   C CB  . MET A 1 22  ? -14.178 11.523  3.259   1.00 22.57 ? 1   MET A CB  1 
ATOM   93   C CG  . MET A 1 22  ? -14.920 11.616  4.586   1.00 25.73 ? 1   MET A CG  1 
ATOM   94   S SD  . MET A 1 22  ? -14.567 10.212  5.662   1.00 28.14 ? 1   MET A SD  1 
ATOM   95   C CE  . MET A 1 22  ? -13.861 11.034  7.076   1.00 31.82 ? 1   MET A CE  1 
ATOM   96   N N   . ILE A 1 23  ? -11.565 10.062  1.885   1.00 15.71 ? 2   ILE A N   1 
ATOM   97   C CA  . ILE A 1 23  ? -10.954 9.642   0.630   1.00 13.56 ? 2   ILE A CA  1 
ATOM   98   C C   . ILE A 1 23  ? -11.463 8.317   0.081   1.00 12.40 ? 2   ILE A C   1 
ATOM   99   O O   . ILE A 1 23  ? -12.039 7.499   0.797   1.00 13.33 ? 2   ILE A O   1 
ATOM   100  C CB  . ILE A 1 23  ? -9.408  9.538   0.747   1.00 15.05 ? 2   ILE A CB  1 
ATOM   101  C CG1 . ILE A 1 23  ? -9.032  8.539   1.840   1.00 14.22 ? 2   ILE A CG1 1 
ATOM   102  C CG2 . ILE A 1 23  ? -8.811  10.909  1.044   1.00 13.94 ? 2   ILE A CG2 1 
ATOM   103  C CD1 . ILE A 1 23  ? -7.549  8.222   1.892   1.00 18.24 ? 2   ILE A CD1 1 
ATOM   104  N N   . ARG A 1 24  ? -11.244 8.133   -1.214  1.00 11.63 ? 3   ARG A N   1 
ATOM   105  C CA  . ARG A 1 24  ? -11.624 6.919   -1.923  1.00 11.28 ? 3   ARG A CA  1 
ATOM   106  C C   . ARG A 1 24  ? -10.307 6.207   -2.209  1.00 10.27 ? 3   ARG A C   1 
ATOM   107  O O   . ARG A 1 24  ? -9.447  6.730   -2.910  1.00 9.81  ? 3   ARG A O   1 
ATOM   108  C CB  . ARG A 1 24  ? -12.356 7.272   -3.222  1.00 8.65  ? 3   ARG A CB  1 
ATOM   109  C CG  . ARG A 1 24  ? -13.768 7.827   -2.999  1.00 11.42 ? 3   ARG A CG  1 
ATOM   110  C CD  . ARG A 1 24  ? -14.240 8.674   -4.179  1.00 12.23 ? 3   ARG A CD  1 
ATOM   111  N NE  . ARG A 1 24  ? -13.341 9.803   -4.405  1.00 14.42 ? 3   ARG A NE  1 
ATOM   112  C CZ  . ARG A 1 24  ? -13.509 10.727  -5.346  1.00 16.04 ? 3   ARG A CZ  1 
ATOM   113  N NH1 . ARG A 1 24  ? -14.554 10.668  -6.163  1.00 16.63 ? 3   ARG A NH1 1 
ATOM   114  N NH2 . ARG A 1 24  ? -12.623 11.709  -5.474  1.00 12.16 ? 3   ARG A NH2 1 
ATOM   115  N N   . ILE A 1 25  ? -10.156 5.019   -1.640  1.00 10.03 ? 4   ILE A N   1 
ATOM   116  C CA  . ILE A 1 25  ? -8.944  4.228   -1.778  1.00 10.84 ? 4   ILE A CA  1 
ATOM   117  C C   . ILE A 1 25  ? -9.060  3.120   -2.821  1.00 10.28 ? 4   ILE A C   1 
ATOM   118  O O   . ILE A 1 25  ? -10.055 2.395   -2.867  1.00 11.79 ? 4   ILE A O   1 
ATOM   119  C CB  . ILE A 1 25  ? -8.591  3.582   -0.424  1.00 10.88 ? 4   ILE A CB  1 
ATOM   120  C CG1 . ILE A 1 25  ? -8.480  4.669   0.650   1.00 12.28 ? 4   ILE A CG1 1 
ATOM   121  C CG2 . ILE A 1 25  ? -7.299  2.789   -0.534  1.00 9.70  ? 4   ILE A CG2 1 
ATOM   122  C CD1 . ILE A 1 25  ? -8.555  4.135   2.059   1.00 13.49 ? 4   ILE A CD1 1 
ATOM   123  N N   . GLY A 1 26  ? -8.034  3.005   -3.654  1.00 8.96  ? 5   GLY A N   1 
ATOM   124  C CA  . GLY A 1 26  ? -7.986  1.962   -4.663  1.00 8.47  ? 5   GLY A CA  1 
ATOM   125  C C   . GLY A 1 26  ? -6.816  1.073   -4.276  1.00 9.16  ? 5   GLY A C   1 
ATOM   126  O O   . GLY A 1 26  ? -5.694  1.559   -4.137  1.00 9.85  ? 5   GLY A O   1 
ATOM   127  N N   . VAL A 1 27  ? -7.057  -0.220  -4.080  1.00 10.34 ? 6   VAL A N   1 
ATOM   128  C CA  . VAL A 1 27  ? -5.976  -1.119  -3.681  1.00 9.85  ? 6   VAL A CA  1 
ATOM   129  C C   . VAL A 1 27  ? -5.581  -2.107  -4.772  1.00 11.43 ? 6   VAL A C   1 
ATOM   130  O O   . VAL A 1 27  ? -6.439  -2.762  -5.380  1.00 10.53 ? 6   VAL A O   1 
ATOM   131  C CB  . VAL A 1 27  ? -6.355  -1.907  -2.406  1.00 11.79 ? 6   VAL A CB  1 
ATOM   132  C CG1 . VAL A 1 27  ? -5.173  -2.750  -1.933  1.00 10.32 ? 6   VAL A CG1 1 
ATOM   133  C CG2 . VAL A 1 27  ? -6.787  -0.937  -1.307  1.00 11.72 ? 6   VAL A CG2 1 
ATOM   134  N N   . LEU A 1 28  ? -4.276  -2.210  -5.023  1.00 9.18  ? 7   LEU A N   1 
ATOM   135  C CA  . LEU A 1 28  ? -3.765  -3.136  -6.037  1.00 11.17 ? 7   LEU A CA  1 
ATOM   136  C C   . LEU A 1 28  ? -3.128  -4.332  -5.337  1.00 11.77 ? 7   LEU A C   1 
ATOM   137  O O   . LEU A 1 28  ? -2.327  -4.160  -4.416  1.00 12.11 ? 7   LEU A O   1 
ATOM   138  C CB  . LEU A 1 28  ? -2.721  -2.452  -6.924  1.00 9.46  ? 7   LEU A CB  1 
ATOM   139  C CG  . LEU A 1 28  ? -3.148  -1.188  -7.669  1.00 11.64 ? 7   LEU A CG  1 
ATOM   140  C CD1 . LEU A 1 28  ? -1.974  -0.667  -8.478  1.00 12.72 ? 7   LEU A CD1 1 
ATOM   141  C CD2 . LEU A 1 28  ? -4.329  -1.483  -8.582  1.00 10.58 ? 7   LEU A CD2 1 
ATOM   142  N N   . ILE A 1 29  ? -3.481  -5.536  -5.777  1.00 11.59 ? 8   ILE A N   1 
ATOM   143  C CA  . ILE A 1 29  ? -2.952  -6.753  -5.172  1.00 11.73 ? 8   ILE A CA  1 
ATOM   144  C C   . ILE A 1 29  ? -2.522  -7.778  -6.215  1.00 13.40 ? 8   ILE A C   1 
ATOM   145  O O   . ILE A 1 29  ? -2.806  -7.635  -7.409  1.00 10.66 ? 8   ILE A O   1 
ATOM   146  C CB  . ILE A 1 29  ? -4.005  -7.440  -4.266  1.00 12.08 ? 8   ILE A CB  1 
ATOM   147  C CG1 . ILE A 1 29  ? -5.179  -7.937  -5.119  1.00 13.50 ? 8   ILE A CG1 1 
ATOM   148  C CG2 . ILE A 1 29  ? -4.497  -6.471  -3.198  1.00 11.27 ? 8   ILE A CG2 1 
ATOM   149  C CD1 . ILE A 1 29  ? -6.241  -8.712  -4.336  1.00 13.50 ? 8   ILE A CD1 1 
ATOM   150  N N   . SER A 1 30  ? -1.842  -8.820  -5.747  1.00 13.11 ? 9   SER A N   1 
ATOM   151  C CA  . SER A 1 30  ? -1.386  -9.893  -6.615  1.00 15.49 ? 9   SER A CA  1 
ATOM   152  C C   . SER A 1 30  ? -1.658  -11.251 -5.983  1.00 16.91 ? 9   SER A C   1 
ATOM   153  O O   . SER A 1 30  ? -1.537  -12.276 -6.645  1.00 18.81 ? 9   SER A O   1 
ATOM   154  C CB  . SER A 1 30  ? 0.112   -9.765  -6.899  1.00 16.17 ? 9   SER A CB  1 
ATOM   155  O OG  . SER A 1 30  ? 0.389   -8.659  -7.742  1.00 20.37 ? 9   SER A OG  1 
ATOM   156  N N   . GLY A 1 31  ? -2.033  -11.270 -4.709  1.00 15.93 ? 10  GLY A N   1 
ATOM   157  C CA  . GLY A 1 31  ? -2.277  -12.554 -4.073  1.00 16.59 ? 10  GLY A CA  1 
ATOM   158  C C   . GLY A 1 31  ? -3.149  -12.562 -2.839  1.00 15.96 ? 10  GLY A C   1 
ATOM   159  O O   . GLY A 1 31  ? -4.279  -12.085 -2.864  1.00 16.83 ? 10  GLY A O   1 
ATOM   160  N N   . SER A 1 32  ? -2.612  -13.108 -1.752  1.00 16.40 ? 11  SER A N   1 
ATOM   161  C CA  . SER A 1 32  ? -3.343  -13.213 -0.496  1.00 18.25 ? 11  SER A CA  1 
ATOM   162  C C   . SER A 1 32  ? -3.965  -11.903 -0.015  1.00 19.18 ? 11  SER A C   1 
ATOM   163  O O   . SER A 1 32  ? -5.046  -11.908 0.568   1.00 19.17 ? 11  SER A O   1 
ATOM   164  C CB  . SER A 1 32  ? -2.430  -13.776 0.593   1.00 17.17 ? 11  SER A CB  1 
ATOM   165  O OG  . SER A 1 32  ? -3.178  -14.068 1.762   1.00 22.03 ? 11  SER A OG  1 
ATOM   166  N N   . GLY A 1 33  ? -3.277  -10.789 -0.254  1.00 20.79 ? 12  GLY A N   1 
ATOM   167  C CA  . GLY A 1 33  ? -3.792  -9.495  0.161   1.00 23.31 ? 12  GLY A CA  1 
ATOM   168  C C   . GLY A 1 33  ? -4.021  -9.375  1.656   1.00 23.51 ? 12  GLY A C   1 
ATOM   169  O O   . GLY A 1 33  ? -5.088  -8.958  2.106   1.00 23.53 ? 12  GLY A O   1 
ATOM   170  N N   . THR A 1 34  ? -3.013  -9.743  2.435   1.00 24.90 ? 13  THR A N   1 
ATOM   171  C CA  . THR A 1 34  ? -3.117  -9.667  3.885   1.00 24.25 ? 13  THR A CA  1 
ATOM   172  C C   . THR A 1 34  ? -3.307  -8.211  4.325   1.00 22.05 ? 13  THR A C   1 
ATOM   173  O O   . THR A 1 34  ? -4.142  -7.910  5.180   1.00 20.10 ? 13  THR A O   1 
ATOM   174  C CB  . THR A 1 34  ? -1.854  -10.248 4.547   1.00 26.75 ? 13  THR A CB  1 
ATOM   175  O OG1 . THR A 1 34  ? -1.546  -11.520 3.960   1.00 31.28 ? 13  THR A OG1 1 
ATOM   176  C CG2 . THR A 1 34  ? -2.083  -10.450 6.016   1.00 29.67 ? 13  THR A CG2 1 
ATOM   177  N N   . ASN A 1 35  ? -2.531  -7.311  3.729   1.00 18.97 ? 14  ASN A N   1 
ATOM   178  C CA  . ASN A 1 35  ? -2.621  -5.894  4.053   1.00 17.00 ? 14  ASN A CA  1 
ATOM   179  C C   . ASN A 1 35  ? -3.949  -5.277  3.634   1.00 16.32 ? 14  ASN A C   1 
ATOM   180  O O   . ASN A 1 35  ? -4.433  -4.337  4.267   1.00 14.89 ? 14  ASN A O   1 
ATOM   181  C CB  . ASN A 1 35  ? -1.458  -5.138  3.414   1.00 16.63 ? 14  ASN A CB  1 
ATOM   182  C CG  . ASN A 1 35  ? -0.172  -5.320  4.184   1.00 18.23 ? 14  ASN A CG  1 
ATOM   183  O OD1 . ASN A 1 35  ? 0.770   -5.952  3.712   1.00 19.38 ? 14  ASN A OD1 1 
ATOM   184  N ND2 . ASN A 1 35  ? -0.133  -4.770  5.390   1.00 16.21 ? 14  ASN A ND2 1 
ATOM   185  N N   . LEU A 1 36  ? -4.539  -5.801  2.566   1.00 12.65 ? 15  LEU A N   1 
ATOM   186  C CA  . LEU A 1 36  ? -5.829  -5.302  2.111   1.00 14.82 ? 15  LEU A CA  1 
ATOM   187  C C   . LEU A 1 36  ? -6.848  -5.456  3.242   1.00 16.01 ? 15  LEU A C   1 
ATOM   188  O O   . LEU A 1 36  ? -7.685  -4.582  3.465   1.00 15.79 ? 15  LEU A O   1 
ATOM   189  C CB  . LEU A 1 36  ? -6.312  -6.094  0.892   1.00 12.79 ? 15  LEU A CB  1 
ATOM   190  C CG  . LEU A 1 36  ? -7.787  -5.889  0.528   1.00 12.53 ? 15  LEU A CG  1 
ATOM   191  C CD1 . LEU A 1 36  ? -8.021  -4.449  0.100   1.00 10.63 ? 15  LEU A CD1 1 
ATOM   192  C CD2 . LEU A 1 36  ? -8.181  -6.847  -0.584  1.00 11.19 ? 15  LEU A CD2 1 
ATOM   193  N N   . GLN A 1 37  ? -6.764  -6.568  3.962   1.00 16.11 ? 16  GLN A N   1 
ATOM   194  C CA  . GLN A 1 37  ? -7.703  -6.833  5.044   1.00 17.05 ? 16  GLN A CA  1 
ATOM   195  C C   . GLN A 1 37  ? -7.691  -5.739  6.099   1.00 17.23 ? 16  GLN A C   1 
ATOM   196  O O   . GLN A 1 37  ? -8.744  -5.302  6.559   1.00 18.06 ? 16  GLN A O   1 
ATOM   197  C CB  . GLN A 1 37  ? -7.393  -8.175  5.708   1.00 17.90 ? 16  GLN A CB  1 
ATOM   198  C CG  . GLN A 1 37  ? -8.528  -8.705  6.568   1.00 19.41 ? 16  GLN A CG  1 
ATOM   199  C CD  . GLN A 1 37  ? -9.766  -9.031  5.751   1.00 20.32 ? 16  GLN A CD  1 
ATOM   200  O OE1 . GLN A 1 37  ? -10.777 -8.328  5.819   1.00 23.99 ? 16  GLN A OE1 1 
ATOM   201  N NE2 . GLN A 1 37  ? -9.689  -10.096 4.962   1.00 19.51 ? 16  GLN A NE2 1 
ATOM   202  N N   . ALA A 1 38  ? -6.502  -5.301  6.492   1.00 17.10 ? 17  ALA A N   1 
ATOM   203  C CA  . ALA A 1 38  ? -6.395  -4.252  7.497   1.00 17.09 ? 17  ALA A CA  1 
ATOM   204  C C   . ALA A 1 38  ? -7.011  -2.944  6.991   1.00 15.41 ? 17  ALA A C   1 
ATOM   205  O O   . ALA A 1 38  ? -7.627  -2.203  7.759   1.00 17.36 ? 17  ALA A O   1 
ATOM   206  C CB  . ALA A 1 38  ? -4.941  -4.037  7.873   1.00 15.66 ? 17  ALA A CB  1 
ATOM   207  N N   . ILE A 1 39  ? -6.841  -2.667  5.703   1.00 14.38 ? 18  ILE A N   1 
ATOM   208  C CA  . ILE A 1 39  ? -7.386  -1.450  5.101   1.00 14.98 ? 18  ILE A CA  1 
ATOM   209  C C   . ILE A 1 39  ? -8.910  -1.516  5.085   1.00 15.19 ? 18  ILE A C   1 
ATOM   210  O O   . ILE A 1 39  ? -9.585  -0.546  5.437   1.00 14.32 ? 18  ILE A O   1 
ATOM   211  C CB  . ILE A 1 39  ? -6.894  -1.254  3.647   1.00 14.52 ? 18  ILE A CB  1 
ATOM   212  C CG1 . ILE A 1 39  ? -5.364  -1.291  3.589   1.00 13.81 ? 18  ILE A CG1 1 
ATOM   213  C CG2 . ILE A 1 39  ? -7.416  0.063   3.093   1.00 15.37 ? 18  ILE A CG2 1 
ATOM   214  C CD1 . ILE A 1 39  ? -4.686  -0.458  4.634   1.00 18.59 ? 18  ILE A CD1 1 
ATOM   215  N N   . LEU A 1 40  ? -9.443  -2.664  4.673   1.00 14.61 ? 19  LEU A N   1 
ATOM   216  C CA  . LEU A 1 40  ? -10.891 -2.863  4.621   1.00 15.77 ? 19  LEU A CA  1 
ATOM   217  C C   . LEU A 1 40  ? -11.505 -2.707  6.004   1.00 16.40 ? 19  LEU A C   1 
ATOM   218  O O   . LEU A 1 40  ? -12.494 -1.992  6.171   1.00 15.58 ? 19  LEU A O   1 
ATOM   219  C CB  . LEU A 1 40  ? -11.225 -4.256  4.080   1.00 14.28 ? 19  LEU A CB  1 
ATOM   220  C CG  . LEU A 1 40  ? -10.917 -4.508  2.606   1.00 15.24 ? 19  LEU A CG  1 
ATOM   221  C CD1 . LEU A 1 40  ? -11.070 -5.990  2.296   1.00 15.16 ? 19  LEU A CD1 1 
ATOM   222  C CD2 . LEU A 1 40  ? -11.849 -3.672  1.741   1.00 13.64 ? 19  LEU A CD2 1 
ATOM   223  N N   . ASP A 1 41  ? -10.917 -3.379  6.992   1.00 17.36 ? 20  ASP A N   1 
ATOM   224  C CA  . ASP A 1 41  ? -11.423 -3.311  8.362   1.00 19.11 ? 20  ASP A CA  1 
ATOM   225  C C   . ASP A 1 41  ? -11.312 -1.898  8.923   1.00 18.23 ? 20  ASP A C   1 
ATOM   226  O O   . ASP A 1 41  ? -12.233 -1.407  9.567   1.00 16.67 ? 20  ASP A O   1 
ATOM   227  C CB  . ASP A 1 41  ? -10.661 -4.281  9.274   1.00 19.52 ? 20  ASP A CB  1 
ATOM   228  C CG  . ASP A 1 41  ? -10.821 -5.729  8.852   1.00 24.37 ? 20  ASP A CG  1 
ATOM   229  O OD1 . ASP A 1 41  ? -11.821 -6.049  8.174   1.00 25.04 ? 20  ASP A OD1 1 
ATOM   230  O OD2 . ASP A 1 41  ? -9.953  -6.554  9.215   1.00 26.10 ? 20  ASP A OD2 1 
ATOM   231  N N   . GLY A 1 42  ? -10.175 -1.251  8.678   1.00 19.47 ? 21  GLY A N   1 
ATOM   232  C CA  . GLY A 1 42  ? -9.968  0.103   9.166   1.00 19.00 ? 21  GLY A CA  1 
ATOM   233  C C   . GLY A 1 42  ? -11.041 1.067   8.686   1.00 20.43 ? 21  GLY A C   1 
ATOM   234  O O   . GLY A 1 42  ? -11.508 1.914   9.452   1.00 20.80 ? 21  GLY A O   1 
ATOM   235  N N   . CYS A 1 43  ? -11.424 0.952   7.416   1.00 18.53 ? 22  CYS A N   1 
ATOM   236  C CA  . CYS A 1 43  ? -12.458 1.812   6.849   1.00 20.19 ? 22  CYS A CA  1 
ATOM   237  C C   . CYS A 1 43  ? -13.823 1.455   7.439   1.00 22.01 ? 22  CYS A C   1 
ATOM   238  O O   . CYS A 1 43  ? -14.589 2.334   7.833   1.00 21.61 ? 22  CYS A O   1 
ATOM   239  C CB  . CYS A 1 43  ? -12.512 1.662   5.322   1.00 17.95 ? 22  CYS A CB  1 
ATOM   240  S SG  . CYS A 1 43  ? -11.126 2.408   4.409   1.00 18.23 ? 22  CYS A SG  1 
ATOM   241  N N   . ARG A 1 44  ? -14.112 0.159   7.505   1.00 24.19 ? 23  ARG A N   1 
ATOM   242  C CA  . ARG A 1 44  ? -15.386 -0.312  8.035   1.00 27.67 ? 23  ARG A CA  1 
ATOM   243  C C   . ARG A 1 44  ? -15.605 0.097   9.484   1.00 29.17 ? 23  ARG A C   1 
ATOM   244  O O   . ARG A 1 44  ? -16.692 0.547   9.850   1.00 30.67 ? 23  ARG A O   1 
ATOM   245  C CB  . ARG A 1 44  ? -15.485 -1.838  7.933   1.00 28.78 ? 23  ARG A CB  1 
ATOM   246  C CG  . ARG A 1 44  ? -16.863 -2.369  8.308   1.00 33.88 ? 23  ARG A CG  1 
ATOM   247  C CD  . ARG A 1 44  ? -16.929 -3.892  8.354   1.00 36.71 ? 23  ARG A CD  1 
ATOM   248  N NE  . ARG A 1 44  ? -16.180 -4.457  9.478   1.00 39.44 ? 23  ARG A NE  1 
ATOM   249  C CZ  . ARG A 1 44  ? -14.969 -4.995  9.379   1.00 39.16 ? 23  ARG A CZ  1 
ATOM   250  N NH1 . ARG A 1 44  ? -14.360 -5.047  8.202   1.00 39.67 ? 23  ARG A NH1 1 
ATOM   251  N NH2 . ARG A 1 44  ? -14.369 -5.486  10.456  1.00 38.74 ? 23  ARG A NH2 1 
ATOM   252  N N   . GLU A 1 45  ? -14.568 -0.051  10.303  1.00 29.94 ? 24  GLU A N   1 
ATOM   253  C CA  . GLU A 1 45  ? -14.651 0.278   11.721  1.00 30.61 ? 24  GLU A CA  1 
ATOM   254  C C   . GLU A 1 45  ? -14.427 1.758   12.040  1.00 30.46 ? 24  GLU A C   1 
ATOM   255  O O   . GLU A 1 45  ? -14.393 2.148   13.203  1.00 30.28 ? 24  GLU A O   1 
ATOM   256  C CB  . GLU A 1 45  ? -13.674 -0.607  12.503  1.00 32.23 ? 24  GLU A CB  1 
ATOM   257  C CG  . GLU A 1 45  ? -13.925 -2.101  12.263  1.00 36.66 ? 24  GLU A CG  1 
ATOM   258  C CD  . GLU A 1 45  ? -12.928 -3.020  12.961  1.00 39.72 ? 24  GLU A CD  1 
ATOM   259  O OE1 . GLU A 1 45  ? -12.992 -4.246  12.725  1.00 42.54 ? 24  GLU A OE1 1 
ATOM   260  O OE2 . GLU A 1 45  ? -12.086 -2.533  13.741  1.00 40.33 ? 24  GLU A OE2 1 
ATOM   261  N N   . GLY A 1 46  ? -14.279 2.579   11.005  1.00 30.23 ? 25  GLY A N   1 
ATOM   262  C CA  . GLY A 1 46  ? -14.103 4.007   11.215  1.00 28.60 ? 25  GLY A CA  1 
ATOM   263  C C   . GLY A 1 46  ? -12.725 4.528   11.583  1.00 28.74 ? 25  GLY A C   1 
ATOM   264  O O   . GLY A 1 46  ? -12.586 5.708   11.903  1.00 29.05 ? 25  GLY A O   1 
ATOM   265  N N   . ARG A 1 47  ? -11.705 3.679   11.548  1.00 28.08 ? 26  ARG A N   1 
ATOM   266  C CA  . ARG A 1 47  ? -10.355 4.131   11.877  1.00 27.18 ? 26  ARG A CA  1 
ATOM   267  C C   . ARG A 1 47  ? -9.733  4.932   10.734  1.00 25.14 ? 26  ARG A C   1 
ATOM   268  O O   . ARG A 1 47  ? -8.929  5.833   10.967  1.00 25.26 ? 26  ARG A O   1 
ATOM   269  C CB  . ARG A 1 47  ? -9.456  2.944   12.221  1.00 29.28 ? 26  ARG A CB  1 
ATOM   270  C CG  . ARG A 1 47  ? -9.783  2.285   13.548  1.00 31.32 ? 26  ARG A CG  1 
ATOM   271  C CD  . ARG A 1 47  ? -8.710  1.277   13.922  1.00 32.62 ? 26  ARG A CD  1 
ATOM   272  N NE  . ARG A 1 47  ? -8.690  0.134   13.016  1.00 34.36 ? 26  ARG A NE  1 
ATOM   273  C CZ  . ARG A 1 47  ? -9.647  -0.784  12.966  1.00 34.71 ? 26  ARG A CZ  1 
ATOM   274  N NH1 . ARG A 1 47  ? -10.694 -0.685  13.772  1.00 36.45 ? 26  ARG A NH1 1 
ATOM   275  N NH2 . ARG A 1 47  ? -9.559  -1.800  12.119  1.00 34.35 ? 26  ARG A NH2 1 
ATOM   276  N N   . ILE A 1 48  ? -10.100 4.593   9.499   1.00 23.40 ? 27  ILE A N   1 
ATOM   277  C CA  . ILE A 1 48  ? -9.590  5.293   8.319   1.00 20.81 ? 27  ILE A CA  1 
ATOM   278  C C   . ILE A 1 48  ? -10.694 6.197   7.782   1.00 20.03 ? 27  ILE A C   1 
ATOM   279  O O   . ILE A 1 48  ? -11.801 5.737   7.514   1.00 20.70 ? 27  ILE A O   1 
ATOM   280  C CB  . ILE A 1 48  ? -9.215  4.316   7.181   1.00 21.16 ? 27  ILE A CB  1 
ATOM   281  C CG1 . ILE A 1 48  ? -8.199  3.284   7.665   1.00 22.78 ? 27  ILE A CG1 1 
ATOM   282  C CG2 . ILE A 1 48  ? -8.663  5.096   6.005   1.00 20.10 ? 27  ILE A CG2 1 
ATOM   283  C CD1 . ILE A 1 48  ? -6.875  3.864   8.047   1.00 24.86 ? 27  ILE A CD1 1 
ATOM   284  N N   . PRO A 1 49  ? -10.410 7.496   7.615   1.00 18.99 ? 28  PRO A N   1 
ATOM   285  C CA  . PRO A 1 49  ? -11.428 8.410   7.100   1.00 17.46 ? 28  PRO A CA  1 
ATOM   286  C C   . PRO A 1 49  ? -11.614 8.255   5.592   1.00 15.80 ? 28  PRO A C   1 
ATOM   287  O O   . PRO A 1 49  ? -11.107 9.049   4.806   1.00 15.80 ? 28  PRO A O   1 
ATOM   288  C CB  . PRO A 1 49  ? -10.881 9.776   7.490   1.00 19.37 ? 28  PRO A CB  1 
ATOM   289  C CG  . PRO A 1 49  ? -9.414  9.583   7.355   1.00 20.06 ? 28  PRO A CG  1 
ATOM   290  C CD  . PRO A 1 49  ? -9.188  8.230   7.993   1.00 18.89 ? 28  PRO A CD  1 
ATOM   291  N N   . GLY A 1 50  ? -12.343 7.219   5.198   1.00 16.31 ? 29  GLY A N   1 
ATOM   292  C CA  . GLY A 1 50  ? -12.587 6.986   3.787   1.00 17.49 ? 29  GLY A CA  1 
ATOM   293  C C   . GLY A 1 50  ? -13.143 5.601   3.512   1.00 16.79 ? 29  GLY A C   1 
ATOM   294  O O   . GLY A 1 50  ? -13.530 4.879   4.430   1.00 15.74 ? 29  GLY A O   1 
ATOM   295  N N   . ARG A 1 51  ? -13.185 5.228   2.239   1.00 15.51 ? 30  ARG A N   1 
ATOM   296  C CA  . ARG A 1 51  ? -13.692 3.921   1.865   1.00 15.06 ? 30  ARG A CA  1 
ATOM   297  C C   . ARG A 1 51  ? -12.864 3.321   0.741   1.00 13.72 ? 30  ARG A C   1 
ATOM   298  O O   . ARG A 1 51  ? -12.290 4.042   -0.075  1.00 10.83 ? 30  ARG A O   1 
ATOM   299  C CB  . ARG A 1 51  ? -15.143 4.023   1.406   1.00 17.26 ? 30  ARG A CB  1 
ATOM   300  C CG  . ARG A 1 51  ? -15.314 4.707   0.059   1.00 17.70 ? 30  ARG A CG  1 
ATOM   301  C CD  . ARG A 1 51  ? -16.739 4.534   -0.461  1.00 20.70 ? 30  ARG A CD  1 
ATOM   302  N NE  . ARG A 1 51  ? -16.879 4.977   -1.845  1.00 20.51 ? 30  ARG A NE  1 
ATOM   303  C CZ  . ARG A 1 51  ? -17.292 6.186   -2.213  1.00 21.37 ? 30  ARG A CZ  1 
ATOM   304  N NH1 . ARG A 1 51  ? -17.619 7.093   -1.302  1.00 19.82 ? 30  ARG A NH1 1 
ATOM   305  N NH2 . ARG A 1 51  ? -17.369 6.487   -3.500  1.00 19.00 ? 30  ARG A NH2 1 
ATOM   306  N N   . VAL A 1 52  ? -12.795 1.996   0.715   1.00 11.93 ? 31  VAL A N   1 
ATOM   307  C CA  . VAL A 1 52  ? -12.069 1.306   -0.335  1.00 11.85 ? 31  VAL A CA  1 
ATOM   308  C C   . VAL A 1 52  ? -13.053 1.256   -1.492  1.00 11.70 ? 31  VAL A C   1 
ATOM   309  O O   . VAL A 1 52  ? -14.075 0.573   -1.414  1.00 12.59 ? 31  VAL A O   1 
ATOM   310  C CB  . VAL A 1 52  ? -11.688 -0.130  0.085   1.00 11.31 ? 31  VAL A CB  1 
ATOM   311  C CG1 . VAL A 1 52  ? -11.069 -0.869  -1.092  1.00 10.12 ? 31  VAL A CG1 1 
ATOM   312  C CG2 . VAL A 1 52  ? -10.713 -0.089  1.254   1.00 11.94 ? 31  VAL A CG2 1 
ATOM   313  N N   . ALA A 1 53  ? -12.749 1.993   -2.554  1.00 12.23 ? 32  ALA A N   1 
ATOM   314  C CA  . ALA A 1 53  ? -13.617 2.062   -3.721  1.00 11.87 ? 32  ALA A CA  1 
ATOM   315  C C   . ALA A 1 53  ? -13.502 0.854   -4.633  1.00 13.82 ? 32  ALA A C   1 
ATOM   316  O O   . ALA A 1 53  ? -14.492 0.427   -5.241  1.00 14.30 ? 32  ALA A O   1 
ATOM   317  C CB  . ALA A 1 53  ? -13.315 3.329   -4.517  1.00 11.77 ? 32  ALA A CB  1 
ATOM   318  N N   . VAL A 1 54  ? -12.298 0.301   -4.737  1.00 12.51 ? 33  VAL A N   1 
ATOM   319  C CA  . VAL A 1 54  ? -12.091 -0.845  -5.608  1.00 11.23 ? 33  VAL A CA  1 
ATOM   320  C C   . VAL A 1 54  ? -10.775 -1.556  -5.314  1.00 11.75 ? 33  VAL A C   1 
ATOM   321  O O   . VAL A 1 54  ? -9.824  -0.953  -4.804  1.00 10.58 ? 33  VAL A O   1 
ATOM   322  C CB  . VAL A 1 54  ? -12.116 -0.397  -7.093  1.00 12.19 ? 33  VAL A CB  1 
ATOM   323  C CG1 . VAL A 1 54  ? -10.937 0.528   -7.384  1.00 13.70 ? 33  VAL A CG1 1 
ATOM   324  C CG2 . VAL A 1 54  ? -12.103 -1.603  -8.013  1.00 11.72 ? 33  VAL A CG2 1 
ATOM   325  N N   . VAL A 1 55  ? -10.743 -2.849  -5.610  1.00 9.26  ? 34  VAL A N   1 
ATOM   326  C CA  . VAL A 1 55  ? -9.544  -3.655  -5.422  1.00 8.55  ? 34  VAL A CA  1 
ATOM   327  C C   . VAL A 1 55  ? -9.267  -4.304  -6.770  1.00 9.43  ? 34  VAL A C   1 
ATOM   328  O O   . VAL A 1 55  ? -10.138 -4.965  -7.329  1.00 9.98  ? 34  VAL A O   1 
ATOM   329  C CB  . VAL A 1 55  ? -9.746  -4.761  -4.353  1.00 10.63 ? 34  VAL A CB  1 
ATOM   330  C CG1 . VAL A 1 55  ? -8.490  -5.643  -4.267  1.00 8.27  ? 34  VAL A CG1 1 
ATOM   331  C CG2 . VAL A 1 55  ? -10.032 -4.130  -2.999  1.00 8.95  ? 34  VAL A CG2 1 
ATOM   332  N N   . ILE A 1 56  ? -8.069  -4.090  -7.306  1.00 9.55  ? 35  ILE A N   1 
ATOM   333  C CA  . ILE A 1 56  ? -7.706  -4.663  -8.598  1.00 11.10 ? 35  ILE A CA  1 
ATOM   334  C C   . ILE A 1 56  ? -6.538  -5.627  -8.445  1.00 11.77 ? 35  ILE A C   1 
ATOM   335  O O   . ILE A 1 56  ? -5.529  -5.292  -7.827  1.00 10.86 ? 35  ILE A O   1 
ATOM   336  C CB  . ILE A 1 56  ? -7.307  -3.568  -9.627  1.00 11.23 ? 35  ILE A CB  1 
ATOM   337  C CG1 . ILE A 1 56  ? -8.484  -2.632  -9.901  1.00 12.11 ? 35  ILE A CG1 1 
ATOM   338  C CG2 . ILE A 1 56  ? -6.904  -4.213  -10.948 1.00 11.25 ? 35  ILE A CG2 1 
ATOM   339  C CD1 . ILE A 1 56  ? -8.903  -1.808  -8.718  1.00 19.21 ? 35  ILE A CD1 1 
ATOM   340  N N   . SER A 1 57  ? -6.681  -6.823  -9.004  1.00 10.32 ? 36  SER A N   1 
ATOM   341  C CA  . SER A 1 57  ? -5.626  -7.826  -8.937  1.00 12.28 ? 36  SER A CA  1 
ATOM   342  C C   . SER A 1 57  ? -5.120  -8.145  -10.335 1.00 13.16 ? 36  SER A C   1 
ATOM   343  O O   . SER A 1 57  ? -5.899  -8.186  -11.286 1.00 12.92 ? 36  SER A O   1 
ATOM   344  C CB  . SER A 1 57  ? -6.147  -9.111  -8.286  1.00 11.19 ? 36  SER A CB  1 
ATOM   345  O OG  . SER A 1 57  ? -5.162  -10.131 -8.319  1.00 12.65 ? 36  SER A OG  1 
ATOM   346  N N   . ASP A 1 58  ? -3.815  -8.365  -10.459 1.00 14.50 ? 37  ASP A N   1 
ATOM   347  C CA  . ASP A 1 58  ? -3.229  -8.700  -11.750 1.00 17.19 ? 37  ASP A CA  1 
ATOM   348  C C   . ASP A 1 58  ? -3.263  -10.218 -11.897 1.00 19.53 ? 37  ASP A C   1 
ATOM   349  O O   . ASP A 1 58  ? -2.763  -10.770 -12.876 1.00 19.23 ? 37  ASP A O   1 
ATOM   350  C CB  . ASP A 1 58  ? -1.793  -8.171  -11.840 1.00 18.26 ? 37  ASP A CB  1 
ATOM   351  C CG  . ASP A 1 58  ? -0.845  -8.891  -10.903 1.00 20.52 ? 37  ASP A CG  1 
ATOM   352  O OD1 . ASP A 1 58  ? -1.269  -9.259  -9.790  1.00 20.99 ? 37  ASP A OD1 1 
ATOM   353  O OD2 . ASP A 1 58  ? 0.330   -9.082  -11.278 1.00 22.18 ? 37  ASP A OD2 1 
ATOM   354  N N   . ARG A 1 59  ? -3.871  -10.880 -10.912 1.00 20.90 ? 38  ARG A N   1 
ATOM   355  C CA  . ARG A 1 59  ? -4.012  -12.334 -10.900 1.00 23.55 ? 38  ARG A CA  1 
ATOM   356  C C   . ARG A 1 59  ? -5.450  -12.734 -10.575 1.00 23.37 ? 38  ARG A C   1 
ATOM   357  O O   . ARG A 1 59  ? -6.015  -12.325 -9.559  1.00 21.18 ? 38  ARG A O   1 
ATOM   358  C CB  . ARG A 1 59  ? -3.028  -12.955 -9.902  1.00 25.84 ? 38  ARG A CB  1 
ATOM   359  C CG  . ARG A 1 59  ? -1.689  -13.294 -10.551 1.00 30.17 ? 38  ARG A CG  1 
ATOM   360  C CD  . ARG A 1 59  ? -0.498  -13.107 -9.615  1.00 36.20 ? 38  ARG A CD  1 
ATOM   361  N NE  . ARG A 1 59  ? -0.514  -14.007 -8.463  1.00 39.48 ? 38  ARG A NE  1 
ATOM   362  C CZ  . ARG A 1 59  ? 0.482   -14.111 -7.586  1.00 42.33 ? 38  ARG A CZ  1 
ATOM   363  N NH1 . ARG A 1 59  ? 0.386   -14.952 -6.564  1.00 43.19 ? 38  ARG A NH1 1 
ATOM   364  N NH2 . ARG A 1 59  ? 1.580   -13.376 -7.735  1.00 41.93 ? 38  ARG A NH2 1 
ATOM   365  N N   . ALA A 1 60  ? -6.036  -13.542 -11.453 1.00 23.75 ? 39  ALA A N   1 
ATOM   366  C CA  . ALA A 1 60  ? -7.422  -13.975 -11.308 1.00 24.64 ? 39  ALA A CA  1 
ATOM   367  C C   . ALA A 1 60  ? -7.776  -14.744 -10.041 1.00 25.09 ? 39  ALA A C   1 
ATOM   368  O O   . ALA A 1 60  ? -8.859  -14.549 -9.482  1.00 25.84 ? 39  ALA A O   1 
ATOM   369  C CB  . ALA A 1 60  ? -7.829  -14.796 -12.528 1.00 26.76 ? 39  ALA A CB  1 
ATOM   370  N N   . ASP A 1 61  ? -6.874  -15.608 -9.587  1.00 23.97 ? 40  ASP A N   1 
ATOM   371  C CA  . ASP A 1 61  ? -7.143  -16.428 -8.407  1.00 26.01 ? 40  ASP A CA  1 
ATOM   372  C C   . ASP A 1 61  ? -6.508  -15.930 -7.106  1.00 24.61 ? 40  ASP A C   1 
ATOM   373  O O   . ASP A 1 61  ? -6.045  -16.725 -6.289  1.00 27.13 ? 40  ASP A O   1 
ATOM   374  C CB  . ASP A 1 61  ? -6.707  -17.873 -8.690  1.00 27.76 ? 40  ASP A CB  1 
ATOM   375  C CG  . ASP A 1 61  ? -7.052  -18.828 -7.559  1.00 32.78 ? 40  ASP A CG  1 
ATOM   376  O OD1 . ASP A 1 61  ? -8.207  -18.801 -7.080  1.00 35.47 ? 40  ASP A OD1 1 
ATOM   377  O OD2 . ASP A 1 61  ? -6.167  -19.614 -7.155  1.00 34.16 ? 40  ASP A OD2 1 
ATOM   378  N N   . ALA A 1 62  ? -6.499  -14.619 -6.905  1.00 21.89 ? 41  ALA A N   1 
ATOM   379  C CA  . ALA A 1 62  ? -5.927  -14.047 -5.687  1.00 19.81 ? 41  ALA A CA  1 
ATOM   380  C C   . ALA A 1 62  ? -6.977  -14.030 -4.581  1.00 17.66 ? 41  ALA A C   1 
ATOM   381  O O   . ALA A 1 62  ? -8.104  -13.586 -4.798  1.00 15.17 ? 41  ALA A O   1 
ATOM   382  C CB  . ALA A 1 62  ? -5.435  -12.635 -5.957  1.00 18.49 ? 41  ALA A CB  1 
ATOM   383  N N   . TYR A 1 63  ? -6.608  -14.509 -3.397  1.00 15.15 ? 42  TYR A N   1 
ATOM   384  C CA  . TYR A 1 63  ? -7.535  -14.537 -2.269  1.00 16.10 ? 42  TYR A CA  1 
ATOM   385  C C   . TYR A 1 63  ? -7.957  -13.123 -1.854  1.00 14.38 ? 42  TYR A C   1 
ATOM   386  O O   . TYR A 1 63  ? -9.023  -12.928 -1.268  1.00 12.36 ? 42  TYR A O   1 
ATOM   387  C CB  . TYR A 1 63  ? -6.898  -15.250 -1.072  1.00 17.71 ? 42  TYR A CB  1 
ATOM   388  C CG  . TYR A 1 63  ? -7.834  -15.406 0.105   1.00 17.16 ? 42  TYR A CG  1 
ATOM   389  C CD1 . TYR A 1 63  ? -9.037  -16.099 -0.025  1.00 18.60 ? 42  TYR A CD1 1 
ATOM   390  C CD2 . TYR A 1 63  ? -7.517  -14.862 1.349   1.00 18.74 ? 42  TYR A CD2 1 
ATOM   391  C CE1 . TYR A 1 63  ? -9.904  -16.248 1.057   1.00 19.98 ? 42  TYR A CE1 1 
ATOM   392  C CE2 . TYR A 1 63  ? -8.374  -15.005 2.439   1.00 20.28 ? 42  TYR A CE2 1 
ATOM   393  C CZ  . TYR A 1 63  ? -9.566  -15.697 2.286   1.00 22.02 ? 42  TYR A CZ  1 
ATOM   394  O OH  . TYR A 1 63  ? -10.420 -15.828 3.359   1.00 23.28 ? 42  TYR A OH  1 
ATOM   395  N N   . GLY A 1 64  ? -7.113  -12.142 -2.159  1.00 13.12 ? 43  GLY A N   1 
ATOM   396  C CA  . GLY A 1 64  ? -7.432  -10.766 -1.816  1.00 13.39 ? 43  GLY A CA  1 
ATOM   397  C C   . GLY A 1 64  ? -8.761  -10.322 -2.406  1.00 13.22 ? 43  GLY A C   1 
ATOM   398  O O   . GLY A 1 64  ? -9.498  -9.563  -1.782  1.00 12.43 ? 43  GLY A O   1 
ATOM   399  N N   . LEU A 1 65  ? -9.067  -10.794 -3.613  1.00 12.89 ? 44  LEU A N   1 
ATOM   400  C CA  . LEU A 1 65  ? -10.319 -10.440 -4.273  1.00 14.24 ? 44  LEU A CA  1 
ATOM   401  C C   . LEU A 1 65  ? -11.515 -10.973 -3.503  1.00 16.06 ? 44  LEU A C   1 
ATOM   402  O O   . LEU A 1 65  ? -12.592 -10.376 -3.528  1.00 16.33 ? 44  LEU A O   1 
ATOM   403  C CB  . LEU A 1 65  ? -10.349 -10.995 -5.695  1.00 14.52 ? 44  LEU A CB  1 
ATOM   404  C CG  . LEU A 1 65  ? -9.337  -10.419 -6.682  1.00 13.45 ? 44  LEU A CG  1 
ATOM   405  C CD1 . LEU A 1 65  ? -9.411  -11.193 -7.988  1.00 15.04 ? 44  LEU A CD1 1 
ATOM   406  C CD2 . LEU A 1 65  ? -9.628  -8.949  -6.911  1.00 13.65 ? 44  LEU A CD2 1 
ATOM   407  N N   . GLU A 1 66  ? -11.335 -12.107 -2.828  1.00 15.19 ? 45  GLU A N   1 
ATOM   408  C CA  . GLU A 1 66  ? -12.420 -12.693 -2.045  1.00 17.17 ? 45  GLU A CA  1 
ATOM   409  C C   . GLU A 1 66  ? -12.628 -11.860 -0.790  1.00 14.87 ? 45  GLU A C   1 
ATOM   410  O O   . GLU A 1 66  ? -13.756 -11.707 -0.314  1.00 15.36 ? 45  GLU A O   1 
ATOM   411  C CB  . GLU A 1 66  ? -12.096 -14.145 -1.677  1.00 19.98 ? 45  GLU A CB  1 
ATOM   412  C CG  . GLU A 1 66  ? -13.133 -14.839 -0.800  1.00 24.12 ? 45  GLU A CG  1 
ATOM   413  C CD  . GLU A 1 66  ? -14.566 -14.648 -1.280  1.00 28.24 ? 45  GLU A CD  1 
ATOM   414  O OE1 . GLU A 1 66  ? -14.810 -14.651 -2.509  1.00 29.56 ? 45  GLU A OE1 1 
ATOM   415  O OE2 . GLU A 1 66  ? -15.460 -14.507 -0.417  1.00 29.78 ? 45  GLU A OE2 1 
ATOM   416  N N   . ARG A 1 67  ? -11.539 -11.319 -0.253  1.00 15.31 ? 46  ARG A N   1 
ATOM   417  C CA  . ARG A 1 67  ? -11.631 -10.478 0.933   1.00 16.09 ? 46  ARG A CA  1 
ATOM   418  C C   . ARG A 1 67  ? -12.468 -9.262  0.545   1.00 16.34 ? 46  ARG A C   1 
ATOM   419  O O   . ARG A 1 67  ? -13.337 -8.815  1.293   1.00 15.83 ? 46  ARG A O   1 
ATOM   420  C CB  . ARG A 1 67  ? -10.249 -9.994  1.377   1.00 16.61 ? 46  ARG A CB  1 
ATOM   421  C CG  . ARG A 1 67  ? -9.248  -11.067 1.781   1.00 18.15 ? 46  ARG A CG  1 
ATOM   422  C CD  . ARG A 1 67  ? -7.944  -10.386 2.177   1.00 20.22 ? 46  ARG A CD  1 
ATOM   423  N NE  . ARG A 1 67  ? -6.841  -11.305 2.449   1.00 21.81 ? 46  ARG A NE  1 
ATOM   424  C CZ  . ARG A 1 67  ? -6.705  -12.014 3.564   1.00 24.23 ? 46  ARG A CZ  1 
ATOM   425  N NH1 . ARG A 1 67  ? -7.607  -11.926 4.533   1.00 23.75 ? 46  ARG A NH1 1 
ATOM   426  N NH2 . ARG A 1 67  ? -5.650  -12.799 3.718   1.00 27.35 ? 46  ARG A NH2 1 
ATOM   427  N N   . ALA A 1 68  ? -12.191 -8.734  -0.642  1.00 15.69 ? 47  ALA A N   1 
ATOM   428  C CA  . ALA A 1 68  ? -12.899 -7.564  -1.147  1.00 16.53 ? 47  ALA A CA  1 
ATOM   429  C C   . ALA A 1 68  ? -14.394 -7.833  -1.286  1.00 17.02 ? 47  ALA A C   1 
ATOM   430  O O   . ALA A 1 68  ? -15.217 -7.041  -0.830  1.00 15.68 ? 47  ALA A O   1 
ATOM   431  C CB  . ALA A 1 68  ? -12.307 -7.137  -2.495  1.00 14.12 ? 47  ALA A CB  1 
ATOM   432  N N   . ARG A 1 69  ? -14.747 -8.954  -1.905  1.00 18.17 ? 48  ARG A N   1 
ATOM   433  C CA  . ARG A 1 69  ? -16.157 -9.282  -2.085  1.00 20.63 ? 48  ARG A CA  1 
ATOM   434  C C   . ARG A 1 69  ? -16.880 -9.415  -0.751  1.00 20.56 ? 48  ARG A C   1 
ATOM   435  O O   . ARG A 1 69  ? -17.992 -8.917  -0.590  1.00 19.73 ? 48  ARG A O   1 
ATOM   436  C CB  . ARG A 1 69  ? -16.315 -10.579 -2.881  1.00 22.18 ? 48  ARG A CB  1 
ATOM   437  C CG  . ARG A 1 69  ? -15.555 -10.587 -4.190  1.00 26.03 ? 48  ARG A CG  1 
ATOM   438  C CD  . ARG A 1 69  ? -16.036 -11.695 -5.101  1.00 28.77 ? 48  ARG A CD  1 
ATOM   439  N NE  . ARG A 1 69  ? -15.125 -11.888 -6.223  1.00 32.11 ? 48  ARG A NE  1 
ATOM   440  C CZ  . ARG A 1 69  ? -14.042 -12.656 -6.180  1.00 32.18 ? 48  ARG A CZ  1 
ATOM   441  N NH1 . ARG A 1 69  ? -13.268 -12.765 -7.248  1.00 34.72 ? 48  ARG A NH1 1 
ATOM   442  N NH2 . ARG A 1 69  ? -13.746 -13.332 -5.076  1.00 32.31 ? 48  ARG A NH2 1 
ATOM   443  N N   . ARG A 1 70  ? -16.245 -10.084 0.204   1.00 21.19 ? 49  ARG A N   1 
ATOM   444  C CA  . ARG A 1 70  ? -16.845 -10.277 1.518   1.00 23.28 ? 49  ARG A CA  1 
ATOM   445  C C   . ARG A 1 70  ? -17.084 -8.955  2.235   1.00 23.61 ? 49  ARG A C   1 
ATOM   446  O O   . ARG A 1 70  ? -17.948 -8.865  3.106   1.00 24.72 ? 49  ARG A O   1 
ATOM   447  C CB  . ARG A 1 70  ? -15.957 -11.175 2.383   1.00 25.60 ? 49  ARG A CB  1 
ATOM   448  C CG  . ARG A 1 70  ? -15.875 -12.600 1.891   1.00 28.67 ? 49  ARG A CG  1 
ATOM   449  C CD  . ARG A 1 70  ? -14.995 -13.448 2.789   1.00 31.61 ? 49  ARG A CD  1 
ATOM   450  N NE  . ARG A 1 70  ? -14.931 -14.830 2.317   1.00 35.15 ? 49  ARG A NE  1 
ATOM   451  C CZ  . ARG A 1 70  ? -14.132 -15.757 2.835   1.00 36.27 ? 49  ARG A CZ  1 
ATOM   452  N NH1 . ARG A 1 70  ? -13.328 -15.449 3.844   1.00 37.15 ? 49  ARG A NH1 1 
ATOM   453  N NH2 . ARG A 1 70  ? -14.134 -16.990 2.341   1.00 37.03 ? 49  ARG A NH2 1 
ATOM   454  N N   . ALA A 1 71  ? -16.312 -7.934  1.870   1.00 21.28 ? 50  ALA A N   1 
ATOM   455  C CA  . ALA A 1 71  ? -16.441 -6.615  2.482   1.00 20.70 ? 50  ALA A CA  1 
ATOM   456  C C   . ALA A 1 71  ? -17.386 -5.749  1.662   1.00 19.79 ? 50  ALA A C   1 
ATOM   457  O O   . ALA A 1 71  ? -17.642 -4.594  2.007   1.00 18.79 ? 50  ALA A O   1 
ATOM   458  C CB  . ALA A 1 71  ? -15.073 -5.945  2.581   1.00 19.45 ? 50  ALA A CB  1 
ATOM   459  N N   . GLY A 1 72  ? -17.891 -6.317  0.572   1.00 19.57 ? 51  GLY A N   1 
ATOM   460  C CA  . GLY A 1 72  ? -18.808 -5.597  -0.293  1.00 20.03 ? 51  GLY A CA  1 
ATOM   461  C C   . GLY A 1 72  ? -18.142 -4.606  -1.229  1.00 20.54 ? 51  GLY A C   1 
ATOM   462  O O   . GLY A 1 72  ? -18.796 -3.705  -1.749  1.00 20.86 ? 51  GLY A O   1 
ATOM   463  N N   . VAL A 1 73  ? -16.843 -4.771  -1.458  1.00 19.39 ? 52  VAL A N   1 
ATOM   464  C CA  . VAL A 1 73  ? -16.105 -3.870  -2.337  1.00 16.76 ? 52  VAL A CA  1 
ATOM   465  C C   . VAL A 1 73  ? -15.910 -4.455  -3.732  1.00 17.31 ? 52  VAL A C   1 
ATOM   466  O O   . VAL A 1 73  ? -15.637 -5.644  -3.879  1.00 15.49 ? 52  VAL A O   1 
ATOM   467  C CB  . VAL A 1 73  ? -14.710 -3.545  -1.752  1.00 17.16 ? 52  VAL A CB  1 
ATOM   468  C CG1 . VAL A 1 73  ? -13.937 -2.656  -2.712  1.00 14.98 ? 52  VAL A CG1 1 
ATOM   469  C CG2 . VAL A 1 73  ? -14.854 -2.865  -0.399  1.00 17.45 ? 52  VAL A CG2 1 
ATOM   470  N N   . ASP A 1 74  ? -16.045 -3.618  -4.758  1.00 16.82 ? 53  ASP A N   1 
ATOM   471  C CA  . ASP A 1 74  ? -15.846 -4.074  -6.129  1.00 16.72 ? 53  ASP A CA  1 
ATOM   472  C C   . ASP A 1 74  ? -14.466 -4.727  -6.234  1.00 16.38 ? 53  ASP A C   1 
ATOM   473  O O   . ASP A 1 74  ? -13.446 -4.101  -5.920  1.00 13.57 ? 53  ASP A O   1 
ATOM   474  C CB  . ASP A 1 74  ? -15.943 -2.892  -7.096  1.00 20.11 ? 53  ASP A CB  1 
ATOM   475  C CG  . ASP A 1 74  ? -17.345 -2.706  -7.654  1.00 23.02 ? 53  ASP A CG  1 
ATOM   476  O OD1 . ASP A 1 74  ? -18.322 -2.866  -6.893  1.00 25.78 ? 53  ASP A OD1 1 
ATOM   477  O OD2 . ASP A 1 74  ? -17.467 -2.394  -8.856  1.00 26.65 ? 53  ASP A OD2 1 
ATOM   478  N N   . ALA A 1 75  ? -14.443 -5.982  -6.671  1.00 15.15 ? 54  ALA A N   1 
ATOM   479  C CA  . ALA A 1 75  ? -13.199 -6.734  -6.803  1.00 16.86 ? 54  ALA A CA  1 
ATOM   480  C C   . ALA A 1 75  ? -12.964 -7.051  -8.269  1.00 18.31 ? 54  ALA A C   1 
ATOM   481  O O   . ALA A 1 75  ? -13.702 -7.830  -8.873  1.00 20.05 ? 54  ALA A O   1 
ATOM   482  C CB  . ALA A 1 75  ? -13.282 -8.022  -5.988  1.00 16.54 ? 54  ALA A CB  1 
ATOM   483  N N   . LEU A 1 76  ? -11.923 -6.461  -8.842  1.00 17.69 ? 55  LEU A N   1 
ATOM   484  C CA  . LEU A 1 76  ? -11.645 -6.667  -10.253 1.00 18.17 ? 55  LEU A CA  1 
ATOM   485  C C   . LEU A 1 76  ? -10.326 -7.355  -10.543 1.00 17.67 ? 55  LEU A C   1 
ATOM   486  O O   . LEU A 1 76  ? -9.371  -7.250  -9.784  1.00 19.13 ? 55  LEU A O   1 
ATOM   487  C CB  . LEU A 1 76  ? -11.652 -5.322  -10.983 1.00 18.17 ? 55  LEU A CB  1 
ATOM   488  C CG  . LEU A 1 76  ? -12.783 -4.340  -10.682 1.00 20.84 ? 55  LEU A CG  1 
ATOM   489  C CD1 . LEU A 1 76  ? -12.645 -3.132  -11.607 1.00 19.27 ? 55  LEU A CD1 1 
ATOM   490  C CD2 . LEU A 1 76  ? -14.138 -5.020  -10.879 1.00 23.16 ? 55  LEU A CD2 1 
ATOM   491  N N   . HIS A 1 77  ? -10.292 -8.065  -11.662 1.00 17.48 ? 56  HIS A N   1 
ATOM   492  C CA  . HIS A 1 77  ? -9.088  -8.740  -12.105 1.00 18.57 ? 56  HIS A CA  1 
ATOM   493  C C   . HIS A 1 77  ? -8.745  -8.194  -13.479 1.00 18.07 ? 56  HIS A C   1 
ATOM   494  O O   . HIS A 1 77  ? -9.567  -8.232  -14.388 1.00 18.84 ? 56  HIS A O   1 
ATOM   495  C CB  . HIS A 1 77  ? -9.307  -10.250 -12.203 1.00 19.51 ? 56  HIS A CB  1 
ATOM   496  C CG  . HIS A 1 77  ? -8.291  -10.951 -13.054 1.00 20.57 ? 56  HIS A CG  1 
ATOM   497  N ND1 . HIS A 1 77  ? -6.933  -10.815 -12.859 1.00 20.12 ? 56  HIS A ND1 1 
ATOM   498  C CD2 . HIS A 1 77  ? -8.437  -11.799 -14.101 1.00 21.20 ? 56  HIS A CD2 1 
ATOM   499  C CE1 . HIS A 1 77  ? -6.286  -11.551 -13.746 1.00 19.35 ? 56  HIS A CE1 1 
ATOM   500  N NE2 . HIS A 1 77  ? -7.175  -12.157 -14.511 1.00 20.94 ? 56  HIS A NE2 1 
ATOM   501  N N   . MET A 1 78  ? -7.543  -7.658  -13.621 1.00 18.21 ? 57  MET A N   1 
ATOM   502  C CA  . MET A 1 78  ? -7.110  -7.145  -14.910 1.00 18.50 ? 57  MET A CA  1 
ATOM   503  C C   . MET A 1 78  ? -5.889  -7.965  -15.311 1.00 17.49 ? 57  MET A C   1 
ATOM   504  O O   . MET A 1 78  ? -4.898  -8.022  -14.590 1.00 18.57 ? 57  MET A O   1 
ATOM   505  C CB  . MET A 1 78  ? -6.808  -5.643  -14.818 1.00 17.63 ? 57  MET A CB  1 
ATOM   506  C CG  . MET A 1 78  ? -8.090  -4.808  -14.666 1.00 17.90 ? 57  MET A CG  1 
ATOM   507  S SD  . MET A 1 78  ? -7.877  -3.018  -14.653 1.00 18.88 ? 57  MET A SD  1 
ATOM   508  C CE  . MET A 1 78  ? -7.356  -2.737  -16.334 1.00 18.82 ? 57  MET A CE  1 
ATOM   509  N N   . ASP A 1 79  ? -5.994  -8.618  -16.462 1.00 15.98 ? 58  ASP A N   1 
ATOM   510  C CA  . ASP A 1 79  ? -4.948  -9.493  -16.976 1.00 17.42 ? 58  ASP A CA  1 
ATOM   511  C C   . ASP A 1 79  ? -3.889  -8.791  -17.823 1.00 16.35 ? 58  ASP A C   1 
ATOM   512  O O   . ASP A 1 79  ? -4.172  -8.305  -18.921 1.00 15.06 ? 58  ASP A O   1 
ATOM   513  C CB  . ASP A 1 79  ? -5.604  -10.611 -17.794 1.00 19.38 ? 58  ASP A CB  1 
ATOM   514  C CG  . ASP A 1 79  ? -4.653  -11.740 -18.117 1.00 20.33 ? 58  ASP A CG  1 
ATOM   515  O OD1 . ASP A 1 79  ? -3.429  -11.566 -17.950 1.00 22.52 ? 58  ASP A OD1 1 
ATOM   516  O OD2 . ASP A 1 79  ? -5.138  -12.804 -18.550 1.00 23.25 ? 58  ASP A OD2 1 
ATOM   517  N N   . PRO A 1 80  ? -2.644  -8.740  -17.326 1.00 16.38 ? 59  PRO A N   1 
ATOM   518  C CA  . PRO A 1 80  ? -1.536  -8.098  -18.040 1.00 18.98 ? 59  PRO A CA  1 
ATOM   519  C C   . PRO A 1 80  ? -1.293  -8.698  -19.428 1.00 19.81 ? 59  PRO A C   1 
ATOM   520  O O   . PRO A 1 80  ? -0.924  -7.987  -20.363 1.00 20.47 ? 59  PRO A O   1 
ATOM   521  C CB  . PRO A 1 80  ? -0.350  -8.319  -17.105 1.00 18.98 ? 59  PRO A CB  1 
ATOM   522  C CG  . PRO A 1 80  ? -0.987  -8.306  -15.756 1.00 18.41 ? 59  PRO A CG  1 
ATOM   523  C CD  . PRO A 1 80  ? -2.225  -9.149  -15.975 1.00 17.33 ? 59  PRO A CD  1 
ATOM   524  N N   . ALA A 1 81  ? -1.504  -10.006 -19.555 1.00 19.27 ? 60  ALA A N   1 
ATOM   525  C CA  . ALA A 1 81  ? -1.299  -10.695 -20.826 1.00 20.08 ? 60  ALA A CA  1 
ATOM   526  C C   . ALA A 1 81  ? -2.313  -10.270 -21.883 1.00 20.42 ? 60  ALA A C   1 
ATOM   527  O O   . ALA A 1 81  ? -2.178  -10.618 -23.057 1.00 20.08 ? 60  ALA A O   1 
ATOM   528  C CB  . ALA A 1 81  ? -1.367  -12.211 -20.618 1.00 20.45 ? 60  ALA A CB  1 
ATOM   529  N N   . ALA A 1 82  ? -3.329  -9.520  -21.468 1.00 20.49 ? 61  ALA A N   1 
ATOM   530  C CA  . ALA A 1 82  ? -4.350  -9.060  -22.398 1.00 19.94 ? 61  ALA A CA  1 
ATOM   531  C C   . ALA A 1 82  ? -3.986  -7.697  -22.974 1.00 19.67 ? 61  ALA A C   1 
ATOM   532  O O   . ALA A 1 82  ? -4.747  -7.126  -23.752 1.00 20.92 ? 61  ALA A O   1 
ATOM   533  C CB  . ALA A 1 82  ? -5.702  -8.986  -21.700 1.00 20.41 ? 61  ALA A CB  1 
ATOM   534  N N   . TYR A 1 83  ? -2.825  -7.183  -22.582 1.00 19.30 ? 62  TYR A N   1 
ATOM   535  C CA  . TYR A 1 83  ? -2.348  -5.884  -23.052 1.00 17.58 ? 62  TYR A CA  1 
ATOM   536  C C   . TYR A 1 83  ? -0.998  -6.046  -23.753 1.00 18.99 ? 62  TYR A C   1 
ATOM   537  O O   . TYR A 1 83  ? -0.175  -6.865  -23.345 1.00 17.61 ? 62  TYR A O   1 
ATOM   538  C CB  . TYR A 1 83  ? -2.245  -4.916  -21.870 1.00 16.02 ? 62  TYR A CB  1 
ATOM   539  C CG  . TYR A 1 83  ? -3.597  -4.577  -21.290 1.00 16.71 ? 62  TYR A CG  1 
ATOM   540  C CD1 . TYR A 1 83  ? -4.342  -3.503  -21.782 1.00 15.59 ? 62  TYR A CD1 1 
ATOM   541  C CD2 . TYR A 1 83  ? -4.166  -5.374  -20.299 1.00 16.76 ? 62  TYR A CD2 1 
ATOM   542  C CE1 . TYR A 1 83  ? -5.620  -3.234  -21.303 1.00 15.73 ? 62  TYR A CE1 1 
ATOM   543  C CE2 . TYR A 1 83  ? -5.442  -5.116  -19.815 1.00 15.61 ? 62  TYR A CE2 1 
ATOM   544  C CZ  . TYR A 1 83  ? -6.163  -4.047  -20.320 1.00 17.21 ? 62  TYR A CZ  1 
ATOM   545  O OH  . TYR A 1 83  ? -7.427  -3.798  -19.841 1.00 16.42 ? 62  TYR A OH  1 
ATOM   546  N N   . PRO A 1 84  ? -0.760  -5.260  -24.819 1.00 19.78 ? 63  PRO A N   1 
ATOM   547  C CA  . PRO A 1 84  ? 0.467   -5.277  -25.629 1.00 19.89 ? 63  PRO A CA  1 
ATOM   548  C C   . PRO A 1 84  ? 1.785   -4.930  -24.950 1.00 20.25 ? 63  PRO A C   1 
ATOM   549  O O   . PRO A 1 84  ? 2.845   -5.315  -25.435 1.00 19.61 ? 63  PRO A O   1 
ATOM   550  C CB  . PRO A 1 84  ? 0.140   -4.311  -26.766 1.00 19.93 ? 63  PRO A CB  1 
ATOM   551  C CG  . PRO A 1 84  ? -0.765  -3.322  -26.100 1.00 20.81 ? 63  PRO A CG  1 
ATOM   552  C CD  . PRO A 1 84  ? -1.683  -4.219  -25.305 1.00 17.24 ? 63  PRO A CD  1 
ATOM   553  N N   . SER A 1 85  ? 1.734   -4.217  -23.833 1.00 21.11 ? 64  SER A N   1 
ATOM   554  C CA  . SER A 1 85  ? 2.962   -3.837  -23.148 1.00 21.08 ? 64  SER A CA  1 
ATOM   555  C C   . SER A 1 85  ? 2.731   -3.533  -21.676 1.00 21.93 ? 64  SER A C   1 
ATOM   556  O O   . SER A 1 85  ? 1.591   -3.467  -21.213 1.00 21.32 ? 64  SER A O   1 
ATOM   557  C CB  . SER A 1 85  ? 3.558   -2.593  -23.802 1.00 19.95 ? 64  SER A CB  1 
ATOM   558  O OG  . SER A 1 85  ? 2.746   -1.458  -23.528 1.00 17.08 ? 64  SER A OG  1 
ATOM   559  N N   . ARG A 1 86  ? 3.829   -3.332  -20.952 1.00 23.70 ? 65  ARG A N   1 
ATOM   560  C CA  . ARG A 1 86  ? 3.768   -3.006  -19.533 1.00 26.25 ? 65  ARG A CA  1 
ATOM   561  C C   . ARG A 1 86  ? 3.127   -1.637  -19.362 1.00 25.63 ? 65  ARG A C   1 
ATOM   562  O O   . ARG A 1 86  ? 2.258   -1.449  -18.513 1.00 26.41 ? 65  ARG A O   1 
ATOM   563  C CB  . ARG A 1 86  ? 5.170   -2.983  -18.929 1.00 27.37 ? 65  ARG A CB  1 
ATOM   564  C CG  . ARG A 1 86  ? 5.867   -4.327  -18.934 1.00 34.20 ? 65  ARG A CG  1 
ATOM   565  C CD  . ARG A 1 86  ? 7.234   -4.229  -18.276 1.00 38.50 ? 65  ARG A CD  1 
ATOM   566  N NE  . ARG A 1 86  ? 7.937   -5.510  -18.263 1.00 43.35 ? 65  ARG A NE  1 
ATOM   567  C CZ  . ARG A 1 86  ? 7.491   -6.605  -17.653 1.00 45.32 ? 65  ARG A CZ  1 
ATOM   568  N NH1 . ARG A 1 86  ? 6.336   -6.584  -16.999 1.00 46.50 ? 65  ARG A NH1 1 
ATOM   569  N NH2 . ARG A 1 86  ? 8.206   -7.721  -17.691 1.00 45.91 ? 65  ARG A NH2 1 
ATOM   570  N N   . THR A 1 87  ? 3.568   -0.680  -20.168 1.00 23.98 ? 66  THR A N   1 
ATOM   571  C CA  . THR A 1 87  ? 3.023   0.667   -20.100 1.00 24.13 ? 66  THR A CA  1 
ATOM   572  C C   . THR A 1 87  ? 1.532   0.636   -20.400 1.00 22.51 ? 66  THR A C   1 
ATOM   573  O O   . THR A 1 87  ? 0.743   1.303   -19.735 1.00 22.66 ? 66  THR A O   1 
ATOM   574  C CB  . THR A 1 87  ? 3.720   1.596   -21.106 1.00 24.81 ? 66  THR A CB  1 
ATOM   575  O OG1 . THR A 1 87  ? 5.119   1.647   -20.805 1.00 27.86 ? 66  THR A OG1 1 
ATOM   576  C CG2 . THR A 1 87  ? 3.136   3.002   -21.033 1.00 24.48 ? 66  THR A CG2 1 
ATOM   577  N N   . ALA A 1 88  ? 1.150   -0.148  -21.402 1.00 20.93 ? 67  ALA A N   1 
ATOM   578  C CA  . ALA A 1 88  ? -0.252  -0.260  -21.777 1.00 20.17 ? 67  ALA A CA  1 
ATOM   579  C C   . ALA A 1 88  ? -1.068  -0.760  -20.592 1.00 19.06 ? 67  ALA A C   1 
ATOM   580  O O   . ALA A 1 88  ? -2.135  -0.222  -20.294 1.00 17.24 ? 67  ALA A O   1 
ATOM   581  C CB  . ALA A 1 88  ? -0.407  -1.209  -22.963 1.00 20.75 ? 67  ALA A CB  1 
ATOM   582  N N   . PHE A 1 89  ? -0.566  -1.785  -19.911 1.00 18.88 ? 68  PHE A N   1 
ATOM   583  C CA  . PHE A 1 89  ? -1.287  -2.320  -18.762 1.00 19.04 ? 68  PHE A CA  1 
ATOM   584  C C   . PHE A 1 89  ? -1.453  -1.245  -17.689 1.00 19.21 ? 68  PHE A C   1 
ATOM   585  O O   . PHE A 1 89  ? -2.539  -1.073  -17.141 1.00 19.05 ? 68  PHE A O   1 
ATOM   586  C CB  . PHE A 1 89  ? -0.559  -3.530  -18.165 1.00 17.94 ? 68  PHE A CB  1 
ATOM   587  C CG  . PHE A 1 89  ? -1.305  -4.183  -17.031 1.00 18.69 ? 68  PHE A CG  1 
ATOM   588  C CD1 . PHE A 1 89  ? -2.508  -4.844  -17.264 1.00 18.15 ? 68  PHE A CD1 1 
ATOM   589  C CD2 . PHE A 1 89  ? -0.824  -4.108  -15.727 1.00 19.45 ? 68  PHE A CD2 1 
ATOM   590  C CE1 . PHE A 1 89  ? -3.225  -5.422  -16.213 1.00 18.77 ? 68  PHE A CE1 1 
ATOM   591  C CE2 . PHE A 1 89  ? -1.532  -4.682  -14.666 1.00 18.68 ? 68  PHE A CE2 1 
ATOM   592  C CZ  . PHE A 1 89  ? -2.736  -5.339  -14.912 1.00 17.83 ? 68  PHE A CZ  1 
ATOM   593  N N   . ASP A 1 90  ? -0.380  -0.515  -17.393 1.00 19.15 ? 69  ASP A N   1 
ATOM   594  C CA  . ASP A 1 90  ? -0.462  0.523   -16.372 1.00 20.79 ? 69  ASP A CA  1 
ATOM   595  C C   . ASP A 1 90  ? -1.436  1.636   -16.739 1.00 19.02 ? 69  ASP A C   1 
ATOM   596  O O   . ASP A 1 90  ? -2.090  2.197   -15.861 1.00 16.45 ? 69  ASP A O   1 
ATOM   597  C CB  . ASP A 1 90  ? 0.923   1.100   -16.069 1.00 24.67 ? 69  ASP A CB  1 
ATOM   598  C CG  . ASP A 1 90  ? 1.254   1.051   -14.587 1.00 29.74 ? 69  ASP A CG  1 
ATOM   599  O OD1 . ASP A 1 90  ? 1.221   -0.058  -14.011 1.00 35.10 ? 69  ASP A OD1 1 
ATOM   600  O OD2 . ASP A 1 90  ? 1.536   2.115   -13.996 1.00 34.55 ? 69  ASP A OD2 1 
ATOM   601  N N   . ALA A 1 91  ? -1.541  1.943   -18.030 1.00 16.47 ? 70  ALA A N   1 
ATOM   602  C CA  . ALA A 1 91  ? -2.465  2.974   -18.493 1.00 17.03 ? 70  ALA A CA  1 
ATOM   603  C C   . ALA A 1 91  ? -3.897  2.504   -18.251 1.00 16.89 ? 70  ALA A C   1 
ATOM   604  O O   . ALA A 1 91  ? -4.745  3.275   -17.806 1.00 19.14 ? 70  ALA A O   1 
ATOM   605  C CB  . ALA A 1 91  ? -2.246  3.258   -19.986 1.00 16.78 ? 70  ALA A CB  1 
ATOM   606  N N   . ALA A 1 92  ? -4.160  1.234   -18.547 1.00 16.52 ? 71  ALA A N   1 
ATOM   607  C CA  . ALA A 1 92  ? -5.489  0.658   -18.347 1.00 14.56 ? 71  ALA A CA  1 
ATOM   608  C C   . ALA A 1 92  ? -5.821  0.635   -16.859 1.00 12.99 ? 71  ALA A C   1 
ATOM   609  O O   . ALA A 1 92  ? -6.951  0.906   -16.460 1.00 11.98 ? 71  ALA A O   1 
ATOM   610  C CB  . ALA A 1 92  ? -5.542  -0.756  -18.924 1.00 14.88 ? 71  ALA A CB  1 
ATOM   611  N N   . LEU A 1 93  ? -4.831  0.306   -16.037 1.00 12.75 ? 72  LEU A N   1 
ATOM   612  C CA  . LEU A 1 93  ? -5.029  0.272   -14.596 1.00 12.64 ? 72  LEU A CA  1 
ATOM   613  C C   . LEU A 1 93  ? -5.443  1.654   -14.117 1.00 11.07 ? 72  LEU A C   1 
ATOM   614  O O   . LEU A 1 93  ? -6.450  1.813   -13.432 1.00 10.14 ? 72  LEU A O   1 
ATOM   615  C CB  . LEU A 1 93  ? -3.737  -0.127  -13.874 1.00 14.81 ? 72  LEU A CB  1 
ATOM   616  C CG  . LEU A 1 93  ? -3.397  -1.609  -13.714 1.00 19.69 ? 72  LEU A CG  1 
ATOM   617  C CD1 . LEU A 1 93  ? -2.027  -1.745  -13.052 1.00 20.64 ? 72  LEU A CD1 1 
ATOM   618  C CD2 . LEU A 1 93  ? -4.469  -2.291  -12.864 1.00 20.02 ? 72  LEU A CD2 1 
ATOM   619  N N   . ALA A 1 94  ? -4.643  2.650   -14.479 1.00 11.25 ? 73  ALA A N   1 
ATOM   620  C CA  . ALA A 1 94  ? -4.899  4.027   -14.091 1.00 12.78 ? 73  ALA A CA  1 
ATOM   621  C C   . ALA A 1 94  ? -6.296  4.458   -14.506 1.00 13.43 ? 73  ALA A C   1 
ATOM   622  O O   . ALA A 1 94  ? -7.020  5.092   -13.741 1.00 12.84 ? 73  ALA A O   1 
ATOM   623  C CB  . ALA A 1 94  ? -3.865  4.945   -14.728 1.00 13.25 ? 73  ALA A CB  1 
ATOM   624  N N   . GLU A 1 95  ? -6.671  4.112   -15.730 1.00 14.72 ? 74  GLU A N   1 
ATOM   625  C CA  . GLU A 1 95  ? -7.978  4.488   -16.240 1.00 16.16 ? 74  GLU A CA  1 
ATOM   626  C C   . GLU A 1 95  ? -9.083  3.869   -15.397 1.00 15.49 ? 74  GLU A C   1 
ATOM   627  O O   . GLU A 1 95  ? -10.030 4.550   -15.019 1.00 13.82 ? 74  GLU A O   1 
ATOM   628  C CB  . GLU A 1 95  ? -8.115  4.040   -17.693 1.00 18.98 ? 74  GLU A CB  1 
ATOM   629  C CG  . GLU A 1 95  ? -9.384  4.501   -18.370 1.00 22.36 ? 74  GLU A CG  1 
ATOM   630  C CD  . GLU A 1 95  ? -9.477  4.003   -19.797 1.00 25.24 ? 74  GLU A CD  1 
ATOM   631  O OE1 . GLU A 1 95  ? -9.623  2.776   -19.997 1.00 25.81 ? 74  GLU A OE1 1 
ATOM   632  O OE2 . GLU A 1 95  ? -9.396  4.839   -20.720 1.00 28.34 ? 74  GLU A OE2 1 
ATOM   633  N N   . ARG A 1 96  ? -8.958  2.580   -15.094 1.00 15.35 ? 75  ARG A N   1 
ATOM   634  C CA  . ARG A 1 96  ? -9.979  1.902   -14.299 1.00 16.34 ? 75  ARG A CA  1 
ATOM   635  C C   . ARG A 1 96  ? -10.103 2.548   -12.922 1.00 15.41 ? 75  ARG A C   1 
ATOM   636  O O   . ARG A 1 96  ? -11.210 2.737   -12.410 1.00 15.77 ? 75  ARG A O   1 
ATOM   637  C CB  . ARG A 1 96  ? -9.652  0.413   -14.144 1.00 17.58 ? 75  ARG A CB  1 
ATOM   638  C CG  . ARG A 1 96  ? -10.762 -0.394  -13.470 1.00 20.64 ? 75  ARG A CG  1 
ATOM   639  C CD  . ARG A 1 96  ? -12.062 -0.310  -14.268 1.00 24.30 ? 75  ARG A CD  1 
ATOM   640  N NE  . ARG A 1 96  ? -11.844 -0.723  -15.650 1.00 27.02 ? 75  ARG A NE  1 
ATOM   641  C CZ  . ARG A 1 96  ? -11.568 -1.968  -16.022 1.00 29.82 ? 75  ARG A CZ  1 
ATOM   642  N NH1 . ARG A 1 96  ? -11.488 -2.932  -15.115 1.00 31.98 ? 75  ARG A NH1 1 
ATOM   643  N NH2 . ARG A 1 96  ? -11.338 -2.245  -17.296 1.00 29.85 ? 75  ARG A NH2 1 
ATOM   644  N N   . LEU A 1 97  ? -8.964  2.895   -12.331 1.00 12.60 ? 76  LEU A N   1 
ATOM   645  C CA  . LEU A 1 97  ? -8.956  3.518   -11.014 1.00 12.51 ? 76  LEU A CA  1 
ATOM   646  C C   . LEU A 1 97  ? -9.709  4.845   -11.043 1.00 14.51 ? 76  LEU A C   1 
ATOM   647  O O   . LEU A 1 97  ? -10.467 5.152   -10.123 1.00 14.92 ? 76  LEU A O   1 
ATOM   648  C CB  . LEU A 1 97  ? -7.512  3.722   -10.536 1.00 9.10  ? 76  LEU A CB  1 
ATOM   649  C CG  . LEU A 1 97  ? -6.772  2.415   -10.211 1.00 9.25  ? 76  LEU A CG  1 
ATOM   650  C CD1 . LEU A 1 97  ? -5.276  2.667   -10.000 1.00 6.79  ? 76  LEU A CD1 1 
ATOM   651  C CD2 . LEU A 1 97  ? -7.396  1.791   -8.972  1.00 8.12  ? 76  LEU A CD2 1 
ATOM   652  N N   . GLN A 1 98  ? -9.512  5.621   -12.105 1.00 15.11 ? 77  GLN A N   1 
ATOM   653  C CA  . GLN A 1 98  ? -10.196 6.904   -12.229 1.00 17.30 ? 77  GLN A CA  1 
ATOM   654  C C   . GLN A 1 98  ? -11.714 6.750   -12.294 1.00 16.54 ? 77  GLN A C   1 
ATOM   655  O O   . GLN A 1 98  ? -12.445 7.563   -11.735 1.00 16.43 ? 77  GLN A O   1 
ATOM   656  C CB  . GLN A 1 98  ? -9.696  7.649   -13.464 1.00 19.39 ? 77  GLN A CB  1 
ATOM   657  C CG  . GLN A 1 98  ? -8.221  7.973   -13.406 1.00 22.06 ? 77  GLN A CG  1 
ATOM   658  C CD  . GLN A 1 98  ? -7.759  8.795   -14.590 1.00 26.31 ? 77  GLN A CD  1 
ATOM   659  O OE1 . GLN A 1 98  ? -8.034  8.453   -15.743 1.00 27.48 ? 77  GLN A OE1 1 
ATOM   660  N NE2 . GLN A 1 98  ? -7.046  9.884   -14.314 1.00 26.57 ? 77  GLN A NE2 1 
ATOM   661  N N   . ALA A 1 99  ? -12.187 5.709   -12.972 1.00 16.80 ? 78  ALA A N   1 
ATOM   662  C CA  . ALA A 1 99  ? -13.626 5.472   -13.080 1.00 16.76 ? 78  ALA A CA  1 
ATOM   663  C C   . ALA A 1 99  ? -14.241 5.326   -11.692 1.00 17.05 ? 78  ALA A C   1 
ATOM   664  O O   . ALA A 1 99  ? -15.433 5.562   -11.498 1.00 16.61 ? 78  ALA A O   1 
ATOM   665  C CB  . ALA A 1 99  ? -13.897 4.215   -13.910 1.00 16.02 ? 78  ALA A CB  1 
ATOM   666  N N   . TYR A 1 100 ? -13.420 4.930   -10.726 1.00 17.62 ? 79  TYR A N   1 
ATOM   667  C CA  . TYR A 1 100 ? -13.873 4.759   -9.353  1.00 17.84 ? 79  TYR A CA  1 
ATOM   668  C C   . TYR A 1 100 ? -13.532 5.979   -8.516  1.00 17.96 ? 79  TYR A C   1 
ATOM   669  O O   . TYR A 1 100 ? -13.693 5.972   -7.293  1.00 20.36 ? 79  TYR A O   1 
ATOM   670  C CB  . TYR A 1 100 ? -13.241 3.505   -8.748  1.00 19.33 ? 79  TYR A CB  1 
ATOM   671  C CG  . TYR A 1 100 ? -13.920 2.229   -9.194  1.00 18.48 ? 79  TYR A CG  1 
ATOM   672  C CD1 . TYR A 1 100 ? -15.021 1.728   -8.503  1.00 19.50 ? 79  TYR A CD1 1 
ATOM   673  C CD2 . TYR A 1 100 ? -13.488 1.547   -10.330 1.00 18.97 ? 79  TYR A CD2 1 
ATOM   674  C CE1 . TYR A 1 100 ? -15.679 0.581   -8.932  1.00 20.30 ? 79  TYR A CE1 1 
ATOM   675  C CE2 . TYR A 1 100 ? -14.140 0.397   -10.770 1.00 21.47 ? 79  TYR A CE2 1 
ATOM   676  C CZ  . TYR A 1 100 ? -15.234 -0.078  -10.064 1.00 21.45 ? 79  TYR A CZ  1 
ATOM   677  O OH  . TYR A 1 100 ? -15.885 -1.209  -10.492 1.00 24.33 ? 79  TYR A OH  1 
ATOM   678  N N   . GLY A 1 101 ? -13.047 7.023   -9.186  1.00 16.75 ? 80  GLY A N   1 
ATOM   679  C CA  . GLY A 1 101 ? -12.697 8.261   -8.512  1.00 13.76 ? 80  GLY A CA  1 
ATOM   680  C C   . GLY A 1 101 ? -11.687 8.138   -7.388  1.00 13.91 ? 80  GLY A C   1 
ATOM   681  O O   . GLY A 1 101 ? -11.723 8.913   -6.434  1.00 13.12 ? 80  GLY A O   1 
ATOM   682  N N   . VAL A 1 102 ? -10.773 7.182   -7.506  1.00 13.27 ? 81  VAL A N   1 
ATOM   683  C CA  . VAL A 1 102 ? -9.752  6.958   -6.485  1.00 13.52 ? 81  VAL A CA  1 
ATOM   684  C C   . VAL A 1 102 ? -8.878  8.183   -6.178  1.00 13.32 ? 81  VAL A C   1 
ATOM   685  O O   . VAL A 1 102 ? -8.358  8.833   -7.086  1.00 10.35 ? 81  VAL A O   1 
ATOM   686  C CB  . VAL A 1 102 ? -8.840  5.778   -6.896  1.00 13.26 ? 81  VAL A CB  1 
ATOM   687  C CG1 . VAL A 1 102 ? -7.662  5.653   -5.933  1.00 12.55 ? 81  VAL A CG1 1 
ATOM   688  C CG2 . VAL A 1 102 ? -9.658  4.488   -6.908  1.00 11.89 ? 81  VAL A CG2 1 
ATOM   689  N N   . ASP A 1 103 ? -8.726  8.480   -4.886  1.00 11.92 ? 82  ASP A N   1 
ATOM   690  C CA  . ASP A 1 103 ? -7.915  9.606   -4.426  1.00 13.02 ? 82  ASP A CA  1 
ATOM   691  C C   . ASP A 1 103 ? -6.542  9.121   -3.972  1.00 11.98 ? 82  ASP A C   1 
ATOM   692  O O   . ASP A 1 103 ? -5.566  9.868   -4.006  1.00 11.14 ? 82  ASP A O   1 
ATOM   693  C CB  . ASP A 1 103 ? -8.585  10.318  -3.243  1.00 13.17 ? 82  ASP A CB  1 
ATOM   694  C CG  . ASP A 1 103 ? -9.941  10.906  -3.598  1.00 14.85 ? 82  ASP A CG  1 
ATOM   695  O OD1 . ASP A 1 103 ? -10.013 11.717  -4.545  1.00 14.13 ? 82  ASP A OD1 1 
ATOM   696  O OD2 . ASP A 1 103 ? -10.933 10.560  -2.922  1.00 14.75 ? 82  ASP A OD2 1 
ATOM   697  N N   . LEU A 1 104 ? -6.480  7.870   -3.529  1.00 11.13 ? 83  LEU A N   1 
ATOM   698  C CA  . LEU A 1 104 ? -5.227  7.291   -3.051  1.00 10.37 ? 83  LEU A CA  1 
ATOM   699  C C   . LEU A 1 104 ? -5.097  5.828   -3.466  1.00 9.70  ? 83  LEU A C   1 
ATOM   700  O O   . LEU A 1 104 ? -5.977  5.007   -3.198  1.00 8.73  ? 83  LEU A O   1 
ATOM   701  C CB  . LEU A 1 104 ? -5.155  7.386   -1.523  1.00 9.92  ? 83  LEU A CB  1 
ATOM   702  C CG  . LEU A 1 104 ? -3.906  6.786   -0.868  1.00 9.06  ? 83  LEU A CG  1 
ATOM   703  C CD1 . LEU A 1 104 ? -2.715  7.690   -1.135  1.00 7.62  ? 83  LEU A CD1 1 
ATOM   704  C CD2 . LEU A 1 104 ? -4.131  6.624   0.637   1.00 8.73  ? 83  LEU A CD2 1 
ATOM   705  N N   . VAL A 1 105 ? -3.992  5.509   -4.125  1.00 10.19 ? 84  VAL A N   1 
ATOM   706  C CA  . VAL A 1 105 ? -3.739  4.146   -4.554  1.00 8.92  ? 84  VAL A CA  1 
ATOM   707  C C   . VAL A 1 105 ? -2.810  3.520   -3.522  1.00 9.31  ? 84  VAL A C   1 
ATOM   708  O O   . VAL A 1 105 ? -1.780  4.097   -3.178  1.00 9.75  ? 84  VAL A O   1 
ATOM   709  C CB  . VAL A 1 105 ? -3.051  4.103   -5.934  1.00 9.69  ? 84  VAL A CB  1 
ATOM   710  C CG1 . VAL A 1 105 ? -2.824  2.665   -6.345  1.00 8.34  ? 84  VAL A CG1 1 
ATOM   711  C CG2 . VAL A 1 105 ? -3.903  4.831   -6.974  1.00 9.01  ? 84  VAL A CG2 1 
ATOM   712  N N   . CYS A 1 106 ? -3.188  2.354   -3.013  1.00 8.24  ? 85  CYS A N   1 
ATOM   713  C CA  . CYS A 1 106 ? -2.369  1.658   -2.033  1.00 9.24  ? 85  CYS A CA  1 
ATOM   714  C C   . CYS A 1 106 ? -1.956  0.303   -2.582  1.00 9.93  ? 85  CYS A C   1 
ATOM   715  O O   . CYS A 1 106 ? -2.803  -0.510  -2.946  1.00 11.50 ? 85  CYS A O   1 
ATOM   716  C CB  . CYS A 1 106 ? -3.141  1.468   -0.725  1.00 11.18 ? 85  CYS A CB  1 
ATOM   717  S SG  . CYS A 1 106 ? -3.477  3.001   0.169   1.00 10.45 ? 85  CYS A SG  1 
ATOM   718  N N   . LEU A 1 107 ? -0.652  0.065   -2.655  1.00 11.08 ? 86  LEU A N   1 
ATOM   719  C CA  . LEU A 1 107 ? -0.166  -1.213  -3.142  1.00 11.93 ? 86  LEU A CA  1 
ATOM   720  C C   . LEU A 1 107 ? -0.116  -2.184  -1.974  1.00 12.89 ? 86  LEU A C   1 
ATOM   721  O O   . LEU A 1 107 ? 0.506   -1.908  -0.951  1.00 14.49 ? 86  LEU A O   1 
ATOM   722  C CB  . LEU A 1 107 ? 1.228   -1.063  -3.749  1.00 13.89 ? 86  LEU A CB  1 
ATOM   723  C CG  . LEU A 1 107 ? 1.368   -0.009  -4.851  1.00 15.86 ? 86  LEU A CG  1 
ATOM   724  C CD1 . LEU A 1 107 ? 2.759   -0.101  -5.462  1.00 17.69 ? 86  LEU A CD1 1 
ATOM   725  C CD2 . LEU A 1 107 ? 0.319   -0.226  -5.917  1.00 16.38 ? 86  LEU A CD2 1 
ATOM   726  N N   . ALA A 1 108 ? -0.793  -3.315  -2.118  1.00 12.32 ? 87  ALA A N   1 
ATOM   727  C CA  . ALA A 1 108 ? -0.794  -4.321  -1.065  1.00 14.36 ? 87  ALA A CA  1 
ATOM   728  C C   . ALA A 1 108 ? -0.446  -5.667  -1.681  1.00 13.75 ? 87  ALA A C   1 
ATOM   729  O O   . ALA A 1 108 ? -1.326  -6.438  -2.038  1.00 13.52 ? 87  ALA A O   1 
ATOM   730  C CB  . ALA A 1 108 ? -2.157  -4.381  -0.389  1.00 11.82 ? 87  ALA A CB  1 
ATOM   731  N N   . GLY A 1 109 ? 0.849   -5.932  -1.815  1.00 16.95 ? 88  GLY A N   1 
ATOM   732  C CA  . GLY A 1 109 ? 1.286   -7.190  -2.393  1.00 20.08 ? 88  GLY A CA  1 
ATOM   733  C C   . GLY A 1 109 ? 1.337   -7.164  -3.908  1.00 21.34 ? 88  GLY A C   1 
ATOM   734  O O   . GLY A 1 109 ? 1.655   -8.171  -4.539  1.00 21.75 ? 88  GLY A O   1 
ATOM   735  N N   . TYR A 1 110 ? 1.018   -6.016  -4.497  1.00 22.19 ? 89  TYR A N   1 
ATOM   736  C CA  . TYR A 1 110 ? 1.046   -5.868  -5.950  1.00 24.68 ? 89  TYR A CA  1 
ATOM   737  C C   . TYR A 1 110 ? 2.491   -6.061  -6.402  1.00 26.50 ? 89  TYR A C   1 
ATOM   738  O O   . TYR A 1 110 ? 3.336   -5.199  -6.194  1.00 26.94 ? 89  TYR A O   1 
ATOM   739  C CB  . TYR A 1 110 ? 0.537   -4.477  -6.339  1.00 23.02 ? 89  TYR A CB  1 
ATOM   740  C CG  . TYR A 1 110 ? 0.515   -4.201  -7.825  1.00 22.36 ? 89  TYR A CG  1 
ATOM   741  C CD1 . TYR A 1 110 ? -0.300  -4.940  -8.687  1.00 22.40 ? 89  TYR A CD1 1 
ATOM   742  C CD2 . TYR A 1 110 ? 1.300   -3.187  -8.369  1.00 21.86 ? 89  TYR A CD2 1 
ATOM   743  C CE1 . TYR A 1 110 ? -0.331  -4.671  -10.058 1.00 20.49 ? 89  TYR A CE1 1 
ATOM   744  C CE2 . TYR A 1 110 ? 1.277   -2.908  -9.735  1.00 22.20 ? 89  TYR A CE2 1 
ATOM   745  C CZ  . TYR A 1 110 ? 0.461   -3.650  -10.573 1.00 22.14 ? 89  TYR A CZ  1 
ATOM   746  O OH  . TYR A 1 110 ? 0.437   -3.355  -11.921 1.00 20.24 ? 89  TYR A OH  1 
ATOM   747  N N   . MET A 1 111 ? 2.762   -7.202  -7.028  1.00 31.23 ? 90  MET A N   1 
ATOM   748  C CA  . MET A 1 111 ? 4.113   -7.537  -7.468  1.00 33.49 ? 90  MET A CA  1 
ATOM   749  C C   . MET A 1 111 ? 4.532   -7.050  -8.849  1.00 33.67 ? 90  MET A C   1 
ATOM   750  O O   . MET A 1 111 ? 5.201   -7.775  -9.588  1.00 35.30 ? 90  MET A O   1 
ATOM   751  C CB  . MET A 1 111 ? 4.314   -9.052  -7.379  1.00 36.27 ? 90  MET A CB  1 
ATOM   752  C CG  . MET A 1 111 ? 4.283   -9.581  -5.958  1.00 40.12 ? 90  MET A CG  1 
ATOM   753  S SD  . MET A 1 111 ? 5.548   -8.804  -4.924  1.00 47.04 ? 90  MET A SD  1 
ATOM   754  C CE  . MET A 1 111 ? 4.649   -7.410  -4.231  1.00 44.47 ? 90  MET A CE  1 
ATOM   755  N N   . ARG A 1 112 ? 4.154   -5.822  -9.190  1.00 32.31 ? 91  ARG A N   1 
ATOM   756  C CA  . ARG A 1 112 ? 4.509   -5.237  -10.480 1.00 31.17 ? 91  ARG A CA  1 
ATOM   757  C C   . ARG A 1 112 ? 4.959   -3.803  -10.272 1.00 29.29 ? 91  ARG A C   1 
ATOM   758  O O   . ARG A 1 112 ? 4.452   -3.109  -9.391  1.00 28.82 ? 91  ARG A O   1 
ATOM   759  C CB  . ARG A 1 112 ? 3.312   -5.239  -11.437 1.00 32.93 ? 91  ARG A CB  1 
ATOM   760  C CG  . ARG A 1 112 ? 2.835   -6.610  -11.880 1.00 35.35 ? 91  ARG A CG  1 
ATOM   761  C CD  . ARG A 1 112 ? 1.610   -6.473  -12.770 1.00 36.92 ? 91  ARG A CD  1 
ATOM   762  N NE  . ARG A 1 112 ? 1.905   -5.750  -14.005 1.00 37.99 ? 91  ARG A NE  1 
ATOM   763  C CZ  . ARG A 1 112 ? 2.514   -6.286  -15.058 1.00 40.36 ? 91  ARG A CZ  1 
ATOM   764  N NH1 . ARG A 1 112 ? 2.894   -7.561  -15.032 1.00 39.62 ? 91  ARG A NH1 1 
ATOM   765  N NH2 . ARG A 1 112 ? 2.744   -5.551  -16.140 1.00 38.34 ? 91  ARG A NH2 1 
ATOM   766  N N   . LEU A 1 113 ? 5.906   -3.357  -11.087 1.00 26.75 ? 92  LEU A N   1 
ATOM   767  C CA  . LEU A 1 113 ? 6.404   -1.996  -10.984 1.00 27.43 ? 92  LEU A CA  1 
ATOM   768  C C   . LEU A 1 113 ? 5.379   -1.001  -11.508 1.00 26.86 ? 92  LEU A C   1 
ATOM   769  O O   . LEU A 1 113 ? 4.692   -1.264  -12.496 1.00 26.21 ? 92  LEU A O   1 
ATOM   770  C CB  . LEU A 1 113 ? 7.699   -1.841  -11.784 1.00 28.33 ? 92  LEU A CB  1 
ATOM   771  C CG  . LEU A 1 113 ? 8.881   -2.717  -11.365 1.00 30.91 ? 92  LEU A CG  1 
ATOM   772  C CD1 . LEU A 1 113 ? 10.086  -2.406  -12.250 1.00 31.77 ? 92  LEU A CD1 1 
ATOM   773  C CD2 . LEU A 1 113 ? 9.209   -2.467  -9.898  1.00 30.13 ? 92  LEU A CD2 1 
ATOM   774  N N   . VAL A 1 114 ? 5.280   0.140   -10.833 1.00 25.78 ? 93  VAL A N   1 
ATOM   775  C CA  . VAL A 1 114 ? 4.367   1.198   -11.236 1.00 26.20 ? 93  VAL A CA  1 
ATOM   776  C C   . VAL A 1 114 ? 5.099   1.961   -12.338 1.00 26.73 ? 93  VAL A C   1 
ATOM   777  O O   . VAL A 1 114 ? 6.288   2.250   -12.204 1.00 27.00 ? 93  VAL A O   1 
ATOM   778  C CB  . VAL A 1 114 ? 4.066   2.144   -10.053 1.00 26.84 ? 93  VAL A CB  1 
ATOM   779  C CG1 . VAL A 1 114 ? 3.108   3.231   -10.485 1.00 26.48 ? 93  VAL A CG1 1 
ATOM   780  C CG2 . VAL A 1 114 ? 3.485   1.352   -8.891  1.00 26.07 ? 93  VAL A CG2 1 
ATOM   781  N N   . ARG A 1 115 ? 4.398   2.288   -13.420 1.00 26.14 ? 94  ARG A N   1 
ATOM   782  C CA  . ARG A 1 115 ? 5.019   2.987   -14.542 1.00 26.22 ? 94  ARG A CA  1 
ATOM   783  C C   . ARG A 1 115 ? 4.530   4.423   -14.705 1.00 25.32 ? 94  ARG A C   1 
ATOM   784  O O   . ARG A 1 115 ? 3.651   4.887   -13.976 1.00 24.21 ? 94  ARG A O   1 
ATOM   785  C CB  . ARG A 1 115 ? 4.748   2.228   -15.845 1.00 29.91 ? 94  ARG A CB  1 
ATOM   786  C CG  . ARG A 1 115 ? 4.586   0.725   -15.673 1.00 34.27 ? 94  ARG A CG  1 
ATOM   787  C CD  . ARG A 1 115 ? 5.908   0.003   -15.534 1.00 38.48 ? 94  ARG A CD  1 
ATOM   788  N NE  . ARG A 1 115 ? 6.543   -0.220  -16.828 1.00 42.38 ? 94  ARG A NE  1 
ATOM   789  C CZ  . ARG A 1 115 ? 7.538   -1.075  -17.033 1.00 44.46 ? 94  ARG A CZ  1 
ATOM   790  N NH1 . ARG A 1 115 ? 8.014   -1.795  -16.023 1.00 45.43 ? 94  ARG A NH1 1 
ATOM   791  N NH2 . ARG A 1 115 ? 8.060   -1.211  -18.245 1.00 45.39 ? 94  ARG A NH2 1 
ATOM   792  N N   . GLY A 1 116 ? 5.106   5.108   -15.689 1.00 23.25 ? 95  GLY A N   1 
ATOM   793  C CA  . GLY A 1 116 ? 4.747   6.486   -15.972 1.00 22.70 ? 95  GLY A CA  1 
ATOM   794  C C   . GLY A 1 116 ? 3.264   6.811   -15.951 1.00 19.48 ? 95  GLY A C   1 
ATOM   795  O O   . GLY A 1 116 ? 2.871   7.804   -15.344 1.00 21.38 ? 95  GLY A O   1 
ATOM   796  N N   . PRO A 1 117 ? 2.411   6.006   -16.601 1.00 17.88 ? 96  PRO A N   1 
ATOM   797  C CA  . PRO A 1 117 ? 0.967   6.278   -16.613 1.00 16.64 ? 96  PRO A CA  1 
ATOM   798  C C   . PRO A 1 117 ? 0.349   6.380   -15.215 1.00 14.99 ? 96  PRO A C   1 
ATOM   799  O O   . PRO A 1 117 ? -0.444  7.277   -14.940 1.00 14.90 ? 96  PRO A O   1 
ATOM   800  C CB  . PRO A 1 117 ? 0.406   5.103   -17.409 1.00 14.61 ? 96  PRO A CB  1 
ATOM   801  C CG  . PRO A 1 117 ? 1.521   4.772   -18.342 1.00 16.99 ? 96  PRO A CG  1 
ATOM   802  C CD  . PRO A 1 117 ? 2.724   4.835   -17.437 1.00 17.85 ? 96  PRO A CD  1 
ATOM   803  N N   . MET A 1 118 ? 0.710   5.454   -14.334 1.00 16.56 ? 97  MET A N   1 
ATOM   804  C CA  . MET A 1 118 ? 0.189   5.459   -12.973 1.00 15.33 ? 97  MET A CA  1 
ATOM   805  C C   . MET A 1 118 ? 0.793   6.598   -12.161 1.00 14.82 ? 97  MET A C   1 
ATOM   806  O O   . MET A 1 118 ? 0.088   7.290   -11.426 1.00 15.35 ? 97  MET A O   1 
ATOM   807  C CB  . MET A 1 118 ? 0.473   4.118   -12.293 1.00 14.57 ? 97  MET A CB  1 
ATOM   808  C CG  . MET A 1 118 ? -0.517  3.018   -12.656 1.00 15.25 ? 97  MET A CG  1 
ATOM   809  S SD  . MET A 1 118 ? -2.159  3.307   -11.927 1.00 17.60 ? 97  MET A SD  1 
ATOM   810  C CE  . MET A 1 118 ? -1.805  2.998   -10.202 1.00 14.44 ? 97  MET A CE  1 
ATOM   811  N N   . LEU A 1 119 ? 2.102   6.794   -12.288 1.00 15.54 ? 98  LEU A N   1 
ATOM   812  C CA  . LEU A 1 119 ? 2.758   7.869   -11.552 1.00 15.76 ? 98  LEU A CA  1 
ATOM   813  C C   . LEU A 1 119 ? 2.187   9.214   -12.006 1.00 15.64 ? 98  LEU A C   1 
ATOM   814  O O   . LEU A 1 119 ? 2.077   10.156  -11.222 1.00 13.16 ? 98  LEU A O   1 
ATOM   815  C CB  . LEU A 1 119 ? 4.272   7.826   -11.782 1.00 15.58 ? 98  LEU A CB  1 
ATOM   816  C CG  . LEU A 1 119 ? 5.009   6.669   -11.092 1.00 17.33 ? 98  LEU A CG  1 
ATOM   817  C CD1 . LEU A 1 119 ? 6.461   6.621   -11.538 1.00 19.21 ? 98  LEU A CD1 1 
ATOM   818  C CD2 . LEU A 1 119 ? 4.918   6.847   -9.585  1.00 18.49 ? 98  LEU A CD2 1 
ATOM   819  N N   . THR A 1 120 ? 1.807   9.283   -13.276 1.00 16.02 ? 99  THR A N   1 
ATOM   820  C CA  . THR A 1 120 ? 1.248   10.503  -13.845 1.00 16.68 ? 99  THR A CA  1 
ATOM   821  C C   . THR A 1 120 ? -0.178  10.750  -13.379 1.00 15.95 ? 99  THR A C   1 
ATOM   822  O O   . THR A 1 120 ? -0.561  11.886  -13.092 1.00 16.65 ? 99  THR A O   1 
ATOM   823  C CB  . THR A 1 120 ? 1.258   10.433  -15.385 1.00 18.19 ? 99  THR A CB  1 
ATOM   824  O OG1 . THR A 1 120 ? 2.614   10.383  -15.843 1.00 19.30 ? 99  THR A OG1 1 
ATOM   825  C CG2 . THR A 1 120 ? 0.566   11.644  -15.988 1.00 18.21 ? 99  THR A CG2 1 
ATOM   826  N N   . ALA A 1 121 ? -0.961  9.682   -13.300 1.00 13.07 ? 100 ALA A N   1 
ATOM   827  C CA  . ALA A 1 121 ? -2.350  9.789   -12.886 1.00 13.09 ? 100 ALA A CA  1 
ATOM   828  C C   . ALA A 1 121 ? -2.502  10.023  -11.392 1.00 12.18 ? 100 ALA A C   1 
ATOM   829  O O   . ALA A 1 121 ? -3.471  10.634  -10.950 1.00 8.11  ? 100 ALA A O   1 
ATOM   830  C CB  . ALA A 1 121 ? -3.108  8.523   -13.287 1.00 13.12 ? 100 ALA A CB  1 
ATOM   831  N N   . PHE A 1 122 ? -1.537  9.544   -10.616 1.00 12.17 ? 101 PHE A N   1 
ATOM   832  C CA  . PHE A 1 122 ? -1.602  9.675   -9.168  1.00 13.05 ? 101 PHE A CA  1 
ATOM   833  C C   . PHE A 1 122 ? -0.299  10.185  -8.570  1.00 14.60 ? 101 PHE A C   1 
ATOM   834  O O   . PHE A 1 122 ? 0.304   9.531   -7.717  1.00 15.00 ? 101 PHE A O   1 
ATOM   835  C CB  . PHE A 1 122 ? -1.974  8.315   -8.567  1.00 13.05 ? 101 PHE A CB  1 
ATOM   836  C CG  . PHE A 1 122 ? -3.293  7.787   -9.062  1.00 13.73 ? 101 PHE A CG  1 
ATOM   837  C CD1 . PHE A 1 122 ? -4.488  8.282   -8.550  1.00 13.93 ? 101 PHE A CD1 1 
ATOM   838  C CD2 . PHE A 1 122 ? -3.342  6.835   -10.075 1.00 13.80 ? 101 PHE A CD2 1 
ATOM   839  C CE1 . PHE A 1 122 ? -5.721  7.841   -9.041  1.00 14.15 ? 101 PHE A CE1 1 
ATOM   840  C CE2 . PHE A 1 122 ? -4.563  6.387   -10.574 1.00 14.24 ? 101 PHE A CE2 1 
ATOM   841  C CZ  . PHE A 1 122 ? -5.759  6.894   -10.053 1.00 14.89 ? 101 PHE A CZ  1 
ATOM   842  N N   . PRO A 1 123 ? 0.143   11.378  -8.997  1.00 15.38 ? 102 PRO A N   1 
ATOM   843  C CA  . PRO A 1 123 ? 1.388   11.954  -8.483  1.00 14.53 ? 102 PRO A CA  1 
ATOM   844  C C   . PRO A 1 123 ? 1.294   12.121  -6.971  1.00 12.14 ? 102 PRO A C   1 
ATOM   845  O O   . PRO A 1 123 ? 0.339   12.708  -6.466  1.00 12.31 ? 102 PRO A O   1 
ATOM   846  C CB  . PRO A 1 123 ? 1.476   13.290  -9.226  1.00 16.87 ? 102 PRO A CB  1 
ATOM   847  C CG  . PRO A 1 123 ? 0.042   13.684  -9.345  1.00 17.58 ? 102 PRO A CG  1 
ATOM   848  C CD  . PRO A 1 123 ? -0.619  12.382  -9.762  1.00 16.05 ? 102 PRO A CD  1 
ATOM   849  N N   . ASN A 1 124 ? 2.280   11.589  -6.257  1.00 10.47 ? 103 ASN A N   1 
ATOM   850  C CA  . ASN A 1 124 ? 2.312   11.661  -4.799  1.00 10.75 ? 103 ASN A CA  1 
ATOM   851  C C   . ASN A 1 124 ? 1.033   11.103  -4.171  1.00 7.91  ? 103 ASN A C   1 
ATOM   852  O O   . ASN A 1 124 ? 0.672   11.476  -3.057  1.00 9.58  ? 103 ASN A O   1 
ATOM   853  C CB  . ASN A 1 124 ? 2.519   13.112  -4.334  1.00 13.17 ? 103 ASN A CB  1 
ATOM   854  C CG  . ASN A 1 124 ? 3.844   13.699  -4.807  1.00 17.02 ? 103 ASN A CG  1 
ATOM   855  O OD1 . ASN A 1 124 ? 4.857   13.005  -4.864  1.00 18.24 ? 103 ASN A OD1 1 
ATOM   856  N ND2 . ASN A 1 124 ? 3.839   14.988  -5.133  1.00 19.30 ? 103 ASN A ND2 1 
ATOM   857  N N   . ARG A 1 125 ? 0.355   10.207  -4.880  1.00 9.36  ? 104 ARG A N   1 
ATOM   858  C CA  . ARG A 1 125 ? -0.881  9.617   -4.376  1.00 9.24  ? 104 ARG A CA  1 
ATOM   859  C C   . ARG A 1 125 ? -0.890  8.093   -4.450  1.00 10.57 ? 104 ARG A C   1 
ATOM   860  O O   . ARG A 1 125 ? -1.951  7.460   -4.496  1.00 10.05 ? 104 ARG A O   1 
ATOM   861  C CB  . ARG A 1 125 ? -2.086  10.196  -5.131  1.00 10.34 ? 104 ARG A CB  1 
ATOM   862  C CG  . ARG A 1 125 ? -2.448  11.624  -4.697  1.00 12.01 ? 104 ARG A CG  1 
ATOM   863  C CD  . ARG A 1 125 ? -3.516  12.244  -5.603  1.00 14.56 ? 104 ARG A CD  1 
ATOM   864  N NE  . ARG A 1 125 ? -3.961  13.548  -5.112  1.00 13.70 ? 104 ARG A NE  1 
ATOM   865  C CZ  . ARG A 1 125 ? -4.879  13.722  -4.164  1.00 17.33 ? 104 ARG A CZ  1 
ATOM   866  N NH1 . ARG A 1 125 ? -5.465  12.675  -3.597  1.00 14.01 ? 104 ARG A NH1 1 
ATOM   867  N NH2 . ARG A 1 125 ? -5.208  14.952  -3.774  1.00 16.19 ? 104 ARG A NH2 1 
ATOM   868  N N   . ILE A 1 126 ? 0.300   7.508   -4.465  1.00 9.13  ? 105 ILE A N   1 
ATOM   869  C CA  . ILE A 1 126 ? 0.430   6.059   -4.497  1.00 9.77  ? 105 ILE A CA  1 
ATOM   870  C C   . ILE A 1 126 ? 1.286   5.640   -3.313  1.00 9.36  ? 105 ILE A C   1 
ATOM   871  O O   . ILE A 1 126 ? 2.410   6.123   -3.161  1.00 7.40  ? 105 ILE A O   1 
ATOM   872  C CB  . ILE A 1 126 ? 1.112   5.565   -5.786  1.00 10.40 ? 105 ILE A CB  1 
ATOM   873  C CG1 . ILE A 1 126 ? 0.355   6.079   -7.014  1.00 10.13 ? 105 ILE A CG1 1 
ATOM   874  C CG2 . ILE A 1 126 ? 1.145   4.037   -5.791  1.00 9.14  ? 105 ILE A CG2 1 
ATOM   875  C CD1 . ILE A 1 126 ? 0.938   5.604   -8.346  1.00 10.16 ? 105 ILE A CD1 1 
ATOM   876  N N   . LEU A 1 127 ? 0.745   4.765   -2.467  1.00 6.83  ? 106 LEU A N   1 
ATOM   877  C CA  . LEU A 1 127 ? 1.472   4.281   -1.299  1.00 8.90  ? 106 LEU A CA  1 
ATOM   878  C C   . LEU A 1 127 ? 1.838   2.820   -1.470  1.00 10.36 ? 106 LEU A C   1 
ATOM   879  O O   . LEU A 1 127 ? 1.215   2.100   -2.250  1.00 9.78  ? 106 LEU A O   1 
ATOM   880  C CB  . LEU A 1 127 ? 0.633   4.402   -0.029  1.00 9.00  ? 106 LEU A CB  1 
ATOM   881  C CG  . LEU A 1 127 ? 0.143   5.774   0.431   1.00 8.21  ? 106 LEU A CG  1 
ATOM   882  C CD1 . LEU A 1 127 ? -0.481  5.618   1.805   1.00 6.72  ? 106 LEU A CD1 1 
ATOM   883  C CD2 . LEU A 1 127 ? 1.296   6.760   0.478   1.00 7.11  ? 106 LEU A CD2 1 
ATOM   884  N N   . ASN A 1 128 ? 2.847   2.393   -0.719  1.00 10.07 ? 107 ASN A N   1 
ATOM   885  C CA  . ASN A 1 128 ? 3.299   1.011   -0.748  1.00 10.01 ? 107 ASN A CA  1 
ATOM   886  C C   . ASN A 1 128 ? 3.799   0.637   0.630   1.00 9.82  ? 107 ASN A C   1 
ATOM   887  O O   . ASN A 1 128 ? 4.259   1.495   1.388   1.00 10.11 ? 107 ASN A O   1 
ATOM   888  C CB  . ASN A 1 128 ? 4.447   0.826   -1.745  1.00 10.23 ? 107 ASN A CB  1 
ATOM   889  C CG  . ASN A 1 128 ? 4.966   -0.606  -1.772  1.00 13.70 ? 107 ASN A CG  1 
ATOM   890  O OD1 . ASN A 1 128 ? 4.212   -1.540  -2.042  1.00 11.02 ? 107 ASN A OD1 1 
ATOM   891  N ND2 . ASN A 1 128 ? 6.255   -0.783  -1.483  1.00 10.84 ? 107 ASN A ND2 1 
ATOM   892  N N   . ILE A 1 129 ? 3.690   -0.644  0.961   1.00 10.13 ? 108 ILE A N   1 
ATOM   893  C CA  . ILE A 1 129 ? 4.188   -1.132  2.231   1.00 10.69 ? 108 ILE A CA  1 
ATOM   894  C C   . ILE A 1 129 ? 5.269   -2.139  1.862   1.00 11.58 ? 108 ILE A C   1 
ATOM   895  O O   . ILE A 1 129 ? 5.041   -3.052  1.060   1.00 9.42  ? 108 ILE A O   1 
ATOM   896  C CB  . ILE A 1 129 ? 3.075   -1.784  3.079   1.00 13.63 ? 108 ILE A CB  1 
ATOM   897  C CG1 . ILE A 1 129 ? 3.660   -2.217  4.425   1.00 16.45 ? 108 ILE A CG1 1 
ATOM   898  C CG2 . ILE A 1 129 ? 2.437   -2.947  2.333   1.00 14.08 ? 108 ILE A CG2 1 
ATOM   899  C CD1 . ILE A 1 129 ? 2.660   -2.183  5.553   1.00 19.83 ? 108 ILE A CD1 1 
ATOM   900  N N   . HIS A 1 130 ? 6.458   -1.941  2.420   1.00 11.19 ? 109 HIS A N   1 
ATOM   901  C CA  . HIS A 1 130 ? 7.605   -2.799  2.127   1.00 10.79 ? 109 HIS A CA  1 
ATOM   902  C C   . HIS A 1 130 ? 8.115   -3.473  3.405   1.00 10.50 ? 109 HIS A C   1 
ATOM   903  O O   . HIS A 1 130 ? 8.296   -2.815  4.432   1.00 10.32 ? 109 HIS A O   1 
ATOM   904  C CB  . HIS A 1 130 ? 8.696   -1.951  1.462   1.00 10.80 ? 109 HIS A CB  1 
ATOM   905  C CG  . HIS A 1 130 ? 9.900   -2.731  1.045   1.00 10.84 ? 109 HIS A CG  1 
ATOM   906  N ND1 . HIS A 1 130 ? 11.024  -2.842  1.838   1.00 12.00 ? 109 HIS A ND1 1 
ATOM   907  C CD2 . HIS A 1 130 ? 10.139  -3.480  -0.056  1.00 9.17  ? 109 HIS A CD2 1 
ATOM   908  C CE1 . HIS A 1 130 ? 11.902  -3.629  1.242   1.00 11.32 ? 109 HIS A CE1 1 
ATOM   909  N NE2 . HIS A 1 130 ? 11.390  -4.030  0.092   1.00 13.01 ? 109 HIS A NE2 1 
ATOM   910  N N   . PRO A 1 131 ? 8.358   -4.796  3.353   1.00 10.96 ? 110 PRO A N   1 
ATOM   911  C CA  . PRO A 1 131 ? 8.832   -5.570  4.503   1.00 11.10 ? 110 PRO A CA  1 
ATOM   912  C C   . PRO A 1 131 ? 10.298  -5.461  4.920   1.00 11.35 ? 110 PRO A C   1 
ATOM   913  O O   . PRO A 1 131 ? 10.974  -6.473  5.101   1.00 11.36 ? 110 PRO A O   1 
ATOM   914  C CB  . PRO A 1 131 ? 8.446   -7.003  4.128   1.00 13.04 ? 110 PRO A CB  1 
ATOM   915  C CG  . PRO A 1 131 ? 8.683   -7.014  2.648   1.00 12.83 ? 110 PRO A CG  1 
ATOM   916  C CD  . PRO A 1 131 ? 8.078   -5.687  2.204   1.00 11.50 ? 110 PRO A CD  1 
ATOM   917  N N   . SER A 1 132 ? 10.784  -4.236  5.079   1.00 8.72  ? 111 SER A N   1 
ATOM   918  C CA  . SER A 1 132 ? 12.151  -4.018  5.541   1.00 9.56  ? 111 SER A CA  1 
ATOM   919  C C   . SER A 1 132 ? 12.236  -2.590  6.042   1.00 9.17  ? 111 SER A C   1 
ATOM   920  O O   . SER A 1 132 ? 11.355  -1.775  5.760   1.00 7.59  ? 111 SER A O   1 
ATOM   921  C CB  . SER A 1 132 ? 13.169  -4.201  4.410   1.00 9.62  ? 111 SER A CB  1 
ATOM   922  O OG  . SER A 1 132 ? 13.375  -2.978  3.717   1.00 10.53 ? 111 SER A OG  1 
ATOM   923  N N   . LEU A 1 133 ? 13.286  -2.295  6.798   1.00 8.47  ? 112 LEU A N   1 
ATOM   924  C CA  . LEU A 1 133 ? 13.493  -0.943  7.287   1.00 9.82  ? 112 LEU A CA  1 
ATOM   925  C C   . LEU A 1 133 ? 14.325  -0.218  6.227   1.00 9.71  ? 112 LEU A C   1 
ATOM   926  O O   . LEU A 1 133 ? 15.553  -0.159  6.309   1.00 9.26  ? 112 LEU A O   1 
ATOM   927  C CB  . LEU A 1 133 ? 14.227  -0.958  8.632   1.00 9.87  ? 112 LEU A CB  1 
ATOM   928  C CG  . LEU A 1 133 ? 13.410  -1.533  9.794   1.00 7.43  ? 112 LEU A CG  1 
ATOM   929  C CD1 . LEU A 1 133 ? 14.261  -1.650  11.047  1.00 9.58  ? 112 LEU A CD1 1 
ATOM   930  C CD2 . LEU A 1 133 ? 12.215  -0.622  10.045  1.00 12.16 ? 112 LEU A CD2 1 
ATOM   931  N N   . LEU A 1 134 ? 13.651  0.309   5.212   1.00 7.65  ? 113 LEU A N   1 
ATOM   932  C CA  . LEU A 1 134 ? 14.344  1.022   4.152   1.00 7.23  ? 113 LEU A CA  1 
ATOM   933  C C   . LEU A 1 134 ? 15.189  2.109   4.795   1.00 7.97  ? 113 LEU A C   1 
ATOM   934  O O   . LEU A 1 134 ? 14.833  2.622   5.857   1.00 10.24 ? 113 LEU A O   1 
ATOM   935  C CB  . LEU A 1 134 ? 13.328  1.622   3.176   1.00 6.94  ? 113 LEU A CB  1 
ATOM   936  C CG  . LEU A 1 134 ? 12.549  0.575   2.377   1.00 4.74  ? 113 LEU A CG  1 
ATOM   937  C CD1 . LEU A 1 134 ? 11.411  1.248   1.604   1.00 4.75  ? 113 LEU A CD1 1 
ATOM   938  C CD2 . LEU A 1 134 ? 13.496  -0.148  1.417   1.00 4.41  ? 113 LEU A CD2 1 
ATOM   939  N N   . PRO A 1 135 ? 16.293  2.515   4.141   1.00 8.25  ? 114 PRO A N   1 
ATOM   940  C CA  . PRO A 1 135 ? 16.831  2.070   2.850   1.00 6.30  ? 114 PRO A CA  1 
ATOM   941  C C   . PRO A 1 135 ? 17.452  0.682   2.769   1.00 8.16  ? 114 PRO A C   1 
ATOM   942  O O   . PRO A 1 135 ? 17.868  0.250   1.687   1.00 7.34  ? 114 PRO A O   1 
ATOM   943  C CB  . PRO A 1 135 ? 17.842  3.161   2.507   1.00 9.12  ? 114 PRO A CB  1 
ATOM   944  C CG  . PRO A 1 135 ? 18.394  3.517   3.854   1.00 10.39 ? 114 PRO A CG  1 
ATOM   945  C CD  . PRO A 1 135 ? 17.137  3.582   4.717   1.00 8.19  ? 114 PRO A CD  1 
ATOM   946  N N   . ALA A 1 136 ? 17.535  -0.019  3.893   1.00 7.10  ? 115 ALA A N   1 
ATOM   947  C CA  . ALA A 1 136 ? 18.106  -1.357  3.864   1.00 9.29  ? 115 ALA A CA  1 
ATOM   948  C C   . ALA A 1 136 ? 17.168  -2.323  3.148   1.00 9.13  ? 115 ALA A C   1 
ATOM   949  O O   . ALA A 1 136 ? 15.948  -2.199  3.219   1.00 10.11 ? 115 ALA A O   1 
ATOM   950  C CB  . ALA A 1 136 ? 18.375  -1.849  5.283   1.00 8.55  ? 115 ALA A CB  1 
ATOM   951  N N   . PHE A 1 137 ? 17.758  -3.261  2.426   1.00 9.15  ? 116 PHE A N   1 
ATOM   952  C CA  . PHE A 1 137 ? 17.016  -4.305  1.731   1.00 7.84  ? 116 PHE A CA  1 
ATOM   953  C C   . PHE A 1 137 ? 15.820  -3.938  0.854   1.00 8.77  ? 116 PHE A C   1 
ATOM   954  O O   . PHE A 1 137 ? 14.696  -4.366  1.121   1.00 7.82  ? 116 PHE A O   1 
ATOM   955  C CB  . PHE A 1 137 ? 16.575  -5.349  2.755   1.00 6.94  ? 116 PHE A CB  1 
ATOM   956  C CG  . PHE A 1 137 ? 17.658  -5.734  3.723   1.00 7.84  ? 116 PHE A CG  1 
ATOM   957  C CD1 . PHE A 1 137 ? 17.478  -5.561  5.090   1.00 6.35  ? 116 PHE A CD1 1 
ATOM   958  C CD2 . PHE A 1 137 ? 18.866  -6.251  3.263   1.00 7.05  ? 116 PHE A CD2 1 
ATOM   959  C CE1 . PHE A 1 137 ? 18.489  -5.896  5.993   1.00 8.56  ? 116 PHE A CE1 1 
ATOM   960  C CE2 . PHE A 1 137 ? 19.884  -6.589  4.151   1.00 8.23  ? 116 PHE A CE2 1 
ATOM   961  C CZ  . PHE A 1 137 ? 19.696  -6.411  5.520   1.00 7.63  ? 116 PHE A CZ  1 
ATOM   962  N N   . PRO A 1 138 ? 16.038  -3.141  -0.202  1.00 8.40  ? 117 PRO A N   1 
ATOM   963  C CA  . PRO A 1 138 ? 14.916  -2.786  -1.073  1.00 10.62 ? 117 PRO A CA  1 
ATOM   964  C C   . PRO A 1 138 ? 14.675  -3.975  -2.005  1.00 11.15 ? 117 PRO A C   1 
ATOM   965  O O   . PRO A 1 138 ? 15.487  -4.902  -2.047  1.00 11.27 ? 117 PRO A O   1 
ATOM   966  C CB  . PRO A 1 138 ? 15.438  -1.568  -1.825  1.00 10.81 ? 117 PRO A CB  1 
ATOM   967  C CG  . PRO A 1 138 ? 16.916  -1.882  -1.960  1.00 9.12  ? 117 PRO A CG  1 
ATOM   968  C CD  . PRO A 1 138 ? 17.253  -2.394  -0.571  1.00 8.09  ? 117 PRO A CD  1 
ATOM   969  N N   . GLY A 1 139 ? 13.564  -3.963  -2.733  1.00 12.16 ? 118 GLY A N   1 
ATOM   970  C CA  . GLY A 1 139 ? 13.287  -5.044  -3.659  1.00 12.08 ? 118 GLY A CA  1 
ATOM   971  C C   . GLY A 1 139 ? 12.570  -6.253  -3.090  1.00 12.70 ? 118 GLY A C   1 
ATOM   972  O O   . GLY A 1 139 ? 12.096  -6.238  -1.960  1.00 12.11 ? 118 GLY A O   1 
ATOM   973  N N   . LEU A 1 140 ? 12.514  -7.314  -3.886  1.00 13.94 ? 119 LEU A N   1 
ATOM   974  C CA  . LEU A 1 140 ? 11.833  -8.546  -3.498  1.00 14.67 ? 119 LEU A CA  1 
ATOM   975  C C   . LEU A 1 140 ? 12.558  -9.362  -2.434  1.00 13.15 ? 119 LEU A C   1 
ATOM   976  O O   . LEU A 1 140 ? 13.774  -9.249  -2.257  1.00 12.52 ? 119 LEU A O   1 
ATOM   977  C CB  . LEU A 1 140 ? 11.616  -9.418  -4.735  1.00 16.49 ? 119 LEU A CB  1 
ATOM   978  C CG  . LEU A 1 140 ? 10.894  -8.754  -5.912  1.00 18.25 ? 119 LEU A CG  1 
ATOM   979  C CD1 . LEU A 1 140 ? 10.820  -9.719  -7.086  1.00 20.41 ? 119 LEU A CD1 1 
ATOM   980  C CD2 . LEU A 1 140 ? 9.504   -8.326  -5.476  1.00 20.64 ? 119 LEU A CD2 1 
ATOM   981  N N   . GLU A 1 141 ? 11.786  -10.181 -1.725  1.00 12.35 ? 120 GLU A N   1 
ATOM   982  C CA  . GLU A 1 141 ? 12.305  -11.057 -0.683  1.00 13.47 ? 120 GLU A CA  1 
ATOM   983  C C   . GLU A 1 141 ? 13.154  -10.338 0.360   1.00 11.40 ? 120 GLU A C   1 
ATOM   984  O O   . GLU A 1 141 ? 14.219  -10.829 0.749   1.00 10.49 ? 120 GLU A O   1 
ATOM   985  C CB  . GLU A 1 141 ? 13.125  -12.185 -1.316  1.00 15.35 ? 120 GLU A CB  1 
ATOM   986  C CG  . GLU A 1 141 ? 12.357  -13.033 -2.323  1.00 20.26 ? 120 GLU A CG  1 
ATOM   987  C CD  . GLU A 1 141 ? 13.197  -14.172 -2.878  1.00 25.32 ? 120 GLU A CD  1 
ATOM   988  O OE1 . GLU A 1 141 ? 14.306  -13.907 -3.395  1.00 28.30 ? 120 GLU A OE1 1 
ATOM   989  O OE2 . GLU A 1 141 ? 12.751  -15.333 -2.796  1.00 28.97 ? 120 GLU A OE2 1 
ATOM   990  N N   . ALA A 1 142 ? 12.674  -9.185  0.821   1.00 9.12  ? 121 ALA A N   1 
ATOM   991  C CA  . ALA A 1 142 ? 13.395  -8.402  1.819   1.00 8.82  ? 121 ALA A CA  1 
ATOM   992  C C   . ALA A 1 142 ? 13.579  -9.159  3.132   1.00 9.67  ? 121 ALA A C   1 
ATOM   993  O O   . ALA A 1 142 ? 14.583  -8.980  3.818   1.00 9.20  ? 121 ALA A O   1 
ATOM   994  C CB  . ALA A 1 142 ? 12.675  -7.086  2.071   1.00 7.73  ? 121 ALA A CB  1 
ATOM   995  N N   . GLN A 1 143 ? 12.614  -9.999  3.493   1.00 11.26 ? 122 GLN A N   1 
ATOM   996  C CA  . GLN A 1 143 ? 12.731  -10.759 4.733   1.00 11.63 ? 122 GLN A CA  1 
ATOM   997  C C   . GLN A 1 143 ? 13.929  -11.696 4.635   1.00 11.44 ? 122 GLN A C   1 
ATOM   998  O O   . GLN A 1 143 ? 14.753  -11.765 5.550   1.00 11.66 ? 122 GLN A O   1 
ATOM   999  C CB  . GLN A 1 143 ? 11.443  -11.547 5.021   1.00 12.36 ? 122 GLN A CB  1 
ATOM   1000 C CG  . GLN A 1 143 ? 10.199  -10.665 5.164   1.00 12.74 ? 122 GLN A CG  1 
ATOM   1001 C CD  . GLN A 1 143 ? 9.407   -10.542 3.873   1.00 12.59 ? 122 GLN A CD  1 
ATOM   1002 O OE1 . GLN A 1 143 ? 9.976   -10.550 2.782   1.00 13.64 ? 122 GLN A OE1 1 
ATOM   1003 N NE2 . GLN A 1 143 ? 8.089   -10.421 3.992   1.00 11.40 ? 122 GLN A NE2 1 
ATOM   1004 N N   . ARG A 1 144 ? 14.031  -12.405 3.515   1.00 12.24 ? 123 ARG A N   1 
ATOM   1005 C CA  . ARG A 1 144 ? 15.147  -13.319 3.291   1.00 12.32 ? 123 ARG A CA  1 
ATOM   1006 C C   . ARG A 1 144 ? 16.455  -12.533 3.223   1.00 11.36 ? 123 ARG A C   1 
ATOM   1007 O O   . ARG A 1 144 ? 17.491  -12.992 3.705   1.00 10.44 ? 123 ARG A O   1 
ATOM   1008 C CB  . ARG A 1 144 ? 14.955  -14.093 1.983   1.00 14.55 ? 123 ARG A CB  1 
ATOM   1009 C CG  . ARG A 1 144 ? 16.154  -14.967 1.620   1.00 21.29 ? 123 ARG A CG  1 
ATOM   1010 C CD  . ARG A 1 144 ? 15.997  -15.628 0.254   1.00 26.09 ? 123 ARG A CD  1 
ATOM   1011 N NE  . ARG A 1 144 ? 15.932  -14.657 -0.840  1.00 32.58 ? 123 ARG A NE  1 
ATOM   1012 C CZ  . ARG A 1 144 ? 16.885  -13.770 -1.124  1.00 34.90 ? 123 ARG A CZ  1 
ATOM   1013 N NH1 . ARG A 1 144 ? 17.994  -13.717 -0.395  1.00 36.38 ? 123 ARG A NH1 1 
ATOM   1014 N NH2 . ARG A 1 144 ? 16.733  -12.938 -2.147  1.00 34.88 ? 123 ARG A NH2 1 
ATOM   1015 N N   . GLN A 1 145 ? 16.414  -11.355 2.609   1.00 10.51 ? 124 GLN A N   1 
ATOM   1016 C CA  . GLN A 1 145 ? 17.611  -10.521 2.515   1.00 9.47  ? 124 GLN A CA  1 
ATOM   1017 C C   . GLN A 1 145 ? 18.114  -10.198 3.916   1.00 8.30  ? 124 GLN A C   1 
ATOM   1018 O O   . GLN A 1 145 ? 19.312  -10.222 4.180   1.00 9.36  ? 124 GLN A O   1 
ATOM   1019 C CB  . GLN A 1 145 ? 17.310  -9.200  1.808   1.00 8.62  ? 124 GLN A CB  1 
ATOM   1020 C CG  . GLN A 1 145 ? 17.091  -9.279  0.312   1.00 10.20 ? 124 GLN A CG  1 
ATOM   1021 C CD  . GLN A 1 145 ? 16.962  -7.895  -0.295  1.00 10.30 ? 124 GLN A CD  1 
ATOM   1022 O OE1 . GLN A 1 145 ? 17.899  -7.099  -0.241  1.00 10.18 ? 124 GLN A OE1 1 
ATOM   1023 N NE2 . GLN A 1 145 ? 15.792  -7.594  -0.860  1.00 9.65  ? 124 GLN A NE2 1 
ATOM   1024 N N   . ALA A 1 146 ? 17.183  -9.890  4.810   1.00 9.99  ? 125 ALA A N   1 
ATOM   1025 C CA  . ALA A 1 146 ? 17.529  -9.541  6.187   1.00 11.65 ? 125 ALA A CA  1 
ATOM   1026 C C   . ALA A 1 146 ? 18.173  -10.715 6.913   1.00 12.10 ? 125 ALA A C   1 
ATOM   1027 O O   . ALA A 1 146 ? 19.216  -10.566 7.554   1.00 12.08 ? 125 ALA A O   1 
ATOM   1028 C CB  . ALA A 1 146 ? 16.277  -9.075  6.941   1.00 10.45 ? 125 ALA A CB  1 
ATOM   1029 N N   . LEU A 1 147 ? 17.550  -11.885 6.814   1.00 12.85 ? 126 LEU A N   1 
ATOM   1030 C CA  . LEU A 1 147 ? 18.076  -13.082 7.463   1.00 13.27 ? 126 LEU A CA  1 
ATOM   1031 C C   . LEU A 1 147 ? 19.456  -13.434 6.932   1.00 13.24 ? 126 LEU A C   1 
ATOM   1032 O O   . LEU A 1 147 ? 20.354  -13.774 7.699   1.00 15.44 ? 126 LEU A O   1 
ATOM   1033 C CB  . LEU A 1 147 ? 17.125  -14.266 7.249   1.00 12.89 ? 126 LEU A CB  1 
ATOM   1034 C CG  . LEU A 1 147 ? 15.802  -14.200 8.005   1.00 15.77 ? 126 LEU A CG  1 
ATOM   1035 C CD1 . LEU A 1 147 ? 14.912  -15.368 7.598   1.00 15.68 ? 126 LEU A CD1 1 
ATOM   1036 C CD2 . LEU A 1 147 ? 16.072  -14.223 9.498   1.00 16.58 ? 126 LEU A CD2 1 
ATOM   1037 N N   . GLU A 1 148 ? 19.624  -13.359 5.616   1.00 12.40 ? 127 GLU A N   1 
ATOM   1038 C CA  . GLU A 1 148 ? 20.908  -13.672 5.003   1.00 13.45 ? 127 GLU A CA  1 
ATOM   1039 C C   . GLU A 1 148 ? 22.008  -12.691 5.408   1.00 12.40 ? 127 GLU A C   1 
ATOM   1040 O O   . GLU A 1 148 ? 23.160  -13.089 5.600   1.00 12.51 ? 127 GLU A O   1 
ATOM   1041 C CB  . GLU A 1 148 ? 20.762  -13.728 3.480   1.00 14.83 ? 127 GLU A CB  1 
ATOM   1042 C CG  . GLU A 1 148 ? 20.228  -15.082 2.998   1.00 21.30 ? 127 GLU A CG  1 
ATOM   1043 C CD  . GLU A 1 148 ? 19.893  -15.113 1.521   1.00 21.51 ? 127 GLU A CD  1 
ATOM   1044 O OE1 . GLU A 1 148 ? 20.479  -14.324 0.754   1.00 25.48 ? 127 GLU A OE1 1 
ATOM   1045 O OE2 . GLU A 1 148 ? 19.050  -15.941 1.122   1.00 25.32 ? 127 GLU A OE2 1 
ATOM   1046 N N   . HIS A 1 149 ? 21.655  -11.418 5.558   1.00 10.23 ? 128 HIS A N   1 
ATOM   1047 C CA  . HIS A 1 149 ? 22.642  -10.417 5.954   1.00 10.86 ? 128 HIS A CA  1 
ATOM   1048 C C   . HIS A 1 149 ? 23.033  -10.619 7.420   1.00 9.76  ? 128 HIS A C   1 
ATOM   1049 O O   . HIS A 1 149 ? 24.144  -10.282 7.835   1.00 11.54 ? 128 HIS A O   1 
ATOM   1050 C CB  . HIS A 1 149 ? 22.086  -9.000  5.771   1.00 8.42  ? 128 HIS A CB  1 
ATOM   1051 C CG  . HIS A 1 149 ? 23.129  -7.929  5.869   1.00 9.25  ? 128 HIS A CG  1 
ATOM   1052 N ND1 . HIS A 1 149 ? 23.961  -7.602  4.821   1.00 8.73  ? 128 HIS A ND1 1 
ATOM   1053 C CD2 . HIS A 1 149 ? 23.501  -7.137  6.904   1.00 8.81  ? 128 HIS A CD2 1 
ATOM   1054 C CE1 . HIS A 1 149 ? 24.801  -6.658  5.204   1.00 8.63  ? 128 HIS A CE1 1 
ATOM   1055 N NE2 . HIS A 1 149 ? 24.544  -6.359  6.464   1.00 7.72  ? 128 HIS A NE2 1 
ATOM   1056 N N   . GLY A 1 150 ? 22.107  -11.158 8.204   1.00 9.66  ? 129 GLY A N   1 
ATOM   1057 C CA  . GLY A 1 150 ? 22.385  -11.390 9.610   1.00 9.34  ? 129 GLY A CA  1 
ATOM   1058 C C   . GLY A 1 150 ? 21.941  -10.301 10.573  1.00 9.55  ? 129 GLY A C   1 
ATOM   1059 O O   . GLY A 1 150 ? 22.399  -10.269 11.719  1.00 10.73 ? 129 GLY A O   1 
ATOM   1060 N N   . VAL A 1 151 ? 21.058  -9.406  10.142  1.00 8.29  ? 130 VAL A N   1 
ATOM   1061 C CA  . VAL A 1 151 ? 20.594  -8.344  11.039  1.00 8.88  ? 130 VAL A CA  1 
ATOM   1062 C C   . VAL A 1 151 ? 19.803  -8.943  12.198  1.00 8.19  ? 130 VAL A C   1 
ATOM   1063 O O   . VAL A 1 151 ? 19.245  -10.035 12.079  1.00 10.91 ? 130 VAL A O   1 
ATOM   1064 C CB  . VAL A 1 151 ? 19.696  -7.303  10.306  1.00 8.18  ? 130 VAL A CB  1 
ATOM   1065 C CG1 . VAL A 1 151 ? 20.513  -6.562  9.254   1.00 7.91  ? 130 VAL A CG1 1 
ATOM   1066 C CG2 . VAL A 1 151 ? 18.490  -7.996  9.664   1.00 9.28  ? 130 VAL A CG2 1 
ATOM   1067 N N   . LYS A 1 152 ? 19.766  -8.233  13.321  1.00 7.14  ? 131 LYS A N   1 
ATOM   1068 C CA  . LYS A 1 152 ? 19.028  -8.700  14.488  1.00 7.47  ? 131 LYS A CA  1 
ATOM   1069 C C   . LYS A 1 152 ? 17.722  -7.920  14.656  1.00 8.65  ? 131 LYS A C   1 
ATOM   1070 O O   . LYS A 1 152 ? 16.897  -8.234  15.516  1.00 9.87  ? 131 LYS A O   1 
ATOM   1071 C CB  . LYS A 1 152 ? 19.897  -8.579  15.744  1.00 8.25  ? 131 LYS A CB  1 
ATOM   1072 C CG  . LYS A 1 152 ? 21.197  -9.388  15.669  1.00 8.78  ? 131 LYS A CG  1 
ATOM   1073 C CD  . LYS A 1 152 ? 20.924  -10.860 15.361  1.00 9.25  ? 131 LYS A CD  1 
ATOM   1074 C CE  . LYS A 1 152 ? 22.234  -11.637 15.171  1.00 11.45 ? 131 LYS A CE  1 
ATOM   1075 N NZ  . LYS A 1 152 ? 21.983  -13.024 14.673  1.00 13.83 ? 131 LYS A NZ  1 
ATOM   1076 N N   . VAL A 1 153 ? 17.538  -6.905  13.822  1.00 10.02 ? 132 VAL A N   1 
ATOM   1077 C CA  . VAL A 1 153 ? 16.316  -6.106  13.847  1.00 10.11 ? 132 VAL A CA  1 
ATOM   1078 C C   . VAL A 1 153 ? 15.874  -5.880  12.404  1.00 9.95  ? 132 VAL A C   1 
ATOM   1079 O O   . VAL A 1 153 ? 16.698  -5.628  11.524  1.00 9.02  ? 132 VAL A O   1 
ATOM   1080 C CB  . VAL A 1 153 ? 16.527  -4.717  14.508  1.00 12.06 ? 132 VAL A CB  1 
ATOM   1081 C CG1 . VAL A 1 153 ? 15.272  -3.853  14.314  1.00 12.10 ? 132 VAL A CG1 1 
ATOM   1082 C CG2 . VAL A 1 153 ? 16.812  -4.875  15.988  1.00 9.38  ? 132 VAL A CG2 1 
ATOM   1083 N N   . ALA A 1 154 ? 14.574  -5.988  12.164  1.00 7.60  ? 133 ALA A N   1 
ATOM   1084 C CA  . ALA A 1 154 ? 14.040  -5.765  10.833  1.00 8.16  ? 133 ALA A CA  1 
ATOM   1085 C C   . ALA A 1 154 ? 12.721  -5.041  11.016  1.00 9.04  ? 133 ALA A C   1 
ATOM   1086 O O   . ALA A 1 154 ? 12.417  -4.565  12.112  1.00 8.62  ? 133 ALA A O   1 
ATOM   1087 C CB  . ALA A 1 154 ? 13.834  -7.103  10.102  1.00 7.17  ? 133 ALA A CB  1 
ATOM   1088 N N   . GLY A 1 155 ? 11.932  -4.946  9.957   1.00 9.82  ? 134 GLY A N   1 
ATOM   1089 C CA  . GLY A 1 155 ? 10.664  -4.262  10.096  1.00 9.44  ? 134 GLY A CA  1 
ATOM   1090 C C   . GLY A 1 155 ? 10.006  -3.969  8.772   1.00 8.26  ? 134 GLY A C   1 
ATOM   1091 O O   . GLY A 1 155 ? 10.320  -4.592  7.759   1.00 6.39  ? 134 GLY A O   1 
ATOM   1092 N N   . CYS A 1 156 ? 9.083   -3.015  8.780   1.00 8.50  ? 135 CYS A N   1 
ATOM   1093 C CA  . CYS A 1 156 ? 8.375   -2.655  7.565   1.00 8.49  ? 135 CYS A CA  1 
ATOM   1094 C C   . CYS A 1 156 ? 8.360   -1.147  7.374   1.00 8.24  ? 135 CYS A C   1 
ATOM   1095 O O   . CYS A 1 156 ? 8.577   -0.383  8.319   1.00 8.25  ? 135 CYS A O   1 
ATOM   1096 C CB  . CYS A 1 156 ? 6.949   -3.203  7.607   1.00 8.60  ? 135 CYS A CB  1 
ATOM   1097 S SG  . CYS A 1 156 ? 6.045   -2.749  9.088   1.00 10.08 ? 135 CYS A SG  1 
ATOM   1098 N N   . THR A 1 157 ? 8.093   -0.734  6.142   1.00 7.62  ? 136 THR A N   1 
ATOM   1099 C CA  . THR A 1 157 ? 8.082   0.664   5.780   1.00 7.66  ? 136 THR A CA  1 
ATOM   1100 C C   . THR A 1 157 ? 6.912   1.019   4.881   1.00 9.28  ? 136 THR A C   1 
ATOM   1101 O O   . THR A 1 157 ? 6.647   0.331   3.895   1.00 9.68  ? 136 THR A O   1 
ATOM   1102 C CB  . THR A 1 157 ? 9.358   1.034   5.003   1.00 7.47  ? 136 THR A CB  1 
ATOM   1103 O OG1 . THR A 1 157 ? 10.512  0.764   5.807   1.00 7.59  ? 136 THR A OG1 1 
ATOM   1104 C CG2 . THR A 1 157 ? 9.325   2.510   4.601   1.00 9.17  ? 136 THR A CG2 1 
ATOM   1105 N N   . VAL A 1 158 ? 6.202   2.086   5.227   1.00 8.57  ? 137 VAL A N   1 
ATOM   1106 C CA  . VAL A 1 158 ? 5.114   2.559   4.377   1.00 8.41  ? 137 VAL A CA  1 
ATOM   1107 C C   . VAL A 1 158 ? 5.724   3.791   3.727   1.00 8.36  ? 137 VAL A C   1 
ATOM   1108 O O   . VAL A 1 158 ? 6.268   4.658   4.422   1.00 8.09  ? 137 VAL A O   1 
ATOM   1109 C CB  . VAL A 1 158 ? 3.862   2.969   5.175   1.00 9.27  ? 137 VAL A CB  1 
ATOM   1110 C CG1 . VAL A 1 158 ? 2.815   3.552   4.217   1.00 9.83  ? 137 VAL A CG1 1 
ATOM   1111 C CG2 . VAL A 1 158 ? 3.273   1.752   5.884   1.00 8.94  ? 137 VAL A CG2 1 
ATOM   1112 N N   . HIS A 1 159 ? 5.661   3.869   2.403   1.00 6.78  ? 138 HIS A N   1 
ATOM   1113 C CA  . HIS A 1 159 ? 6.254   5.005   1.706   1.00 8.52  ? 138 HIS A CA  1 
ATOM   1114 C C   . HIS A 1 159 ? 5.489   5.426   0.457   1.00 8.45  ? 138 HIS A C   1 
ATOM   1115 O O   . HIS A 1 159 ? 4.738   4.640   -0.113  1.00 8.77  ? 138 HIS A O   1 
ATOM   1116 C CB  . HIS A 1 159 ? 7.695   4.659   1.311   1.00 7.24  ? 138 HIS A CB  1 
ATOM   1117 C CG  . HIS A 1 159 ? 7.797   3.527   0.330   1.00 8.53  ? 138 HIS A CG  1 
ATOM   1118 N ND1 . HIS A 1 159 ? 7.720   3.713   -1.034  1.00 10.03 ? 138 HIS A ND1 1 
ATOM   1119 C CD2 . HIS A 1 159 ? 7.930   2.191   0.520   1.00 9.58  ? 138 HIS A CD2 1 
ATOM   1120 C CE1 . HIS A 1 159 ? 7.799   2.543   -1.642  1.00 8.13  ? 138 HIS A CE1 1 
ATOM   1121 N NE2 . HIS A 1 159 ? 7.926   1.602   -0.722  1.00 8.08  ? 138 HIS A NE2 1 
ATOM   1122 N N   . PHE A 1 160 ? 5.680   6.680   0.053   1.00 8.55  ? 139 PHE A N   1 
ATOM   1123 C CA  . PHE A 1 160 ? 5.063   7.200   -1.162  1.00 9.10  ? 139 PHE A CA  1 
ATOM   1124 C C   . PHE A 1 160 ? 5.836   6.498   -2.270  1.00 7.93  ? 139 PHE A C   1 
ATOM   1125 O O   . PHE A 1 160 ? 7.031   6.240   -2.122  1.00 9.20  ? 139 PHE A O   1 
ATOM   1126 C CB  . PHE A 1 160 ? 5.279   8.716   -1.269  1.00 8.70  ? 139 PHE A CB  1 
ATOM   1127 C CG  . PHE A 1 160 ? 4.316   9.531   -0.453  1.00 8.61  ? 139 PHE A CG  1 
ATOM   1128 C CD1 . PHE A 1 160 ? 3.010   9.728   -0.892  1.00 6.31  ? 139 PHE A CD1 1 
ATOM   1129 C CD2 . PHE A 1 160 ? 4.715   10.111  0.750   1.00 9.93  ? 139 PHE A CD2 1 
ATOM   1130 C CE1 . PHE A 1 160 ? 2.109   10.493  -0.147  1.00 8.57  ? 139 PHE A CE1 1 
ATOM   1131 C CE2 . PHE A 1 160 ? 3.819   10.878  1.506   1.00 11.96 ? 139 PHE A CE2 1 
ATOM   1132 C CZ  . PHE A 1 160 ? 2.511   11.067  1.050   1.00 9.46  ? 139 PHE A CZ  1 
ATOM   1133 N N   . VAL A 1 161 ? 5.178   6.179   -3.374  1.00 9.33  ? 140 VAL A N   1 
ATOM   1134 C CA  . VAL A 1 161 ? 5.873   5.497   -4.457  1.00 7.64  ? 140 VAL A CA  1 
ATOM   1135 C C   . VAL A 1 161 ? 6.402   6.464   -5.510  1.00 8.92  ? 140 VAL A C   1 
ATOM   1136 O O   . VAL A 1 161 ? 5.683   7.355   -5.959  1.00 9.10  ? 140 VAL A O   1 
ATOM   1137 C CB  . VAL A 1 161 ? 4.950   4.470   -5.158  1.00 8.54  ? 140 VAL A CB  1 
ATOM   1138 C CG1 . VAL A 1 161 ? 5.697   3.806   -6.314  1.00 9.77  ? 140 VAL A CG1 1 
ATOM   1139 C CG2 . VAL A 1 161 ? 4.483   3.412   -4.158  1.00 8.57  ? 140 VAL A CG2 1 
ATOM   1140 N N   . THR A 1 162 ? 7.666   6.288   -5.884  1.00 7.65  ? 141 THR A N   1 
ATOM   1141 C CA  . THR A 1 162 ? 8.289   7.111   -6.918  1.00 10.65 ? 141 THR A CA  1 
ATOM   1142 C C   . THR A 1 162 ? 8.724   6.152   -8.015  1.00 10.99 ? 141 THR A C   1 
ATOM   1143 O O   . THR A 1 162 ? 8.577   4.939   -7.874  1.00 11.36 ? 141 THR A O   1 
ATOM   1144 C CB  . THR A 1 162 ? 9.542   7.884   -6.404  1.00 10.08 ? 141 THR A CB  1 
ATOM   1145 O OG1 . THR A 1 162 ? 10.466  6.968   -5.807  1.00 11.86 ? 141 THR A OG1 1 
ATOM   1146 C CG2 . THR A 1 162 ? 9.145   8.949   -5.386  1.00 12.23 ? 141 THR A CG2 1 
ATOM   1147 N N   . ALA A 1 163 ? 9.263   6.687   -9.101  1.00 12.93 ? 142 ALA A N   1 
ATOM   1148 C CA  . ALA A 1 163 ? 9.702   5.854   -10.213 1.00 16.56 ? 142 ALA A CA  1 
ATOM   1149 C C   . ALA A 1 163 ? 10.707  4.776   -9.790  1.00 18.77 ? 142 ALA A C   1 
ATOM   1150 O O   . ALA A 1 163 ? 10.696  3.668   -10.324 1.00 20.69 ? 142 ALA A O   1 
ATOM   1151 C CB  . ALA A 1 163 ? 10.304  6.728   -11.305 1.00 17.58 ? 142 ALA A CB  1 
ATOM   1152 N N   . GLY A 1 164 ? 11.565  5.099   -8.830  1.00 18.72 ? 143 GLY A N   1 
ATOM   1153 C CA  . GLY A 1 164 ? 12.561  4.138   -8.383  1.00 21.20 ? 143 GLY A CA  1 
ATOM   1154 C C   . GLY A 1 164 ? 12.103  3.109   -7.362  1.00 20.96 ? 143 GLY A C   1 
ATOM   1155 O O   . GLY A 1 164 ? 11.419  3.442   -6.391  1.00 22.00 ? 143 GLY A O   1 
ATOM   1156 N N   . VAL A 1 165 ? 12.511  1.860   -7.583  1.00 17.83 ? 144 VAL A N   1 
ATOM   1157 C CA  . VAL A 1 165 ? 12.178  0.734   -6.715  1.00 17.54 ? 144 VAL A CA  1 
ATOM   1158 C C   . VAL A 1 165 ? 12.383  0.996   -5.223  1.00 14.74 ? 144 VAL A C   1 
ATOM   1159 O O   . VAL A 1 165 ? 13.517  1.062   -4.743  1.00 12.35 ? 144 VAL A O   1 
ATOM   1160 C CB  . VAL A 1 165 ? 13.023  -0.508  -7.076  1.00 19.88 ? 144 VAL A CB  1 
ATOM   1161 C CG1 . VAL A 1 165 ? 12.682  -1.666  -6.136  1.00 21.88 ? 144 VAL A CG1 1 
ATOM   1162 C CG2 . VAL A 1 165 ? 12.780  -0.900  -8.517  1.00 22.02 ? 144 VAL A CG2 1 
ATOM   1163 N N   . ASP A 1 166 ? 11.278  1.124   -4.495  1.00 12.57 ? 145 ASP A N   1 
ATOM   1164 C CA  . ASP A 1 166 ? 11.311  1.355   -3.055  1.00 11.90 ? 145 ASP A CA  1 
ATOM   1165 C C   . ASP A 1 166 ? 12.198  2.526   -2.612  1.00 13.83 ? 145 ASP A C   1 
ATOM   1166 O O   . ASP A 1 166 ? 12.833  2.459   -1.557  1.00 13.16 ? 145 ASP A O   1 
ATOM   1167 C CB  . ASP A 1 166 ? 11.769  0.075   -2.338  1.00 11.97 ? 145 ASP A CB  1 
ATOM   1168 C CG  . ASP A 1 166 ? 10.874  -1.126  -2.645  1.00 14.28 ? 145 ASP A CG  1 
ATOM   1169 O OD1 . ASP A 1 166 ? 9.640   -0.958  -2.700  1.00 15.50 ? 145 ASP A OD1 1 
ATOM   1170 O OD2 . ASP A 1 166 ? 11.403  -2.242  -2.822  1.00 14.48 ? 145 ASP A OD2 1 
ATOM   1171 N N   . GLU A 1 167 ? 12.227  3.605   -3.391  1.00 11.97 ? 146 GLU A N   1 
ATOM   1172 C CA  . GLU A 1 167 ? 13.056  4.756   -3.038  1.00 12.98 ? 146 GLU A CA  1 
ATOM   1173 C C   . GLU A 1 167 ? 12.255  5.965   -2.546  1.00 12.19 ? 146 GLU A C   1 
ATOM   1174 O O   . GLU A 1 167 ? 12.834  6.934   -2.053  1.00 12.67 ? 146 GLU A O   1 
ATOM   1175 C CB  . GLU A 1 167 ? 13.905  5.184   -4.245  1.00 13.90 ? 146 GLU A CB  1 
ATOM   1176 C CG  . GLU A 1 167 ? 14.635  4.042   -4.924  1.00 15.73 ? 146 GLU A CG  1 
ATOM   1177 C CD  . GLU A 1 167 ? 15.407  4.476   -6.157  1.00 17.81 ? 146 GLU A CD  1 
ATOM   1178 O OE1 . GLU A 1 167 ? 14.999  5.456   -6.810  1.00 16.99 ? 146 GLU A OE1 1 
ATOM   1179 O OE2 . GLU A 1 167 ? 16.418  3.820   -6.484  1.00 18.83 ? 146 GLU A OE2 1 
ATOM   1180 N N   . GLY A 1 168 ? 10.932  5.903   -2.672  1.00 10.51 ? 147 GLY A N   1 
ATOM   1181 C CA  . GLY A 1 168 ? 10.074  7.012   -2.271  1.00 9.82  ? 147 GLY A CA  1 
ATOM   1182 C C   . GLY A 1 168 ? 10.106  7.475   -0.818  1.00 11.00 ? 147 GLY A C   1 
ATOM   1183 O O   . GLY A 1 168 ? 10.587  6.758   0.065   1.00 9.40  ? 147 GLY A O   1 
ATOM   1184 N N   . PRO A 1 169 ? 9.582   8.683   -0.542  1.00 10.74 ? 148 PRO A N   1 
ATOM   1185 C CA  . PRO A 1 169 ? 9.530   9.285   0.795   1.00 11.29 ? 148 PRO A CA  1 
ATOM   1186 C C   . PRO A 1 169 ? 8.887   8.384   1.851   1.00 10.26 ? 148 PRO A C   1 
ATOM   1187 O O   . PRO A 1 169 ? 7.766   7.920   1.678   1.00 7.63  ? 148 PRO A O   1 
ATOM   1188 C CB  . PRO A 1 169 ? 8.731   10.564  0.561   1.00 10.08 ? 148 PRO A CB  1 
ATOM   1189 C CG  . PRO A 1 169 ? 9.134   10.948  -0.829  1.00 13.11 ? 148 PRO A CG  1 
ATOM   1190 C CD  . PRO A 1 169 ? 9.051   9.620   -1.552  1.00 11.19 ? 148 PRO A CD  1 
ATOM   1191 N N   . ILE A 1 170 ? 9.609   8.156   2.945   1.00 10.02 ? 149 ILE A N   1 
ATOM   1192 C CA  . ILE A 1 170 ? 9.140   7.306   4.040   1.00 11.44 ? 149 ILE A CA  1 
ATOM   1193 C C   . ILE A 1 170 ? 8.098   8.003   4.914   1.00 11.18 ? 149 ILE A C   1 
ATOM   1194 O O   . ILE A 1 170 ? 8.334   9.109   5.398   1.00 10.03 ? 149 ILE A O   1 
ATOM   1195 C CB  . ILE A 1 170 ? 10.306  6.897   4.971   1.00 11.74 ? 149 ILE A CB  1 
ATOM   1196 C CG1 . ILE A 1 170 ? 11.465  6.317   4.158   1.00 14.53 ? 149 ILE A CG1 1 
ATOM   1197 C CG2 . ILE A 1 170 ? 9.807   5.927   6.020   1.00 10.88 ? 149 ILE A CG2 1 
ATOM   1198 C CD1 . ILE A 1 170 ? 11.086  5.179   3.262   1.00 21.67 ? 149 ILE A CD1 1 
ATOM   1199 N N   . ILE A 1 171 ? 6.965   7.340   5.136   1.00 9.87  ? 150 ILE A N   1 
ATOM   1200 C CA  . ILE A 1 171 ? 5.897   7.903   5.961   1.00 9.63  ? 150 ILE A CA  1 
ATOM   1201 C C   . ILE A 1 171 ? 5.956   7.362   7.388   1.00 10.44 ? 150 ILE A C   1 
ATOM   1202 O O   . ILE A 1 171 ? 6.011   8.130   8.351   1.00 8.02  ? 150 ILE A O   1 
ATOM   1203 C CB  . ILE A 1 171 ? 4.511   7.578   5.375   1.00 10.18 ? 150 ILE A CB  1 
ATOM   1204 C CG1 . ILE A 1 171 ? 4.430   8.088   3.931   1.00 9.39  ? 150 ILE A CG1 1 
ATOM   1205 C CG2 . ILE A 1 171 ? 3.417   8.230   6.227   1.00 12.93 ? 150 ILE A CG2 1 
ATOM   1206 C CD1 . ILE A 1 171 ? 3.177   7.675   3.201   1.00 10.07 ? 150 ILE A CD1 1 
ATOM   1207 N N   . LEU A 1 172 ? 5.942   6.037   7.510   1.00 8.01  ? 151 LEU A N   1 
ATOM   1208 C CA  . LEU A 1 172 ? 6.001   5.371   8.803   1.00 9.86  ? 151 LEU A CA  1 
ATOM   1209 C C   . LEU A 1 172 ? 6.835   4.095   8.722   1.00 9.67  ? 151 LEU A C   1 
ATOM   1210 O O   . LEU A 1 172 ? 6.922   3.456   7.666   1.00 8.80  ? 151 LEU A O   1 
ATOM   1211 C CB  . LEU A 1 172 ? 4.593   4.993   9.287   1.00 8.72  ? 151 LEU A CB  1 
ATOM   1212 C CG  . LEU A 1 172 ? 3.540   6.063   9.594   1.00 10.50 ? 151 LEU A CG  1 
ATOM   1213 C CD1 . LEU A 1 172 ? 2.257   5.371   10.067  1.00 8.69  ? 151 LEU A CD1 1 
ATOM   1214 C CD2 . LEU A 1 172 ? 4.046   7.011   10.663  1.00 8.92  ? 151 LEU A CD2 1 
ATOM   1215 N N   . GLN A 1 173 ? 7.455   3.730   9.838   1.00 7.95  ? 152 GLN A N   1 
ATOM   1216 C CA  . GLN A 1 173 ? 8.239   2.503   9.902   1.00 7.52  ? 152 GLN A CA  1 
ATOM   1217 C C   . GLN A 1 173 ? 8.001   1.856   11.257  1.00 9.64  ? 152 GLN A C   1 
ATOM   1218 O O   . GLN A 1 173 ? 7.671   2.533   12.236  1.00 10.97 ? 152 GLN A O   1 
ATOM   1219 C CB  . GLN A 1 173 ? 9.736   2.781   9.710   1.00 6.61  ? 152 GLN A CB  1 
ATOM   1220 C CG  . GLN A 1 173 ? 10.111  3.238   8.303   1.00 7.39  ? 152 GLN A CG  1 
ATOM   1221 C CD  . GLN A 1 173 ? 11.602  3.484   8.139   1.00 8.82  ? 152 GLN A CD  1 
ATOM   1222 O OE1 . GLN A 1 173 ? 12.180  4.351   8.804   1.00 5.21  ? 152 GLN A OE1 1 
ATOM   1223 N NE2 . GLN A 1 173 ? 12.233  2.721   7.249   1.00 5.30  ? 152 GLN A NE2 1 
ATOM   1224 N N   . ALA A 1 174 ? 8.149   0.540   11.302  1.00 8.13  ? 153 ALA A N   1 
ATOM   1225 C CA  . ALA A 1 174 ? 7.965   -0.204  12.533  1.00 9.71  ? 153 ALA A CA  1 
ATOM   1226 C C   . ALA A 1 174 ? 9.013   -1.302  12.540  1.00 9.66  ? 153 ALA A C   1 
ATOM   1227 O O   . ALA A 1 174 ? 9.205   -1.988  11.536  1.00 9.95  ? 153 ALA A O   1 
ATOM   1228 C CB  . ALA A 1 174 ? 6.564   -0.806  12.581  1.00 9.79  ? 153 ALA A CB  1 
ATOM   1229 N N   . ALA A 1 175 ? 9.685   -1.465  13.671  1.00 8.33  ? 154 ALA A N   1 
ATOM   1230 C CA  . ALA A 1 175 ? 10.727  -2.472  13.788  1.00 7.54  ? 154 ALA A CA  1 
ATOM   1231 C C   . ALA A 1 175 ? 10.295  -3.679  14.614  1.00 9.61  ? 154 ALA A C   1 
ATOM   1232 O O   . ALA A 1 175 ? 9.415   -3.577  15.473  1.00 7.39  ? 154 ALA A O   1 
ATOM   1233 C CB  . ALA A 1 175 ? 11.969  -1.850  14.398  1.00 9.54  ? 154 ALA A CB  1 
ATOM   1234 N N   . VAL A 1 176 ? 10.918  -4.822  14.331  1.00 8.99  ? 155 VAL A N   1 
ATOM   1235 C CA  . VAL A 1 176 ? 10.648  -6.055  15.055  1.00 10.51 ? 155 VAL A CA  1 
ATOM   1236 C C   . VAL A 1 176 ? 11.967  -6.801  15.246  1.00 10.56 ? 155 VAL A C   1 
ATOM   1237 O O   . VAL A 1 176 ? 12.905  -6.640  14.467  1.00 9.41  ? 155 VAL A O   1 
ATOM   1238 C CB  . VAL A 1 176 ? 9.682   -6.986  14.290  1.00 10.53 ? 155 VAL A CB  1 
ATOM   1239 C CG1 . VAL A 1 176 ? 8.402   -6.231  13.929  1.00 7.15  ? 155 VAL A CG1 1 
ATOM   1240 C CG2 . VAL A 1 176 ? 10.375  -7.547  13.043  1.00 8.88  ? 155 VAL A CG2 1 
ATOM   1241 N N   . PRO A 1 177 ? 12.058  -7.620  16.297  1.00 10.85 ? 156 PRO A N   1 
ATOM   1242 C CA  . PRO A 1 177 ? 13.303  -8.356  16.508  1.00 10.69 ? 156 PRO A CA  1 
ATOM   1243 C C   . PRO A 1 177 ? 13.386  -9.532  15.546  1.00 11.80 ? 156 PRO A C   1 
ATOM   1244 O O   . PRO A 1 177 ? 12.369  -9.994  15.020  1.00 9.40  ? 156 PRO A O   1 
ATOM   1245 C CB  . PRO A 1 177 ? 13.185  -8.814  17.958  1.00 11.58 ? 156 PRO A CB  1 
ATOM   1246 C CG  . PRO A 1 177 ? 11.704  -9.086  18.085  1.00 13.38 ? 156 PRO A CG  1 
ATOM   1247 C CD  . PRO A 1 177 ? 11.094  -7.873  17.385  1.00 12.47 ? 156 PRO A CD  1 
ATOM   1248 N N   . VAL A 1 178 ? 14.609  -9.985  15.297  1.00 11.43 ? 157 VAL A N   1 
ATOM   1249 C CA  . VAL A 1 178 ? 14.855  -11.141 14.450  1.00 11.47 ? 157 VAL A CA  1 
ATOM   1250 C C   . VAL A 1 178 ? 15.346  -12.173 15.452  1.00 12.86 ? 157 VAL A C   1 
ATOM   1251 O O   . VAL A 1 178 ? 16.363  -11.964 16.111  1.00 13.75 ? 157 VAL A O   1 
ATOM   1252 C CB  . VAL A 1 178 ? 15.954  -10.867 13.405  1.00 11.70 ? 157 VAL A CB  1 
ATOM   1253 C CG1 . VAL A 1 178 ? 16.335  -12.160 12.698  1.00 13.42 ? 157 VAL A CG1 1 
ATOM   1254 C CG2 . VAL A 1 178 ? 15.457  -9.848  12.391  1.00 12.39 ? 157 VAL A CG2 1 
ATOM   1255 N N   . LEU A 1 179 ? 14.621  -13.275 15.595  1.00 12.89 ? 158 LEU A N   1 
ATOM   1256 C CA  . LEU A 1 179 ? 15.016  -14.284 16.569  1.00 14.24 ? 158 LEU A CA  1 
ATOM   1257 C C   . LEU A 1 179 ? 15.959  -15.325 15.986  1.00 15.07 ? 158 LEU A C   1 
ATOM   1258 O O   . LEU A 1 179 ? 15.922  -15.611 14.787  1.00 13.84 ? 158 LEU A O   1 
ATOM   1259 C CB  . LEU A 1 179 ? 13.768  -14.960 17.148  1.00 14.58 ? 158 LEU A CB  1 
ATOM   1260 C CG  . LEU A 1 179 ? 12.689  -14.002 17.665  1.00 15.25 ? 158 LEU A CG  1 
ATOM   1261 C CD1 . LEU A 1 179 ? 11.507  -14.788 18.214  1.00 19.81 ? 158 LEU A CD1 1 
ATOM   1262 C CD2 . LEU A 1 179 ? 13.268  -13.109 18.740  1.00 19.11 ? 158 LEU A CD2 1 
ATOM   1263 N N   . GLU A 1 180 ? 16.825  -15.872 16.836  1.00 16.86 ? 159 GLU A N   1 
ATOM   1264 C CA  . GLU A 1 180 ? 17.764  -16.894 16.392  1.00 17.39 ? 159 GLU A CA  1 
ATOM   1265 C C   . GLU A 1 180 ? 16.919  -18.090 15.960  1.00 17.08 ? 159 GLU A C   1 
ATOM   1266 O O   . GLU A 1 180 ? 16.069  -18.550 16.714  1.00 17.58 ? 159 GLU A O   1 
ATOM   1267 C CB  . GLU A 1 180 ? 18.704  -17.297 17.538  1.00 17.83 ? 159 GLU A CB  1 
ATOM   1268 C CG  . GLU A 1 180 ? 19.601  -16.169 18.058  1.00 18.69 ? 159 GLU A CG  1 
ATOM   1269 C CD  . GLU A 1 180 ? 20.525  -15.597 16.986  1.00 20.97 ? 159 GLU A CD  1 
ATOM   1270 O OE1 . GLU A 1 180 ? 21.330  -16.365 16.413  1.00 19.64 ? 159 GLU A OE1 1 
ATOM   1271 O OE2 . GLU A 1 180 ? 20.451  -14.375 16.720  1.00 21.91 ? 159 GLU A OE2 1 
ATOM   1272 N N   . GLY A 1 181 ? 17.137  -18.583 14.747  1.00 17.75 ? 160 GLY A N   1 
ATOM   1273 C CA  . GLY A 1 181 ? 16.357  -19.722 14.287  1.00 19.63 ? 160 GLY A CA  1 
ATOM   1274 C C   . GLY A 1 181 ? 15.136  -19.311 13.485  1.00 20.52 ? 160 GLY A C   1 
ATOM   1275 O O   . GLY A 1 181 ? 14.348  -20.155 13.055  1.00 20.68 ? 160 GLY A O   1 
ATOM   1276 N N   . ASP A 1 182 ? 14.973  -18.006 13.300  1.00 19.23 ? 161 ASP A N   1 
ATOM   1277 C CA  . ASP A 1 182 ? 13.858  -17.474 12.527  1.00 18.94 ? 161 ASP A CA  1 
ATOM   1278 C C   . ASP A 1 182 ? 13.921  -18.043 11.120  1.00 18.36 ? 161 ASP A C   1 
ATOM   1279 O O   . ASP A 1 182 ? 14.983  -18.063 10.504  1.00 18.22 ? 161 ASP A O   1 
ATOM   1280 C CB  . ASP A 1 182 ? 13.959  -15.946 12.409  1.00 17.27 ? 161 ASP A CB  1 
ATOM   1281 C CG  . ASP A 1 182 ? 12.999  -15.212 13.321  1.00 17.74 ? 161 ASP A CG  1 
ATOM   1282 O OD1 . ASP A 1 182 ? 12.215  -15.865 14.040  1.00 15.62 ? 161 ASP A OD1 1 
ATOM   1283 O OD2 . ASP A 1 182 ? 13.028  -13.963 13.308  1.00 16.98 ? 161 ASP A OD2 1 
ATOM   1284 N N   . THR A 1 183 ? 12.792  -18.523 10.619  1.00 17.85 ? 162 THR A N   1 
ATOM   1285 C CA  . THR A 1 183 ? 12.734  -19.010 9.250   1.00 17.59 ? 162 THR A CA  1 
ATOM   1286 C C   . THR A 1 183 ? 12.237  -17.764 8.521   1.00 17.56 ? 162 THR A C   1 
ATOM   1287 O O   . THR A 1 183 ? 11.804  -16.808 9.175   1.00 14.17 ? 162 THR A O   1 
ATOM   1288 C CB  . THR A 1 183 ? 11.689  -20.126 9.081   1.00 19.16 ? 162 THR A CB  1 
ATOM   1289 O OG1 . THR A 1 183 ? 11.758  -20.649 7.750   1.00 24.36 ? 162 THR A OG1 1 
ATOM   1290 C CG2 . THR A 1 183 ? 10.303  -19.586 9.307   1.00 12.88 ? 162 THR A CG2 1 
ATOM   1291 N N   . VAL A 1 184 ? 12.296  -17.752 7.192   1.00 16.57 ? 163 VAL A N   1 
ATOM   1292 C CA  . VAL A 1 184 ? 11.815  -16.587 6.454   1.00 16.67 ? 163 VAL A CA  1 
ATOM   1293 C C   . VAL A 1 184 ? 10.341  -16.326 6.791   1.00 17.76 ? 163 VAL A C   1 
ATOM   1294 O O   . VAL A 1 184 ? 9.940   -15.180 6.990   1.00 16.12 ? 163 VAL A O   1 
ATOM   1295 C CB  . VAL A 1 184 ? 11.984  -16.772 4.922   1.00 17.97 ? 163 VAL A CB  1 
ATOM   1296 C CG1 . VAL A 1 184 ? 11.301  -15.636 4.173   1.00 18.59 ? 163 VAL A CG1 1 
ATOM   1297 C CG2 . VAL A 1 184 ? 13.468  -16.800 4.566   1.00 17.42 ? 163 VAL A CG2 1 
ATOM   1298 N N   . GLU A 1 185 ? 9.542   -17.388 6.875   1.00 17.72 ? 164 GLU A N   1 
ATOM   1299 C CA  . GLU A 1 185 ? 8.121   -17.246 7.199   1.00 18.19 ? 164 GLU A CA  1 
ATOM   1300 C C   . GLU A 1 185 ? 7.916   -16.695 8.615   1.00 16.92 ? 164 GLU A C   1 
ATOM   1301 O O   . GLU A 1 185 ? 7.016   -15.886 8.842   1.00 15.62 ? 164 GLU A O   1 
ATOM   1302 C CB  . GLU A 1 185 ? 7.405   -18.595 7.048   1.00 21.89 ? 164 GLU A CB  1 
ATOM   1303 C CG  . GLU A 1 185 ? 5.918   -18.597 7.428   1.00 23.78 ? 164 GLU A CG  1 
ATOM   1304 C CD  . GLU A 1 185 ? 5.058   -17.690 6.550   1.00 27.32 ? 164 GLU A CD  1 
ATOM   1305 O OE1 . GLU A 1 185 ? 5.297   -17.637 5.327   1.00 27.96 ? 164 GLU A OE1 1 
ATOM   1306 O OE2 . GLU A 1 185 ? 4.129   -17.045 7.083   1.00 28.86 ? 164 GLU A OE2 1 
ATOM   1307 N N   . ASP A 1 186 ? 8.748   -17.124 9.565   1.00 14.85 ? 165 ASP A N   1 
ATOM   1308 C CA  . ASP A 1 186 ? 8.643   -16.640 10.944  1.00 13.15 ? 165 ASP A CA  1 
ATOM   1309 C C   . ASP A 1 186 ? 8.806   -15.116 10.969  1.00 12.10 ? 165 ASP A C   1 
ATOM   1310 O O   . ASP A 1 186 ? 8.044   -14.402 11.625  1.00 9.27  ? 165 ASP A O   1 
ATOM   1311 C CB  . ASP A 1 186 ? 9.727   -17.258 11.847  1.00 16.42 ? 165 ASP A CB  1 
ATOM   1312 C CG  . ASP A 1 186 ? 9.491   -18.736 12.150  1.00 20.26 ? 165 ASP A CG  1 
ATOM   1313 O OD1 . ASP A 1 186 ? 8.328   -19.134 12.371  1.00 20.41 ? 165 ASP A OD1 1 
ATOM   1314 O OD2 . ASP A 1 186 ? 10.482  -19.501 12.192  1.00 21.01 ? 165 ASP A OD2 1 
ATOM   1315 N N   . LEU A 1 187 ? 9.820   -14.626 10.265  1.00 10.73 ? 166 LEU A N   1 
ATOM   1316 C CA  . LEU A 1 187 ? 10.084  -13.195 10.210  1.00 10.69 ? 166 LEU A CA  1 
ATOM   1317 C C   . LEU A 1 187 ? 8.989   -12.488 9.415   1.00 12.11 ? 166 LEU A C   1 
ATOM   1318 O O   . LEU A 1 187 ? 8.552   -11.395 9.783   1.00 12.65 ? 166 LEU A O   1 
ATOM   1319 C CB  . LEU A 1 187 ? 11.455  -12.931 9.577   1.00 9.44  ? 166 LEU A CB  1 
ATOM   1320 C CG  . LEU A 1 187 ? 11.883  -11.463 9.455   1.00 10.28 ? 166 LEU A CG  1 
ATOM   1321 C CD1 . LEU A 1 187 ? 11.809  -10.784 10.813  1.00 8.56  ? 166 LEU A CD1 1 
ATOM   1322 C CD2 . LEU A 1 187 ? 13.301  -11.385 8.909   1.00 12.27 ? 166 LEU A CD2 1 
ATOM   1323 N N   . ARG A 1 188 ? 8.550   -13.110 8.326   1.00 12.72 ? 167 ARG A N   1 
ATOM   1324 C CA  . ARG A 1 188 ? 7.494   -12.527 7.500   1.00 14.08 ? 167 ARG A CA  1 
ATOM   1325 C C   . ARG A 1 188 ? 6.259   -12.257 8.354   1.00 14.49 ? 167 ARG A C   1 
ATOM   1326 O O   . ARG A 1 188 ? 5.643   -11.196 8.258   1.00 12.25 ? 167 ARG A O   1 
ATOM   1327 C CB  . ARG A 1 188 ? 7.122   -13.473 6.355   1.00 18.37 ? 167 ARG A CB  1 
ATOM   1328 C CG  . ARG A 1 188 ? 5.899   -13.023 5.555   1.00 22.61 ? 167 ARG A CG  1 
ATOM   1329 C CD  . ARG A 1 188 ? 5.457   -14.076 4.532   1.00 27.17 ? 167 ARG A CD  1 
ATOM   1330 N NE  . ARG A 1 188 ? 6.380   -14.166 3.403   1.00 32.14 ? 167 ARG A NE  1 
ATOM   1331 C CZ  . ARG A 1 188 ? 7.066   -15.258 3.073   1.00 35.35 ? 167 ARG A CZ  1 
ATOM   1332 N NH1 . ARG A 1 188 ? 6.938   -16.374 3.784   1.00 34.80 ? 167 ARG A NH1 1 
ATOM   1333 N NH2 . ARG A 1 188 ? 7.887   -15.233 2.030   1.00 36.35 ? 167 ARG A NH2 1 
ATOM   1334 N N   . ARG A 1 189 ? 5.906   -13.229 9.187   1.00 14.51 ? 168 ARG A N   1 
ATOM   1335 C CA  . ARG A 1 189 ? 4.750   -13.112 10.067  1.00 16.07 ? 168 ARG A CA  1 
ATOM   1336 C C   . ARG A 1 189 ? 4.893   -11.999 11.092  1.00 14.48 ? 168 ARG A C   1 
ATOM   1337 O O   . ARG A 1 189 ? 3.971   -11.206 11.284  1.00 13.67 ? 168 ARG A O   1 
ATOM   1338 C CB  . ARG A 1 189 ? 4.501   -14.427 10.807  1.00 17.58 ? 168 ARG A CB  1 
ATOM   1339 C CG  . ARG A 1 189 ? 3.619   -15.397 10.063  1.00 25.87 ? 168 ARG A CG  1 
ATOM   1340 C CD  . ARG A 1 189 ? 3.263   -16.584 10.944  1.00 31.22 ? 168 ARG A CD  1 
ATOM   1341 N NE  . ARG A 1 189 ? 2.146   -17.343 10.393  1.00 36.95 ? 168 ARG A NE  1 
ATOM   1342 C CZ  . ARG A 1 189 ? 0.920   -16.852 10.230  1.00 39.48 ? 168 ARG A CZ  1 
ATOM   1343 N NH1 . ARG A 1 189 ? 0.650   -15.597 10.576  1.00 40.88 ? 168 ARG A NH1 1 
ATOM   1344 N NH2 . ARG A 1 189 ? -0.035  -17.614 9.717   1.00 41.30 ? 168 ARG A NH2 1 
ATOM   1345 N N   . ARG A 1 190 ? 6.042   -11.950 11.760  1.00 11.35 ? 169 ARG A N   1 
ATOM   1346 C CA  . ARG A 1 190 ? 6.266   -10.928 12.774  1.00 11.99 ? 169 ARG A CA  1 
ATOM   1347 C C   . ARG A 1 190 ? 6.200   -9.525  12.160  1.00 11.23 ? 169 ARG A C   1 
ATOM   1348 O O   . ARG A 1 190 ? 5.629   -8.609  12.749  1.00 11.08 ? 169 ARG A O   1 
ATOM   1349 C CB  . ARG A 1 190 ? 7.623   -11.147 13.459  1.00 9.42  ? 169 ARG A CB  1 
ATOM   1350 C CG  . ARG A 1 190 ? 7.797   -10.350 14.752  1.00 12.02 ? 169 ARG A CG  1 
ATOM   1351 C CD  . ARG A 1 190 ? 9.055   -10.780 15.502  1.00 11.58 ? 169 ARG A CD  1 
ATOM   1352 N NE  . ARG A 1 190 ? 9.122   -12.236 15.602  1.00 13.88 ? 169 ARG A NE  1 
ATOM   1353 C CZ  . ARG A 1 190 ? 10.015  -12.993 14.972  1.00 13.03 ? 169 ARG A CZ  1 
ATOM   1354 N NH1 . ARG A 1 190 ? 10.935  -12.435 14.196  1.00 11.95 ? 169 ARG A NH1 1 
ATOM   1355 N NH2 . ARG A 1 190 ? 9.969   -14.314 15.094  1.00 12.74 ? 169 ARG A NH2 1 
ATOM   1356 N N   . ILE A 1 191 ? 6.778   -9.360  10.974  1.00 11.55 ? 170 ILE A N   1 
ATOM   1357 C CA  . ILE A 1 191 ? 6.761   -8.058  10.309  1.00 11.34 ? 170 ILE A CA  1 
ATOM   1358 C C   . ILE A 1 191 ? 5.330   -7.708  9.897   1.00 11.88 ? 170 ILE A C   1 
ATOM   1359 O O   . ILE A 1 191 ? 4.877   -6.565  10.055  1.00 11.46 ? 170 ILE A O   1 
ATOM   1360 C CB  . ILE A 1 191 ? 7.684   -8.065  9.061   1.00 11.13 ? 170 ILE A CB  1 
ATOM   1361 C CG1 . ILE A 1 191 ? 9.149   -8.116  9.507   1.00 9.29  ? 170 ILE A CG1 1 
ATOM   1362 C CG2 . ILE A 1 191 ? 7.432   -6.832  8.201   1.00 8.77  ? 170 ILE A CG2 1 
ATOM   1363 C CD1 . ILE A 1 191 ? 10.138  -8.292  8.368   1.00 9.80  ? 170 ILE A CD1 1 
ATOM   1364 N N   . LEU A 1 192 ? 4.620   -8.707  9.388   1.00 11.72 ? 171 LEU A N   1 
ATOM   1365 C CA  . LEU A 1 192 ? 3.250   -8.532  8.943   1.00 13.46 ? 171 LEU A CA  1 
ATOM   1366 C C   . LEU A 1 192 ? 2.353   -7.957  10.042  1.00 14.20 ? 171 LEU A C   1 
ATOM   1367 O O   . LEU A 1 192 ? 1.483   -7.127  9.767   1.00 12.58 ? 171 LEU A O   1 
ATOM   1368 C CB  . LEU A 1 192 ? 2.692   -9.873  8.455   1.00 16.20 ? 171 LEU A CB  1 
ATOM   1369 C CG  . LEU A 1 192 ? 1.369   -9.816  7.689   1.00 16.77 ? 171 LEU A CG  1 
ATOM   1370 C CD1 . LEU A 1 192 ? 1.541   -8.966  6.429   1.00 18.18 ? 171 LEU A CD1 1 
ATOM   1371 C CD2 . LEU A 1 192 ? 0.926   -11.226 7.328   1.00 16.30 ? 171 LEU A CD2 1 
ATOM   1372 N N   . ALA A 1 193 ? 2.568   -8.392  11.284  1.00 13.78 ? 172 ALA A N   1 
ATOM   1373 C CA  . ALA A 1 193 ? 1.761   -7.916  12.401  1.00 16.13 ? 172 ALA A CA  1 
ATOM   1374 C C   . ALA A 1 193 ? 1.899   -6.407  12.566  1.00 17.05 ? 172 ALA A C   1 
ATOM   1375 O O   . ALA A 1 193 ? 0.958   -5.737  12.990  1.00 19.14 ? 172 ALA A O   1 
ATOM   1376 C CB  . ALA A 1 193 ? 2.155   -8.633  13.692  1.00 16.55 ? 172 ALA A CB  1 
ATOM   1377 N N   . GLU A 1 194 ? 3.067   -5.874  12.229  1.00 15.44 ? 173 GLU A N   1 
ATOM   1378 C CA  . GLU A 1 194 ? 3.291   -4.438  12.323  1.00 14.37 ? 173 GLU A CA  1 
ATOM   1379 C C   . GLU A 1 194 ? 2.695   -3.744  11.102  1.00 13.72 ? 173 GLU A C   1 
ATOM   1380 O O   . GLU A 1 194 ? 2.112   -2.667  11.213  1.00 12.82 ? 173 GLU A O   1 
ATOM   1381 C CB  . GLU A 1 194 ? 4.783   -4.125  12.407  1.00 15.48 ? 173 GLU A CB  1 
ATOM   1382 C CG  . GLU A 1 194 ? 5.439   -4.610  13.683  1.00 20.10 ? 173 GLU A CG  1 
ATOM   1383 C CD  . GLU A 1 194 ? 4.656   -4.214  14.922  1.00 21.60 ? 173 GLU A CD  1 
ATOM   1384 O OE1 . GLU A 1 194 ? 4.358   -3.012  15.086  1.00 23.03 ? 173 GLU A OE1 1 
ATOM   1385 O OE2 . GLU A 1 194 ? 4.339   -5.108  15.732  1.00 24.15 ? 173 GLU A OE2 1 
ATOM   1386 N N   . GLU A 1 195 ? 2.846   -4.372  9.940   1.00 11.97 ? 174 GLU A N   1 
ATOM   1387 C CA  . GLU A 1 195 ? 2.323   -3.821  8.698   1.00 15.57 ? 174 GLU A CA  1 
ATOM   1388 C C   . GLU A 1 195 ? 0.833   -3.531  8.833   1.00 14.38 ? 174 GLU A C   1 
ATOM   1389 O O   . GLU A 1 195 ? 0.354   -2.478  8.420   1.00 14.89 ? 174 GLU A O   1 
ATOM   1390 C CB  . GLU A 1 195 ? 2.557   -4.801  7.549   1.00 17.16 ? 174 GLU A CB  1 
ATOM   1391 C CG  . GLU A 1 195 ? 4.001   -4.915  7.111   1.00 20.16 ? 174 GLU A CG  1 
ATOM   1392 C CD  . GLU A 1 195 ? 4.199   -5.961  6.024   1.00 25.23 ? 174 GLU A CD  1 
ATOM   1393 O OE1 . GLU A 1 195 ? 3.472   -5.920  5.007   1.00 27.13 ? 174 GLU A OE1 1 
ATOM   1394 O OE2 . GLU A 1 195 ? 5.087   -6.827  6.183   1.00 28.33 ? 174 GLU A OE2 1 
ATOM   1395 N N   . HIS A 1 196 ? 0.107   -4.475  9.416   1.00 14.74 ? 175 HIS A N   1 
ATOM   1396 C CA  . HIS A 1 196 ? -1.330  -4.333  9.621   1.00 16.00 ? 175 HIS A CA  1 
ATOM   1397 C C   . HIS A 1 196 ? -1.672  -3.129  10.484  1.00 14.51 ? 175 HIS A C   1 
ATOM   1398 O O   . HIS A 1 196 ? -2.780  -2.605  10.422  1.00 13.94 ? 175 HIS A O   1 
ATOM   1399 C CB  . HIS A 1 196 ? -1.887  -5.601  10.264  1.00 18.31 ? 175 HIS A CB  1 
ATOM   1400 C CG  . HIS A 1 196 ? -1.881  -6.782  9.349   1.00 22.69 ? 175 HIS A CG  1 
ATOM   1401 N ND1 . HIS A 1 196 ? -2.175  -8.058  9.777   1.00 25.26 ? 175 HIS A ND1 1 
ATOM   1402 C CD2 . HIS A 1 196 ? -1.625  -6.879  8.023   1.00 24.66 ? 175 HIS A CD2 1 
ATOM   1403 C CE1 . HIS A 1 196 ? -2.100  -8.891  8.754   1.00 26.68 ? 175 HIS A CE1 1 
ATOM   1404 N NE2 . HIS A 1 196 ? -1.767  -8.200  7.678   1.00 26.14 ? 175 HIS A NE2 1 
ATOM   1405 N N   . ARG A 1 197 ? -0.711  -2.692  11.288  1.00 14.06 ? 176 ARG A N   1 
ATOM   1406 C CA  . ARG A 1 197 ? -0.915  -1.546  12.158  1.00 13.17 ? 176 ARG A CA  1 
ATOM   1407 C C   . ARG A 1 197 ? -0.556  -0.217  11.493  1.00 12.59 ? 176 ARG A C   1 
ATOM   1408 O O   . ARG A 1 197 ? -1.364  0.709   11.476  1.00 11.75 ? 176 ARG A O   1 
ATOM   1409 C CB  . ARG A 1 197 ? -0.094  -1.711  13.442  1.00 15.38 ? 176 ARG A CB  1 
ATOM   1410 C CG  . ARG A 1 197 ? -0.121  -0.504  14.359  1.00 16.72 ? 176 ARG A CG  1 
ATOM   1411 C CD  . ARG A 1 197 ? 0.596   -0.807  15.667  1.00 21.30 ? 176 ARG A CD  1 
ATOM   1412 N NE  . ARG A 1 197 ? 2.030   -1.006  15.483  1.00 22.12 ? 176 ARG A NE  1 
ATOM   1413 C CZ  . ARG A 1 197 ? 2.902   -0.020  15.296  1.00 22.95 ? 176 ARG A CZ  1 
ATOM   1414 N NH1 . ARG A 1 197 ? 2.485   1.239   15.272  1.00 23.30 ? 176 ARG A NH1 1 
ATOM   1415 N NH2 . ARG A 1 197 ? 4.188   -0.292  15.138  1.00 24.01 ? 176 ARG A NH2 1 
ATOM   1416 N N   . ILE A 1 198 ? 0.645   -0.117  10.933  1.00 12.64 ? 177 ILE A N   1 
ATOM   1417 C CA  . ILE A 1 198 ? 1.050   1.146   10.330  1.00 12.90 ? 177 ILE A CA  1 
ATOM   1418 C C   . ILE A 1 198 ? 0.486   1.482   8.950   1.00 12.01 ? 177 ILE A C   1 
ATOM   1419 O O   . ILE A 1 198 ? 0.503   2.643   8.559   1.00 11.98 ? 177 ILE A O   1 
ATOM   1420 C CB  . ILE A 1 198 ? 2.589   1.287   10.270  1.00 13.95 ? 177 ILE A CB  1 
ATOM   1421 C CG1 . ILE A 1 198 ? 3.180   0.281   9.288   1.00 14.88 ? 177 ILE A CG1 1 
ATOM   1422 C CG2 . ILE A 1 198 ? 3.179   1.101   11.666  1.00 15.07 ? 177 ILE A CG2 1 
ATOM   1423 C CD1 . ILE A 1 198 ? 4.667   0.475   9.047   1.00 17.84 ? 177 ILE A CD1 1 
ATOM   1424 N N   . TYR A 1 199 ? -0.014  0.504   8.202   1.00 11.51 ? 178 TYR A N   1 
ATOM   1425 C CA  . TYR A 1 199 ? -0.550  0.856   6.891   1.00 11.36 ? 178 TYR A CA  1 
ATOM   1426 C C   . TYR A 1 199 ? -1.814  1.693   7.077   1.00 11.38 ? 178 TYR A C   1 
ATOM   1427 O O   . TYR A 1 199 ? -1.985  2.723   6.432   1.00 10.33 ? 178 TYR A O   1 
ATOM   1428 C CB  . TYR A 1 199 ? -0.829  -0.387  6.038   1.00 8.93  ? 178 TYR A CB  1 
ATOM   1429 C CG  . TYR A 1 199 ? -0.657  -0.134  4.546   1.00 9.21  ? 178 TYR A CG  1 
ATOM   1430 C CD1 . TYR A 1 199 ? -0.666  -1.187  3.636   1.00 9.47  ? 178 TYR A CD1 1 
ATOM   1431 C CD2 . TYR A 1 199 ? -0.469  1.158   4.048   1.00 8.73  ? 178 TYR A CD2 1 
ATOM   1432 C CE1 . TYR A 1 199 ? -0.488  -0.965  2.266   1.00 8.29  ? 178 TYR A CE1 1 
ATOM   1433 C CE2 . TYR A 1 199 ? -0.288  1.392   2.678   1.00 11.19 ? 178 TYR A CE2 1 
ATOM   1434 C CZ  . TYR A 1 199 ? -0.298  0.322   1.796   1.00 11.49 ? 178 TYR A CZ  1 
ATOM   1435 O OH  . TYR A 1 199 ? -0.112  0.531   0.446   1.00 8.99  ? 178 TYR A OH  1 
ATOM   1436 N N   . PRO A 1 200 ? -2.715  1.268   7.975   1.00 11.58 ? 179 PRO A N   1 
ATOM   1437 C CA  . PRO A 1 200 ? -3.926  2.071   8.172   1.00 12.18 ? 179 PRO A CA  1 
ATOM   1438 C C   . PRO A 1 200 ? -3.585  3.452   8.748   1.00 12.95 ? 179 PRO A C   1 
ATOM   1439 O O   . PRO A 1 200 ? -4.191  4.455   8.377   1.00 12.90 ? 179 PRO A O   1 
ATOM   1440 C CB  . PRO A 1 200 ? -4.748  1.228   9.141   1.00 11.48 ? 179 PRO A CB  1 
ATOM   1441 C CG  . PRO A 1 200 ? -4.334  -0.173  8.791   1.00 13.17 ? 179 PRO A CG  1 
ATOM   1442 C CD  . PRO A 1 200 ? -2.836  -0.037  8.643   1.00 12.04 ? 179 PRO A CD  1 
ATOM   1443 N N   . GLU A 1 201 ? -2.608  3.509   9.648   1.00 13.42 ? 180 GLU A N   1 
ATOM   1444 C CA  . GLU A 1 201 ? -2.231  4.791   10.241  1.00 14.04 ? 180 GLU A CA  1 
ATOM   1445 C C   . GLU A 1 201 ? -1.699  5.749   9.173   1.00 12.00 ? 180 GLU A C   1 
ATOM   1446 O O   . GLU A 1 201 ? -2.014  6.943   9.179   1.00 12.68 ? 180 GLU A O   1 
ATOM   1447 C CB  . GLU A 1 201 ? -1.171  4.600   11.334  1.00 17.14 ? 180 GLU A CB  1 
ATOM   1448 C CG  . GLU A 1 201 ? -0.969  5.850   12.196  1.00 25.13 ? 180 GLU A CG  1 
ATOM   1449 C CD  . GLU A 1 201 ? 0.182   5.733   13.187  1.00 30.24 ? 180 GLU A CD  1 
ATOM   1450 O OE1 . GLU A 1 201 ? 0.268   4.707   13.896  1.00 32.17 ? 180 GLU A OE1 1 
ATOM   1451 O OE2 . GLU A 1 201 ? 0.996   6.682   13.265  1.00 33.57 ? 180 GLU A OE2 1 
ATOM   1452 N N   . ALA A 1 202 ? -0.897  5.224   8.256   1.00 9.51  ? 181 ALA A N   1 
ATOM   1453 C CA  . ALA A 1 202 ? -0.318  6.037   7.191   1.00 10.52 ? 181 ALA A CA  1 
ATOM   1454 C C   . ALA A 1 202 ? -1.406  6.582   6.277   1.00 10.09 ? 181 ALA A C   1 
ATOM   1455 O O   . ALA A 1 202 ? -1.360  7.736   5.855   1.00 9.19  ? 181 ALA A O   1 
ATOM   1456 C CB  . ALA A 1 202 ? 0.672   5.213   6.386   1.00 11.43 ? 181 ALA A CB  1 
ATOM   1457 N N   . ILE A 1 203 ? -2.381  5.740   5.965   1.00 9.56  ? 182 ILE A N   1 
ATOM   1458 C CA  . ILE A 1 203 ? -3.488  6.138   5.111   1.00 9.34  ? 182 ILE A CA  1 
ATOM   1459 C C   . ILE A 1 203 ? -4.314  7.236   5.794   1.00 10.25 ? 182 ILE A C   1 
ATOM   1460 O O   . ILE A 1 203 ? -4.724  8.197   5.148   1.00 9.59  ? 182 ILE A O   1 
ATOM   1461 C CB  . ILE A 1 203 ? -4.375  4.916   4.796   1.00 10.45 ? 182 ILE A CB  1 
ATOM   1462 C CG1 . ILE A 1 203 ? -3.545  3.885   4.025   1.00 6.83  ? 182 ILE A CG1 1 
ATOM   1463 C CG2 . ILE A 1 203 ? -5.610  5.339   4.002   1.00 9.22  ? 182 ILE A CG2 1 
ATOM   1464 C CD1 . ILE A 1 203 ? -4.219  2.551   3.874   1.00 10.32 ? 182 ILE A CD1 1 
ATOM   1465 N N   . ARG A 1 204 ? -4.550  7.092   7.099   1.00 9.74  ? 183 ARG A N   1 
ATOM   1466 C CA  . ARG A 1 204 ? -5.315  8.086   7.847   1.00 10.95 ? 183 ARG A CA  1 
ATOM   1467 C C   . ARG A 1 204 ? -4.584  9.421   7.833   1.00 10.96 ? 183 ARG A C   1 
ATOM   1468 O O   . ARG A 1 204 ? -5.187  10.468  7.571   1.00 11.54 ? 183 ARG A O   1 
ATOM   1469 C CB  . ARG A 1 204 ? -5.543  7.631   9.299   1.00 13.06 ? 183 ARG A CB  1 
ATOM   1470 C CG  . ARG A 1 204 ? -6.183  8.704   10.184  1.00 18.83 ? 183 ARG A CG  1 
ATOM   1471 C CD  . ARG A 1 204 ? -6.529  8.185   11.575  1.00 23.71 ? 183 ARG A CD  1 
ATOM   1472 N NE  . ARG A 1 204 ? -5.354  7.758   12.332  1.00 28.13 ? 183 ARG A NE  1 
ATOM   1473 C CZ  . ARG A 1 204 ? -4.415  8.578   12.799  1.00 31.58 ? 183 ARG A CZ  1 
ATOM   1474 N NH1 . ARG A 1 204 ? -4.500  9.887   12.595  1.00 31.96 ? 183 ARG A NH1 1 
ATOM   1475 N NH2 . ARG A 1 204 ? -3.384  8.087   13.476  1.00 33.31 ? 183 ARG A NH2 1 
ATOM   1476 N N   . LEU A 1 205 ? -3.282  9.384   8.105   1.00 9.33  ? 184 LEU A N   1 
ATOM   1477 C CA  . LEU A 1 205 ? -2.477  10.600  8.104   1.00 9.61  ? 184 LEU A CA  1 
ATOM   1478 C C   . LEU A 1 205 ? -2.570  11.263  6.736   1.00 11.60 ? 184 LEU A C   1 
ATOM   1479 O O   . LEU A 1 205 ? -2.667  12.487  6.632   1.00 10.53 ? 184 LEU A O   1 
ATOM   1480 C CB  . LEU A 1 205 ? -1.019  10.279  8.429   1.00 10.64 ? 184 LEU A CB  1 
ATOM   1481 C CG  . LEU A 1 205 ? -0.727  9.809   9.854   1.00 11.14 ? 184 LEU A CG  1 
ATOM   1482 C CD1 . LEU A 1 205 ? 0.742   9.407   9.973   1.00 10.87 ? 184 LEU A CD1 1 
ATOM   1483 C CD2 . LEU A 1 205 ? -1.071  10.929  10.837  1.00 11.34 ? 184 LEU A CD2 1 
ATOM   1484 N N   . PHE A 1 206 ? -2.538  10.459  5.679   1.00 10.71 ? 185 PHE A N   1 
ATOM   1485 C CA  . PHE A 1 206 ? -2.646  11.029  4.346   1.00 10.41 ? 185 PHE A CA  1 
ATOM   1486 C C   . PHE A 1 206 ? -3.992  11.736  4.219   1.00 12.34 ? 185 PHE A C   1 
ATOM   1487 O O   . PHE A 1 206 ? -4.063  12.886  3.793   1.00 12.25 ? 185 PHE A O   1 
ATOM   1488 C CB  . PHE A 1 206 ? -2.578  9.961   3.259   1.00 12.27 ? 185 PHE A CB  1 
ATOM   1489 C CG  . PHE A 1 206 ? -2.845  10.502  1.880   1.00 11.97 ? 185 PHE A CG  1 
ATOM   1490 C CD1 . PHE A 1 206 ? -1.817  11.052  1.122   1.00 13.33 ? 185 PHE A CD1 1 
ATOM   1491 C CD2 . PHE A 1 206 ? -4.140  10.542  1.375   1.00 11.91 ? 185 PHE A CD2 1 
ATOM   1492 C CE1 . PHE A 1 206 ? -2.078  11.640  -0.119  1.00 15.21 ? 185 PHE A CE1 1 
ATOM   1493 C CE2 . PHE A 1 206 ? -4.414  11.126  0.137   1.00 12.43 ? 185 PHE A CE2 1 
ATOM   1494 C CZ  . PHE A 1 206 ? -3.382  11.676  -0.610  1.00 13.55 ? 185 PHE A CZ  1 
ATOM   1495 N N   . ALA A 1 207 ? -5.057  11.026  4.576   1.00 12.72 ? 186 ALA A N   1 
ATOM   1496 C CA  . ALA A 1 207 ? -6.408  11.566  4.487   1.00 14.00 ? 186 ALA A CA  1 
ATOM   1497 C C   . ALA A 1 207 ? -6.613  12.833  5.313   1.00 16.08 ? 186 ALA A C   1 
ATOM   1498 O O   . ALA A 1 207 ? -7.379  13.714  4.926   1.00 14.56 ? 186 ALA A O   1 
ATOM   1499 C CB  . ALA A 1 207 ? -7.413  10.508  4.911   1.00 13.32 ? 186 ALA A CB  1 
ATOM   1500 N N   . GLU A 1 208 ? -5.930  12.927  6.450   1.00 17.34 ? 187 GLU A N   1 
ATOM   1501 C CA  . GLU A 1 208 ? -6.079  14.095  7.310   1.00 18.15 ? 187 GLU A CA  1 
ATOM   1502 C C   . GLU A 1 208 ? -5.243  15.278  6.837   1.00 18.48 ? 187 GLU A C   1 
ATOM   1503 O O   . GLU A 1 208 ? -5.258  16.345  7.455   1.00 18.25 ? 187 GLU A O   1 
ATOM   1504 C CB  . GLU A 1 208 ? -5.714  13.732  8.751   1.00 20.07 ? 187 GLU A CB  1 
ATOM   1505 C CG  . GLU A 1 208 ? -6.548  12.590  9.320   1.00 20.85 ? 187 GLU A CG  1 
ATOM   1506 C CD  . GLU A 1 208 ? -6.167  12.233  10.747  1.00 24.75 ? 187 GLU A CD  1 
ATOM   1507 O OE1 . GLU A 1 208 ? -4.956  12.232  11.064  1.00 27.42 ? 187 GLU A OE1 1 
ATOM   1508 O OE2 . GLU A 1 208 ? -7.076  11.935  11.551  1.00 25.59 ? 187 GLU A OE2 1 
ATOM   1509 N N   . GLY A 1 209 ? -4.527  15.089  5.732   1.00 16.36 ? 188 GLY A N   1 
ATOM   1510 C CA  . GLY A 1 209 ? -3.691  16.148  5.191   1.00 15.68 ? 188 GLY A CA  1 
ATOM   1511 C C   . GLY A 1 209 ? -2.511  16.459  6.094   1.00 15.73 ? 188 GLY A C   1 
ATOM   1512 O O   . GLY A 1 209 ? -2.020  17.588  6.125   1.00 15.14 ? 188 GLY A O   1 
ATOM   1513 N N   . ARG A 1 210 ? -2.045  15.453  6.827   1.00 15.24 ? 189 ARG A N   1 
ATOM   1514 C CA  . ARG A 1 210 ? -0.928  15.638  7.744   1.00 14.16 ? 189 ARG A CA  1 
ATOM   1515 C C   . ARG A 1 210 ? 0.442   15.251  7.181   1.00 13.29 ? 189 ARG A C   1 
ATOM   1516 O O   . ARG A 1 210 ? 1.449   15.378  7.869   1.00 13.14 ? 189 ARG A O   1 
ATOM   1517 C CB  . ARG A 1 210 ? -1.206  14.873  9.042   1.00 14.78 ? 189 ARG A CB  1 
ATOM   1518 C CG  . ARG A 1 210 ? -2.368  15.469  9.847   1.00 18.45 ? 189 ARG A CG  1 
ATOM   1519 C CD  . ARG A 1 210 ? -2.737  14.623  11.061  1.00 17.33 ? 189 ARG A CD  1 
ATOM   1520 N NE  . ARG A 1 210 ? -1.623  14.460  11.990  1.00 18.35 ? 189 ARG A NE  1 
ATOM   1521 C CZ  . ARG A 1 210 ? -1.647  13.658  13.051  1.00 19.78 ? 189 ARG A CZ  1 
ATOM   1522 N NH1 . ARG A 1 210 ? -2.730  12.942  13.323  1.00 18.65 ? 189 ARG A NH1 1 
ATOM   1523 N NH2 . ARG A 1 210 ? -0.584  13.565  13.840  1.00 20.22 ? 189 ARG A NH2 1 
ATOM   1524 N N   . LEU A 1 211 ? 0.488   14.798  5.932   1.00 12.76 ? 190 LEU A N   1 
ATOM   1525 C CA  . LEU A 1 211 ? 1.760   14.409  5.321   1.00 13.75 ? 190 LEU A CA  1 
ATOM   1526 C C   . LEU A 1 211 ? 2.252   15.446  4.310   1.00 13.71 ? 190 LEU A C   1 
ATOM   1527 O O   . LEU A 1 211 ? 1.570   15.734  3.329   1.00 15.04 ? 190 LEU A O   1 
ATOM   1528 C CB  . LEU A 1 211 ? 1.626   13.047  4.623   1.00 10.28 ? 190 LEU A CB  1 
ATOM   1529 C CG  . LEU A 1 211 ? 1.119   11.878  5.474   1.00 10.31 ? 190 LEU A CG  1 
ATOM   1530 C CD1 . LEU A 1 211 ? 1.122   10.604  4.633   1.00 10.57 ? 190 LEU A CD1 1 
ATOM   1531 C CD2 . LEU A 1 211 ? 2.001   11.699  6.703   1.00 10.37 ? 190 LEU A CD2 1 
ATOM   1532 N N   . VAL A 1 212 ? 3.434   16.007  4.558   1.00 12.95 ? 191 VAL A N   1 
ATOM   1533 C CA  . VAL A 1 212 ? 4.026   17.000  3.662   1.00 13.19 ? 191 VAL A CA  1 
ATOM   1534 C C   . VAL A 1 212 ? 5.369   16.505  3.136   1.00 11.63 ? 191 VAL A C   1 
ATOM   1535 O O   . VAL A 1 212 ? 6.324   16.346  3.896   1.00 11.56 ? 191 VAL A O   1 
ATOM   1536 C CB  . VAL A 1 212 ? 4.264   18.359  4.373   1.00 12.78 ? 191 VAL A CB  1 
ATOM   1537 C CG1 . VAL A 1 212 ? 4.921   19.346  3.394   1.00 13.25 ? 191 VAL A CG1 1 
ATOM   1538 C CG2 . VAL A 1 212 ? 2.948   18.928  4.885   1.00 13.12 ? 191 VAL A CG2 1 
ATOM   1539 N N   . ILE A 1 213 ? 5.447   16.268  1.832   1.00 14.07 ? 192 ILE A N   1 
ATOM   1540 C CA  . ILE A 1 213 ? 6.687   15.790  1.238   1.00 15.86 ? 192 ILE A CA  1 
ATOM   1541 C C   . ILE A 1 213 ? 7.652   16.941  0.991   1.00 16.44 ? 192 ILE A C   1 
ATOM   1542 O O   . ILE A 1 213 ? 7.278   17.952  0.401   1.00 15.49 ? 192 ILE A O   1 
ATOM   1543 C CB  . ILE A 1 213 ? 6.451   15.083  -0.121  1.00 17.36 ? 192 ILE A CB  1 
ATOM   1544 C CG1 . ILE A 1 213 ? 5.672   13.779  0.068   1.00 19.12 ? 192 ILE A CG1 1 
ATOM   1545 C CG2 . ILE A 1 213 ? 7.787   14.767  -0.766  1.00 18.96 ? 192 ILE A CG2 1 
ATOM   1546 C CD1 . ILE A 1 213 ? 4.303   13.955  0.677   1.00 25.17 ? 192 ILE A CD1 1 
ATOM   1547 N N   . GLU A 1 214 ? 8.890   16.772  1.441   1.00 16.72 ? 193 GLU A N   1 
ATOM   1548 C CA  . GLU A 1 214 ? 9.945   17.765  1.250   1.00 20.00 ? 193 GLU A CA  1 
ATOM   1549 C C   . GLU A 1 214 ? 11.185  16.992  0.815   1.00 18.77 ? 193 GLU A C   1 
ATOM   1550 O O   . GLU A 1 214 ? 11.824  16.331  1.631   1.00 17.80 ? 193 GLU A O   1 
ATOM   1551 C CB  . GLU A 1 214 ? 10.245  18.508  2.554   1.00 23.50 ? 193 GLU A CB  1 
ATOM   1552 C CG  . GLU A 1 214 ? 9.069   19.276  3.127   1.00 30.73 ? 193 GLU A CG  1 
ATOM   1553 C CD  . GLU A 1 214 ? 9.491   20.235  4.226   1.00 35.23 ? 193 GLU A CD  1 
ATOM   1554 O OE1 . GLU A 1 214 ? 10.160  19.787  5.182   1.00 36.51 ? 193 GLU A OE1 1 
ATOM   1555 O OE2 . GLU A 1 214 ? 9.155   21.436  4.131   1.00 38.19 ? 193 GLU A OE2 1 
ATOM   1556 N N   . GLY A 1 215 ? 11.525  17.076  -0.466  1.00 18.33 ? 194 GLY A N   1 
ATOM   1557 C CA  . GLY A 1 215 ? 12.670  16.336  -0.961  1.00 17.54 ? 194 GLY A CA  1 
ATOM   1558 C C   . GLY A 1 215 ? 12.288  14.873  -0.865  1.00 16.47 ? 194 GLY A C   1 
ATOM   1559 O O   . GLY A 1 215 ? 11.199  14.492  -1.294  1.00 15.95 ? 194 GLY A O   1 
ATOM   1560 N N   . ARG A 1 216 ? 13.156  14.045  -0.295  1.00 14.57 ? 195 ARG A N   1 
ATOM   1561 C CA  . ARG A 1 216 ? 12.824  12.634  -0.156  1.00 14.44 ? 195 ARG A CA  1 
ATOM   1562 C C   . ARG A 1 216 ? 12.262  12.348  1.238   1.00 13.95 ? 195 ARG A C   1 
ATOM   1563 O O   . ARG A 1 216 ? 12.055  11.193  1.601   1.00 13.82 ? 195 ARG A O   1 
ATOM   1564 C CB  . ARG A 1 216 ? 14.051  11.754  -0.412  1.00 13.72 ? 195 ARG A CB  1 
ATOM   1565 C CG  . ARG A 1 216 ? 15.166  11.914  0.598   1.00 11.43 ? 195 ARG A CG  1 
ATOM   1566 C CD  . ARG A 1 216 ? 15.928  10.604  0.766   1.00 14.47 ? 195 ARG A CD  1 
ATOM   1567 N NE  . ARG A 1 216 ? 15.044  9.546   1.258   1.00 12.93 ? 195 ARG A NE  1 
ATOM   1568 C CZ  . ARG A 1 216 ? 14.521  8.585   0.503   1.00 13.08 ? 195 ARG A CZ  1 
ATOM   1569 N NH1 . ARG A 1 216 ? 14.794  8.523   -0.797  1.00 10.10 ? 195 ARG A NH1 1 
ATOM   1570 N NH2 . ARG A 1 216 ? 13.711  7.685   1.053   1.00 11.93 ? 195 ARG A NH2 1 
ATOM   1571 N N   . ARG A 1 217 ? 12.005  13.405  2.006   1.00 13.80 ? 196 ARG A N   1 
ATOM   1572 C CA  . ARG A 1 217 ? 11.475  13.259  3.362   1.00 15.31 ? 196 ARG A CA  1 
ATOM   1573 C C   . ARG A 1 217 ? 9.997   13.628  3.503   1.00 15.42 ? 196 ARG A C   1 
ATOM   1574 O O   . ARG A 1 217 ? 9.426   14.312  2.648   1.00 14.13 ? 196 ARG A O   1 
ATOM   1575 C CB  . ARG A 1 217 ? 12.294  14.106  4.334   1.00 16.78 ? 196 ARG A CB  1 
ATOM   1576 C CG  . ARG A 1 217 ? 13.782  13.802  4.289   1.00 20.03 ? 196 ARG A CG  1 
ATOM   1577 C CD  . ARG A 1 217 ? 14.508  14.470  5.431   1.00 24.32 ? 196 ARG A CD  1 
ATOM   1578 N NE  . ARG A 1 217 ? 14.226  15.896  5.487   1.00 27.59 ? 196 ARG A NE  1 
ATOM   1579 C CZ  . ARG A 1 217 ? 14.759  16.725  6.378   1.00 32.82 ? 196 ARG A CZ  1 
ATOM   1580 N NH1 . ARG A 1 217 ? 15.609  16.266  7.290   1.00 33.75 ? 196 ARG A NH1 1 
ATOM   1581 N NH2 . ARG A 1 217 ? 14.435  18.013  6.363   1.00 33.60 ? 196 ARG A NH2 1 
ATOM   1582 N N   . VAL A 1 218 ? 9.389   13.170  4.594   1.00 13.58 ? 197 VAL A N   1 
ATOM   1583 C CA  . VAL A 1 218 ? 7.986   13.445  4.868   1.00 13.36 ? 197 VAL A CA  1 
ATOM   1584 C C   . VAL A 1 218 ? 7.783   14.068  6.242   1.00 14.77 ? 197 VAL A C   1 
ATOM   1585 O O   . VAL A 1 218 ? 8.109   13.464  7.277   1.00 13.65 ? 197 VAL A O   1 
ATOM   1586 C CB  . VAL A 1 218 ? 7.130   12.162  4.792   1.00 13.76 ? 197 VAL A CB  1 
ATOM   1587 C CG1 . VAL A 1 218 ? 5.690   12.471  5.178   1.00 14.74 ? 197 VAL A CG1 1 
ATOM   1588 C CG2 . VAL A 1 218 ? 7.177   11.588  3.387   1.00 12.81 ? 197 VAL A CG2 1 
ATOM   1589 N N   . ARG A 1 219 ? 7.252   15.286  6.239   1.00 14.49 ? 198 ARG A N   1 
ATOM   1590 C CA  . ARG A 1 219 ? 6.951   16.017  7.461   1.00 15.15 ? 198 ARG A CA  1 
ATOM   1591 C C   . ARG A 1 219 ? 5.557   15.582  7.889   1.00 14.43 ? 198 ARG A C   1 
ATOM   1592 O O   . ARG A 1 219 ? 4.612   15.676  7.102   1.00 14.23 ? 198 ARG A O   1 
ATOM   1593 C CB  . ARG A 1 219 ? 6.921   17.527  7.197   1.00 18.35 ? 198 ARG A CB  1 
ATOM   1594 C CG  . ARG A 1 219 ? 8.203   18.286  7.464   1.00 22.66 ? 198 ARG A CG  1 
ATOM   1595 C CD  . ARG A 1 219 ? 8.071   19.724  6.953   1.00 26.24 ? 198 ARG A CD  1 
ATOM   1596 N NE  . ARG A 1 219 ? 6.824   20.352  7.379   1.00 23.69 ? 198 ARG A NE  1 
ATOM   1597 C CZ  . ARG A 1 219 ? 6.171   21.278  6.680   1.00 24.02 ? 198 ARG A CZ  1 
ATOM   1598 N NH1 . ARG A 1 219 ? 6.641   21.694  5.511   1.00 23.26 ? 198 ARG A NH1 1 
ATOM   1599 N NH2 . ARG A 1 219 ? 5.035   21.775  7.146   1.00 22.96 ? 198 ARG A NH2 1 
ATOM   1600 N N   . ILE A 1 220 ? 5.422   15.108  9.123   1.00 12.95 ? 199 ILE A N   1 
ATOM   1601 C CA  . ILE A 1 220 ? 4.117   14.697  9.624   1.00 14.18 ? 199 ILE A CA  1 
ATOM   1602 C C   . ILE A 1 220 ? 3.588   15.755  10.591  1.00 15.68 ? 199 ILE A C   1 
ATOM   1603 O O   . ILE A 1 220 ? 4.131   15.939  11.680  1.00 16.56 ? 199 ILE A O   1 
ATOM   1604 C CB  . ILE A 1 220 ? 4.188   13.352  10.365  1.00 13.31 ? 199 ILE A CB  1 
ATOM   1605 C CG1 . ILE A 1 220 ? 4.742   12.271  9.435   1.00 14.13 ? 199 ILE A CG1 1 
ATOM   1606 C CG2 . ILE A 1 220 ? 2.800   12.959  10.858  1.00 13.81 ? 199 ILE A CG2 1 
ATOM   1607 C CD1 . ILE A 1 220 ? 4.811   10.904  10.073  1.00 12.23 ? 199 ILE A CD1 1 
ATOM   1608 N N   . LEU A 1 221 ? 2.528   16.446  10.182  1.00 17.65 ? 200 LEU A N   1 
ATOM   1609 C CA  . LEU A 1 221 ? 1.908   17.493  10.996  1.00 21.81 ? 200 LEU A CA  1 
ATOM   1610 C C   . LEU A 1 221 ? 1.200   16.968  12.245  1.00 24.62 ? 200 LEU A C   1 
ATOM   1611 O O   . LEU A 1 221 ? 0.773   15.815  12.292  1.00 22.03 ? 200 LEU A O   1 
ATOM   1612 C CB  . LEU A 1 221 ? 0.899   18.277  10.150  1.00 21.05 ? 200 LEU A CB  1 
ATOM   1613 C CG  . LEU A 1 221 ? 1.397   19.350  9.179   1.00 22.32 ? 200 LEU A CG  1 
ATOM   1614 C CD1 . LEU A 1 221 ? 2.666   18.907  8.485   1.00 23.47 ? 200 LEU A CD1 1 
ATOM   1615 C CD2 . LEU A 1 221 ? 0.296   19.645  8.165   1.00 23.30 ? 200 LEU A CD2 1 
ATOM   1616 N N   . ASP A 1 222 ? 1.078   17.837  13.248  1.00 30.59 ? 201 ASP A N   1 
ATOM   1617 C CA  . ASP A 1 222 ? 0.400   17.504  14.503  1.00 37.28 ? 201 ASP A CA  1 
ATOM   1618 C C   . ASP A 1 222 ? -1.108  17.522  14.256  1.00 41.13 ? 201 ASP A C   1 
ATOM   1619 O O   . ASP A 1 222 ? -1.556  17.744  13.130  1.00 42.01 ? 201 ASP A O   1 
ATOM   1620 C CB  . ASP A 1 222 ? 0.734   18.534  15.591  1.00 38.38 ? 201 ASP A CB  1 
ATOM   1621 C CG  . ASP A 1 222 ? 2.207   18.551  15.963  1.00 40.10 ? 201 ASP A CG  1 
ATOM   1622 O OD1 . ASP A 1 222 ? 2.609   19.444  16.740  1.00 42.46 ? 201 ASP A OD1 1 
ATOM   1623 O OD2 . ASP A 1 222 ? 2.965   17.676  15.490  1.00 42.17 ? 201 ASP A OD2 1 
HETATM 1624 O O   . HOH B 2 .   ? 14.583  -4.883  7.526   1.00 5.64  ? 209 HOH A O   1 
HETATM 1625 O O   . HOH B 2 .   ? 9.335   0.258   15.872  1.00 10.82 ? 210 HOH A O   1 
HETATM 1626 O O   . HOH B 2 .   ? -1.652  14.378  3.628   1.00 11.67 ? 211 HOH A O   1 
HETATM 1627 O O   . HOH B 2 .   ? -14.606 0.542   2.501   1.00 9.51  ? 212 HOH A O   1 
HETATM 1628 O O   . HOH B 2 .   ? 11.754  -12.948 1.915   1.00 8.97  ? 213 HOH A O   1 
HETATM 1629 O O   . HOH B 2 .   ? 12.942  7.157   -7.090  1.00 10.66 ? 214 HOH A O   1 
HETATM 1630 O O   . HOH B 2 .   ? 12.283  4.830   0.476   1.00 10.55 ? 215 HOH A O   1 
HETATM 1631 O O   . HOH B 2 .   ? 10.436  10.889  5.607   1.00 8.24  ? 216 HOH A O   1 
HETATM 1632 O O   . HOH B 2 .   ? 16.873  -4.699  8.858   1.00 9.30  ? 217 HOH A O   1 
HETATM 1633 O O   . HOH B 2 .   ? 5.273   -8.124  15.301  1.00 10.01 ? 218 HOH A O   1 
HETATM 1634 O O   . HOH B 2 .   ? 13.463  -7.101  6.246   1.00 12.38 ? 219 HOH A O   1 
HETATM 1635 O O   . HOH B 2 .   ? 25.923  -4.453  7.898   1.00 12.83 ? 220 HOH A O   1 
HETATM 1636 O O   . HOH B 2 .   ? 12.291  9.214   3.202   1.00 13.24 ? 221 HOH A O   1 
HETATM 1637 O O   . HOH B 2 .   ? -4.505  11.816  -8.950  1.00 13.93 ? 222 HOH A O   1 
HETATM 1638 O O   . HOH B 2 .   ? 6.851   5.501   12.207  1.00 8.12  ? 223 HOH A O   1 
HETATM 1639 O O   . HOH B 2 .   ? 15.774  15.394  0.529   1.00 11.70 ? 224 HOH A O   1 
HETATM 1640 O O   . HOH B 2 .   ? 20.409  -7.677  0.192   1.00 15.77 ? 225 HOH A O   1 
HETATM 1641 O O   . HOH B 2 .   ? 6.006   -1.007  -22.120 1.00 18.08 ? 226 HOH A O   1 
HETATM 1642 O O   . HOH B 2 .   ? 6.469   -9.439  5.976   1.00 12.92 ? 227 HOH A O   1 
HETATM 1643 O O   . HOH B 2 .   ? 10.364  -7.509  -0.191  1.00 11.19 ? 228 HOH A O   1 
HETATM 1644 O O   . HOH B 2 .   ? -6.480  11.179  -7.366  1.00 17.24 ? 229 HOH A O   1 
HETATM 1645 O O   . HOH B 2 .   ? -13.144 -9.013  4.234   1.00 19.26 ? 230 HOH A O   1 
HETATM 1646 O O   . HOH B 2 .   ? -0.332  -7.821  1.476   1.00 16.26 ? 231 HOH A O   1 
HETATM 1647 O O   . HOH B 2 .   ? 9.221   4.082   -4.595  1.00 15.02 ? 232 HOH A O   1 
HETATM 1648 O O   . HOH B 2 .   ? -1.465  -9.284  -2.707  1.00 15.98 ? 233 HOH A O   1 
HETATM 1649 O O   . HOH B 2 .   ? 16.943  -7.823  18.264  1.00 16.01 ? 234 HOH A O   1 
HETATM 1650 O O   . HOH B 2 .   ? 20.316  -12.832 12.430  1.00 18.36 ? 235 HOH A O   1 
HETATM 1651 O O   . HOH B 2 .   ? 9.150   -10.366 -2.279  1.00 18.58 ? 236 HOH A O   1 
HETATM 1652 O O   . HOH B 2 .   ? 20.998  -9.761  1.956   1.00 15.35 ? 237 HOH A O   1 
HETATM 1653 O O   . HOH B 2 .   ? -8.289  12.936  -6.067  1.00 22.33 ? 238 HOH A O   1 
HETATM 1654 O O   . HOH B 2 .   ? 5.302   -2.714  -14.787 1.00 22.20 ? 239 HOH A O   1 
HETATM 1655 O O   . HOH B 2 .   ? 20.182  -14.583 10.293  1.00 25.25 ? 240 HOH A O   1 
HETATM 1656 O O   . HOH B 2 .   ? -1.449  -6.275  13.920  1.00 28.10 ? 241 HOH A O   1 
HETATM 1657 O O   . HOH B 2 .   ? 14.735  -22.645 12.063  1.00 20.37 ? 242 HOH A O   1 
HETATM 1658 O O   . HOH B 2 .   ? 2.226   -10.853 -9.778  1.00 26.28 ? 243 HOH A O   1 
HETATM 1659 O O   . HOH B 2 .   ? 2.771   -2.891  -16.033 1.00 31.07 ? 244 HOH A O   1 
HETATM 1660 O O   . HOH B 2 .   ? 13.484  -20.049 5.860   1.00 25.09 ? 245 HOH A O   1 
HETATM 1661 O O   . HOH B 2 .   ? -2.122  11.101  15.472  1.00 35.61 ? 246 HOH A O   1 
HETATM 1662 O O   . HOH B 2 .   ? 23.556  -8.991  2.338   1.00 31.07 ? 247 HOH A O   1 
HETATM 1663 O O   . HOH B 2 .   ? 1.319   -6.074  -19.988 1.00 22.32 ? 248 HOH A O   1 
HETATM 1664 O O   . HOH B 2 .   ? -8.847  9.172   -9.842  1.00 17.47 ? 249 HOH A O   1 
HETATM 1665 O O   . HOH B 2 .   ? 15.512  2.014   -8.321  1.00 33.07 ? 250 HOH A O   1 
HETATM 1666 O O   . HOH B 2 .   ? -1.640  -13.118 -16.703 1.00 39.02 ? 251 HOH A O   1 
HETATM 1667 O O   . HOH B 2 .   ? 21.046  -8.907  -2.334  1.00 17.29 ? 252 HOH A O   1 
HETATM 1668 O O   . HOH B 2 .   ? -1.626  -15.158 4.300   1.00 30.88 ? 253 HOH A O   1 
HETATM 1669 O O   . HOH B 2 .   ? 12.189  -23.831 12.084  1.00 23.37 ? 254 HOH A O   1 
HETATM 1670 O O   . HOH B 2 .   ? 0.372   13.775  -1.653  1.00 22.63 ? 255 HOH A O   1 
HETATM 1671 O O   . HOH B 2 .   ? 20.292  -17.273 -1.104  1.00 28.25 ? 256 HOH A O   1 
HETATM 1672 O O   . HOH B 2 .   ? 5.282   9.786   -6.614  1.00 18.12 ? 257 HOH A O   1 
HETATM 1673 O O   . HOH B 2 .   ? 6.560   -5.153  -13.967 1.00 26.58 ? 258 HOH A O   1 
HETATM 1674 O O   . HOH B 2 .   ? 8.191   1.079   -4.641  1.00 27.20 ? 259 HOH A O   1 
HETATM 1675 O O   . HOH B 2 .   ? 7.569   -7.799  16.957  1.00 22.48 ? 260 HOH A O   1 
HETATM 1676 O O   . HOH B 2 .   ? 10.139  -19.903 5.753   1.00 20.28 ? 261 HOH A O   1 
HETATM 1677 O O   . HOH B 2 .   ? -7.211  -1.948  10.440  1.00 15.99 ? 262 HOH A O   1 
HETATM 1678 O O   . HOH B 2 .   ? -3.378  0.760   13.158  1.00 27.14 ? 263 HOH A O   1 
HETATM 1679 O O   . HOH B 2 .   ? -5.707  2.562   12.425  1.00 30.00 ? 264 HOH A O   1 
HETATM 1680 O O   . HOH B 2 .   ? -14.536 -1.525  4.208   1.00 30.13 ? 265 HOH A O   1 
HETATM 1681 O O   . HOH B 2 .   ? -4.350  -14.932 -13.188 1.00 38.09 ? 266 HOH A O   1 
HETATM 1682 O O   . HOH B 2 .   ? -11.828 -12.319 4.654   1.00 42.82 ? 267 HOH A O   1 
HETATM 1683 O O   . HOH B 2 .   ? -13.826 -17.251 6.707   1.00 37.59 ? 268 HOH A O   1 
HETATM 1684 O O   . HOH B 2 .   ? -17.554 -7.295  -4.670  1.00 24.37 ? 269 HOH A O   1 
HETATM 1685 O O   . HOH B 2 .   ? -16.901 -7.271  -7.401  1.00 23.25 ? 270 HOH A O   1 
HETATM 1686 O O   . HOH B 2 .   ? -2.364  -9.486  -25.734 1.00 23.67 ? 271 HOH A O   1 
HETATM 1687 O O   . HOH B 2 .   ? 6.281   -10.035 1.495   1.00 36.44 ? 272 HOH A O   1 
HETATM 1688 O O   . HOH B 2 .   ? 16.651  -15.024 19.752  1.00 19.89 ? 273 HOH A O   1 
HETATM 1689 O O   . HOH B 2 .   ? 18.559  -12.826 17.671  1.00 23.57 ? 274 HOH A O   1 
HETATM 1690 O O   . HOH B 2 .   ? 16.333  -10.433 18.957  1.00 32.06 ? 275 HOH A O   1 
HETATM 1691 O O   . HOH B 2 .   ? 19.857  -10.460 18.864  1.00 28.34 ? 276 HOH A O   1 
HETATM 1692 O O   . HOH B 2 .   ? 19.759  -11.614 21.628  1.00 42.56 ? 277 HOH A O   1 
HETATM 1693 O O   . HOH B 2 .   ? 4.519   4.424   13.710  1.00 30.92 ? 278 HOH A O   1 
HETATM 1694 O O   . HOH B 2 .   ? 6.594   0.208   -8.027  1.00 23.04 ? 279 HOH A O   1 
HETATM 1695 O O   . HOH B 2 .   ? 8.440   3.030   15.679  1.00 26.08 ? 280 HOH A O   1 
HETATM 1696 O O   . HOH B 2 .   ? 16.318  -19.617 8.607   1.00 29.54 ? 281 HOH A O   1 
HETATM 1697 O O   . HOH B 2 .   ? -2.451  -3.045  6.301   1.00 28.63 ? 282 HOH A O   1 
HETATM 1698 O O   . HOH B 2 .   ? 3.260   16.829  0.143   1.00 22.89 ? 283 HOH A O   1 
HETATM 1699 O O   . HOH B 2 .   ? -11.743 -6.563  -15.351 1.00 38.28 ? 284 HOH A O   1 
HETATM 1700 O O   . HOH B 2 .   ? -7.920  -7.848  -18.377 1.00 25.76 ? 285 HOH A O   1 
HETATM 1701 O O   . HOH B 2 .   ? -3.963  0.670   -22.170 1.00 25.63 ? 286 HOH A O   1 
HETATM 1702 O O   . HOH B 2 .   ? -2.506  6.936   -18.961 1.00 32.27 ? 287 HOH A O   1 
HETATM 1703 O O   . HOH B 2 .   ? -8.749  -1.568  -20.155 1.00 36.38 ? 288 HOH A O   1 
HETATM 1704 O O   . HOH B 2 .   ? -6.637  7.720   -18.075 1.00 36.31 ? 289 HOH A O   1 
HETATM 1705 O O   . HOH B 2 .   ? -12.557 10.305  -12.407 1.00 18.65 ? 290 HOH A O   1 
HETATM 1706 O O   . HOH B 2 .   ? -12.349 11.316  -9.410  1.00 22.36 ? 291 HOH A O   1 
HETATM 1707 O O   . HOH B 2 .   ? -9.583  10.806  -11.682 1.00 25.90 ? 292 HOH A O   1 
HETATM 1708 O O   . HOH B 2 .   ? -7.120  13.504  -1.367  1.00 28.46 ? 293 HOH A O   1 
HETATM 1709 O O   . HOH B 2 .   ? 2.820   -4.082  -2.829  1.00 26.87 ? 294 HOH A O   1 
HETATM 1710 O O   . HOH B 2 .   ? 1.828   -10.617 -3.530  1.00 25.72 ? 295 HOH A O   1 
HETATM 1711 O O   . HOH B 2 .   ? -1.645  8.512   -16.848 1.00 29.39 ? 296 HOH A O   1 
HETATM 1712 O O   . HOH B 2 .   ? 8.211   -3.478  -2.321  1.00 26.85 ? 297 HOH A O   1 
HETATM 1713 O O   . HOH B 2 .   ? -7.919  14.725  2.236   1.00 34.93 ? 298 HOH A O   1 
HETATM 1714 O O   . HOH B 2 .   ? 21.530  -19.207 16.326  1.00 42.38 ? 299 HOH A O   1 
# 
loop_
_pdbx_poly_seq_scheme.asym_id 
_pdbx_poly_seq_scheme.entity_id 
_pdbx_poly_seq_scheme.seq_id 
_pdbx_poly_seq_scheme.mon_id 
_pdbx_poly_seq_scheme.ndb_seq_num 
_pdbx_poly_seq_scheme.pdb_seq_num 
_pdbx_poly_seq_scheme.auth_seq_num 
_pdbx_poly_seq_scheme.pdb_mon_id 
_pdbx_poly_seq_scheme.auth_mon_id 
_pdbx_poly_seq_scheme.pdb_strand_id 
_pdbx_poly_seq_scheme.pdb_ins_code 
_pdbx_poly_seq_scheme.hetero 
A 1 1   MET 1   -21 ?   ?   ?   A . n 
A 1 2   GLY 2   -20 ?   ?   ?   A . n 
A 1 3   SER 3   -19 ?   ?   ?   A . n 
A 1 4   SER 4   -18 ?   ?   ?   A . n 
A 1 5   HIS 5   -17 ?   ?   ?   A . n 
A 1 6   HIS 6   -16 ?   ?   ?   A . n 
A 1 7   HIS 7   -15 ?   ?   ?   A . n 
A 1 8   HIS 8   -14 ?   ?   ?   A . n 
A 1 9   HIS 9   -13 ?   ?   ?   A . n 
A 1 10  HIS 10  -12 ?   ?   ?   A . n 
A 1 11  SER 11  -11 -11 SER SER A . n 
A 1 12  SER 12  -10 -10 SER SER A . n 
A 1 13  GLY 13  -9  -9  GLY GLY A . n 
A 1 14  GLU 14  -8  -8  GLU GLU A . n 
A 1 15  ASN 15  -7  -7  ASN ASN A . n 
A 1 16  LEU 16  -6  -6  LEU LEU A . n 
A 1 17  TYR 17  -5  -5  TYR TYR A . n 
A 1 18  PHE 18  -4  -4  PHE PHE A . n 
A 1 19  GLN 19  -3  -3  GLN GLN A . n 
A 1 20  GLY 20  -2  -2  GLY GLY A . n 
A 1 21  HIS 21  -1  -1  HIS HIS A . n 
A 1 22  MET 22  1   1   MET MET A . n 
A 1 23  ILE 23  2   2   ILE ILE A . n 
A 1 24  ARG 24  3   3   ARG ARG A . n 
A 1 25  ILE 25  4   4   ILE ILE A . n 
A 1 26  GLY 26  5   5   GLY GLY A . n 
A 1 27  VAL 27  6   6   VAL VAL A . n 
A 1 28  LEU 28  7   7   LEU LEU A . n 
A 1 29  ILE 29  8   8   ILE ILE A . n 
A 1 30  SER 30  9   9   SER SER A . n 
A 1 31  GLY 31  10  10  GLY GLY A . n 
A 1 32  SER 32  11  11  SER SER A . n 
A 1 33  GLY 33  12  12  GLY GLY A . n 
A 1 34  THR 34  13  13  THR THR A . n 
A 1 35  ASN 35  14  14  ASN ASN A . n 
A 1 36  LEU 36  15  15  LEU LEU A . n 
A 1 37  GLN 37  16  16  GLN GLN A . n 
A 1 38  ALA 38  17  17  ALA ALA A . n 
A 1 39  ILE 39  18  18  ILE ILE A . n 
A 1 40  LEU 40  19  19  LEU LEU A . n 
A 1 41  ASP 41  20  20  ASP ASP A . n 
A 1 42  GLY 42  21  21  GLY GLY A . n 
A 1 43  CYS 43  22  22  CYS CYS A . n 
A 1 44  ARG 44  23  23  ARG ARG A . n 
A 1 45  GLU 45  24  24  GLU GLU A . n 
A 1 46  GLY 46  25  25  GLY GLY A . n 
A 1 47  ARG 47  26  26  ARG ARG A . n 
A 1 48  ILE 48  27  27  ILE ILE A . n 
A 1 49  PRO 49  28  28  PRO PRO A . n 
A 1 50  GLY 50  29  29  GLY GLY A . n 
A 1 51  ARG 51  30  30  ARG ARG A . n 
A 1 52  VAL 52  31  31  VAL VAL A . n 
A 1 53  ALA 53  32  32  ALA ALA A . n 
A 1 54  VAL 54  33  33  VAL VAL A . n 
A 1 55  VAL 55  34  34  VAL VAL A . n 
A 1 56  ILE 56  35  35  ILE ILE A . n 
A 1 57  SER 57  36  36  SER SER A . n 
A 1 58  ASP 58  37  37  ASP ASP A . n 
A 1 59  ARG 59  38  38  ARG ARG A . n 
A 1 60  ALA 60  39  39  ALA ALA A . n 
A 1 61  ASP 61  40  40  ASP ASP A . n 
A 1 62  ALA 62  41  41  ALA ALA A . n 
A 1 63  TYR 63  42  42  TYR TYR A . n 
A 1 64  GLY 64  43  43  GLY GLY A . n 
A 1 65  LEU 65  44  44  LEU LEU A . n 
A 1 66  GLU 66  45  45  GLU GLU A . n 
A 1 67  ARG 67  46  46  ARG ARG A . n 
A 1 68  ALA 68  47  47  ALA ALA A . n 
A 1 69  ARG 69  48  48  ARG ARG A . n 
A 1 70  ARG 70  49  49  ARG ARG A . n 
A 1 71  ALA 71  50  50  ALA ALA A . n 
A 1 72  GLY 72  51  51  GLY GLY A . n 
A 1 73  VAL 73  52  52  VAL VAL A . n 
A 1 74  ASP 74  53  53  ASP ASP A . n 
A 1 75  ALA 75  54  54  ALA ALA A . n 
A 1 76  LEU 76  55  55  LEU LEU A . n 
A 1 77  HIS 77  56  56  HIS HIS A . n 
A 1 78  MET 78  57  57  MET MET A . n 
A 1 79  ASP 79  58  58  ASP ASP A . n 
A 1 80  PRO 80  59  59  PRO PRO A . n 
A 1 81  ALA 81  60  60  ALA ALA A . n 
A 1 82  ALA 82  61  61  ALA ALA A . n 
A 1 83  TYR 83  62  62  TYR TYR A . n 
A 1 84  PRO 84  63  63  PRO PRO A . n 
A 1 85  SER 85  64  64  SER SER A . n 
A 1 86  ARG 86  65  65  ARG ARG A . n 
A 1 87  THR 87  66  66  THR THR A . n 
A 1 88  ALA 88  67  67  ALA ALA A . n 
A 1 89  PHE 89  68  68  PHE PHE A . n 
A 1 90  ASP 90  69  69  ASP ASP A . n 
A 1 91  ALA 91  70  70  ALA ALA A . n 
A 1 92  ALA 92  71  71  ALA ALA A . n 
A 1 93  LEU 93  72  72  LEU LEU A . n 
A 1 94  ALA 94  73  73  ALA ALA A . n 
A 1 95  GLU 95  74  74  GLU GLU A . n 
A 1 96  ARG 96  75  75  ARG ARG A . n 
A 1 97  LEU 97  76  76  LEU LEU A . n 
A 1 98  GLN 98  77  77  GLN GLN A . n 
A 1 99  ALA 99  78  78  ALA ALA A . n 
A 1 100 TYR 100 79  79  TYR TYR A . n 
A 1 101 GLY 101 80  80  GLY GLY A . n 
A 1 102 VAL 102 81  81  VAL VAL A . n 
A 1 103 ASP 103 82  82  ASP ASP A . n 
A 1 104 LEU 104 83  83  LEU LEU A . n 
A 1 105 VAL 105 84  84  VAL VAL A . n 
A 1 106 CYS 106 85  85  CYS CYS A . n 
A 1 107 LEU 107 86  86  LEU LEU A . n 
A 1 108 ALA 108 87  87  ALA ALA A . n 
A 1 109 GLY 109 88  88  GLY GLY A . n 
A 1 110 TYR 110 89  89  TYR TYR A . n 
A 1 111 MET 111 90  90  MET MET A . n 
A 1 112 ARG 112 91  91  ARG ARG A . n 
A 1 113 LEU 113 92  92  LEU LEU A . n 
A 1 114 VAL 114 93  93  VAL VAL A . n 
A 1 115 ARG 115 94  94  ARG ARG A . n 
A 1 116 GLY 116 95  95  GLY GLY A . n 
A 1 117 PRO 117 96  96  PRO PRO A . n 
A 1 118 MET 118 97  97  MET MET A . n 
A 1 119 LEU 119 98  98  LEU LEU A . n 
A 1 120 THR 120 99  99  THR THR A . n 
A 1 121 ALA 121 100 100 ALA ALA A . n 
A 1 122 PHE 122 101 101 PHE PHE A . n 
A 1 123 PRO 123 102 102 PRO PRO A . n 
A 1 124 ASN 124 103 103 ASN ASN A . n 
A 1 125 ARG 125 104 104 ARG ARG A . n 
A 1 126 ILE 126 105 105 ILE ILE A . n 
A 1 127 LEU 127 106 106 LEU LEU A . n 
A 1 128 ASN 128 107 107 ASN ASN A . n 
A 1 129 ILE 129 108 108 ILE ILE A . n 
A 1 130 HIS 130 109 109 HIS HIS A . n 
A 1 131 PRO 131 110 110 PRO PRO A . n 
A 1 132 SER 132 111 111 SER SER A . n 
A 1 133 LEU 133 112 112 LEU LEU A . n 
A 1 134 LEU 134 113 113 LEU LEU A . n 
A 1 135 PRO 135 114 114 PRO PRO A . n 
A 1 136 ALA 136 115 115 ALA ALA A . n 
A 1 137 PHE 137 116 116 PHE PHE A . n 
A 1 138 PRO 138 117 117 PRO PRO A . n 
A 1 139 GLY 139 118 118 GLY GLY A . n 
A 1 140 LEU 140 119 119 LEU LEU A . n 
A 1 141 GLU 141 120 120 GLU GLU A . n 
A 1 142 ALA 142 121 121 ALA ALA A . n 
A 1 143 GLN 143 122 122 GLN GLN A . n 
A 1 144 ARG 144 123 123 ARG ARG A . n 
A 1 145 GLN 145 124 124 GLN GLN A . n 
A 1 146 ALA 146 125 125 ALA ALA A . n 
A 1 147 LEU 147 126 126 LEU LEU A . n 
A 1 148 GLU 148 127 127 GLU GLU A . n 
A 1 149 HIS 149 128 128 HIS HIS A . n 
A 1 150 GLY 150 129 129 GLY GLY A . n 
A 1 151 VAL 151 130 130 VAL VAL A . n 
A 1 152 LYS 152 131 131 LYS LYS A . n 
A 1 153 VAL 153 132 132 VAL VAL A . n 
A 1 154 ALA 154 133 133 ALA ALA A . n 
A 1 155 GLY 155 134 134 GLY GLY A . n 
A 1 156 CYS 156 135 135 CYS CYS A . n 
A 1 157 THR 157 136 136 THR THR A . n 
A 1 158 VAL 158 137 137 VAL VAL A . n 
A 1 159 HIS 159 138 138 HIS HIS A . n 
A 1 160 PHE 160 139 139 PHE PHE A . n 
A 1 161 VAL 161 140 140 VAL VAL A . n 
A 1 162 THR 162 141 141 THR THR A . n 
A 1 163 ALA 163 142 142 ALA ALA A . n 
A 1 164 GLY 164 143 143 GLY GLY A . n 
A 1 165 VAL 165 144 144 VAL VAL A . n 
A 1 166 ASP 166 145 145 ASP ASP A . n 
A 1 167 GLU 167 146 146 GLU GLU A . n 
A 1 168 GLY 168 147 147 GLY GLY A . n 
A 1 169 PRO 169 148 148 PRO PRO A . n 
A 1 170 ILE 170 149 149 ILE ILE A . n 
A 1 171 ILE 171 150 150 ILE ILE A . n 
A 1 172 LEU 172 151 151 LEU LEU A . n 
A 1 173 GLN 173 152 152 GLN GLN A . n 
A 1 174 ALA 174 153 153 ALA ALA A . n 
A 1 175 ALA 175 154 154 ALA ALA A . n 
A 1 176 VAL 176 155 155 VAL VAL A . n 
A 1 177 PRO 177 156 156 PRO PRO A . n 
A 1 178 VAL 178 157 157 VAL VAL A . n 
A 1 179 LEU 179 158 158 LEU LEU A . n 
A 1 180 GLU 180 159 159 GLU GLU A . n 
A 1 181 GLY 181 160 160 GLY GLY A . n 
A 1 182 ASP 182 161 161 ASP ASP A . n 
A 1 183 THR 183 162 162 THR THR A . n 
A 1 184 VAL 184 163 163 VAL VAL A . n 
A 1 185 GLU 185 164 164 GLU GLU A . n 
A 1 186 ASP 186 165 165 ASP ASP A . n 
A 1 187 LEU 187 166 166 LEU LEU A . n 
A 1 188 ARG 188 167 167 ARG ARG A . n 
A 1 189 ARG 189 168 168 ARG ARG A . n 
A 1 190 ARG 190 169 169 ARG ARG A . n 
A 1 191 ILE 191 170 170 ILE ILE A . n 
A 1 192 LEU 192 171 171 LEU LEU A . n 
A 1 193 ALA 193 172 172 ALA ALA A . n 
A 1 194 GLU 194 173 173 GLU GLU A . n 
A 1 195 GLU 195 174 174 GLU GLU A . n 
A 1 196 HIS 196 175 175 HIS HIS A . n 
A 1 197 ARG 197 176 176 ARG ARG A . n 
A 1 198 ILE 198 177 177 ILE ILE A . n 
A 1 199 TYR 199 178 178 TYR TYR A . n 
A 1 200 PRO 200 179 179 PRO PRO A . n 
A 1 201 GLU 201 180 180 GLU GLU A . n 
A 1 202 ALA 202 181 181 ALA ALA A . n 
A 1 203 ILE 203 182 182 ILE ILE A . n 
A 1 204 ARG 204 183 183 ARG ARG A . n 
A 1 205 LEU 205 184 184 LEU LEU A . n 
A 1 206 PHE 206 185 185 PHE PHE A . n 
A 1 207 ALA 207 186 186 ALA ALA A . n 
A 1 208 GLU 208 187 187 GLU GLU A . n 
A 1 209 GLY 209 188 188 GLY GLY A . n 
A 1 210 ARG 210 189 189 ARG ARG A . n 
A 1 211 LEU 211 190 190 LEU LEU A . n 
A 1 212 VAL 212 191 191 VAL VAL A . n 
A 1 213 ILE 213 192 192 ILE ILE A . n 
A 1 214 GLU 214 193 193 GLU GLU A . n 
A 1 215 GLY 215 194 194 GLY GLY A . n 
A 1 216 ARG 216 195 195 ARG ARG A . n 
A 1 217 ARG 217 196 196 ARG ARG A . n 
A 1 218 VAL 218 197 197 VAL VAL A . n 
A 1 219 ARG 219 198 198 ARG ARG A . n 
A 1 220 ILE 220 199 199 ILE ILE A . n 
A 1 221 LEU 221 200 200 LEU LEU A . n 
A 1 222 ASP 222 201 201 ASP ASP A . n 
A 1 223 ARG 223 202 ?   ?   ?   A . n 
A 1 224 ALA 224 203 ?   ?   ?   A . n 
A 1 225 GLU 225 204 ?   ?   ?   A . n 
A 1 226 ALA 226 205 ?   ?   ?   A . n 
A 1 227 PRO 227 206 ?   ?   ?   A . n 
A 1 228 ARG 228 207 ?   ?   ?   A . n 
A 1 229 GLY 229 208 ?   ?   ?   A . n 
# 
_pdbx_SG_project.id                    1 
_pdbx_SG_project.project_name          ? 
_pdbx_SG_project.full_name_of_center   'RIKEN Structural Genomics/Proteomics Initiative' 
_pdbx_SG_project.initial_of_center     RSGI 
# 
loop_
_pdbx_nonpoly_scheme.asym_id 
_pdbx_nonpoly_scheme.entity_id 
_pdbx_nonpoly_scheme.mon_id 
_pdbx_nonpoly_scheme.ndb_seq_num 
_pdbx_nonpoly_scheme.pdb_seq_num 
_pdbx_nonpoly_scheme.auth_seq_num 
_pdbx_nonpoly_scheme.pdb_mon_id 
_pdbx_nonpoly_scheme.auth_mon_id 
_pdbx_nonpoly_scheme.pdb_strand_id 
_pdbx_nonpoly_scheme.pdb_ins_code 
B 2 HOH 1  209 1   HOH TIP A . 
B 2 HOH 2  210 2   HOH TIP A . 
B 2 HOH 3  211 3   HOH TIP A . 
B 2 HOH 4  212 4   HOH TIP A . 
B 2 HOH 5  213 5   HOH TIP A . 
B 2 HOH 6  214 7   HOH TIP A . 
B 2 HOH 7  215 8   HOH TIP A . 
B 2 HOH 8  216 9   HOH TIP A . 
B 2 HOH 9  217 10  HOH TIP A . 
B 2 HOH 10 218 11  HOH TIP A . 
B 2 HOH 11 219 12  HOH TIP A . 
B 2 HOH 12 220 13  HOH TIP A . 
B 2 HOH 13 221 15  HOH TIP A . 
B 2 HOH 14 222 16  HOH TIP A . 
B 2 HOH 15 223 17  HOH TIP A . 
B 2 HOH 16 224 18  HOH TIP A . 
B 2 HOH 17 225 19  HOH TIP A . 
B 2 HOH 18 226 20  HOH TIP A . 
B 2 HOH 19 227 21  HOH TIP A . 
B 2 HOH 20 228 22  HOH TIP A . 
B 2 HOH 21 229 23  HOH TIP A . 
B 2 HOH 22 230 24  HOH TIP A . 
B 2 HOH 23 231 25  HOH TIP A . 
B 2 HOH 24 232 26  HOH TIP A . 
B 2 HOH 25 233 27  HOH TIP A . 
B 2 HOH 26 234 28  HOH TIP A . 
B 2 HOH 27 235 32  HOH TIP A . 
B 2 HOH 28 236 35  HOH TIP A . 
B 2 HOH 29 237 37  HOH TIP A . 
B 2 HOH 30 238 46  HOH TIP A . 
B 2 HOH 31 239 49  HOH TIP A . 
B 2 HOH 32 240 50  HOH TIP A . 
B 2 HOH 33 241 51  HOH TIP A . 
B 2 HOH 34 242 53  HOH TIP A . 
B 2 HOH 35 243 68  HOH TIP A . 
B 2 HOH 36 244 69  HOH TIP A . 
B 2 HOH 37 245 75  HOH TIP A . 
B 2 HOH 38 246 77  HOH TIP A . 
B 2 HOH 39 247 83  HOH TIP A . 
B 2 HOH 40 248 86  HOH TIP A . 
B 2 HOH 41 249 90  HOH TIP A . 
B 2 HOH 42 250 100 HOH TIP A . 
B 2 HOH 43 251 107 HOH TIP A . 
B 2 HOH 44 252 121 HOH TIP A . 
B 2 HOH 45 253 122 HOH TIP A . 
B 2 HOH 46 254 123 HOH TIP A . 
B 2 HOH 47 255 124 HOH TIP A . 
B 2 HOH 48 256 125 HOH TIP A . 
B 2 HOH 49 257 127 HOH TIP A . 
B 2 HOH 50 258 129 HOH TIP A . 
B 2 HOH 51 259 130 HOH TIP A . 
B 2 HOH 52 260 131 HOH TIP A . 
B 2 HOH 53 261 132 HOH TIP A . 
B 2 HOH 54 262 133 HOH TIP A . 
B 2 HOH 55 263 134 HOH TIP A . 
B 2 HOH 56 264 135 HOH TIP A . 
B 2 HOH 57 265 136 HOH TIP A . 
B 2 HOH 58 266 137 HOH TIP A . 
B 2 HOH 59 267 138 HOH TIP A . 
B 2 HOH 60 268 139 HOH TIP A . 
B 2 HOH 61 269 140 HOH TIP A . 
B 2 HOH 62 270 141 HOH TIP A . 
B 2 HOH 63 271 143 HOH TIP A . 
B 2 HOH 64 272 144 HOH TIP A . 
B 2 HOH 65 273 145 HOH TIP A . 
B 2 HOH 66 274 146 HOH TIP A . 
B 2 HOH 67 275 147 HOH TIP A . 
B 2 HOH 68 276 148 HOH TIP A . 
B 2 HOH 69 277 149 HOH TIP A . 
B 2 HOH 70 278 150 HOH TIP A . 
B 2 HOH 71 279 151 HOH TIP A . 
B 2 HOH 72 280 152 HOH TIP A . 
B 2 HOH 73 281 153 HOH TIP A . 
B 2 HOH 74 282 154 HOH TIP A . 
B 2 HOH 75 283 155 HOH TIP A . 
B 2 HOH 76 284 157 HOH TIP A . 
B 2 HOH 77 285 158 HOH TIP A . 
B 2 HOH 78 286 159 HOH TIP A . 
B 2 HOH 79 287 160 HOH TIP A . 
B 2 HOH 80 288 161 HOH TIP A . 
B 2 HOH 81 289 162 HOH TIP A . 
B 2 HOH 82 290 163 HOH TIP A . 
B 2 HOH 83 291 164 HOH TIP A . 
B 2 HOH 84 292 165 HOH TIP A . 
B 2 HOH 85 293 166 HOH TIP A . 
B 2 HOH 86 294 167 HOH TIP A . 
B 2 HOH 87 295 168 HOH TIP A . 
B 2 HOH 88 296 169 HOH TIP A . 
B 2 HOH 89 297 170 HOH TIP A . 
B 2 HOH 90 298 171 HOH TIP A . 
B 2 HOH 91 299 172 HOH TIP A . 
# 
_pdbx_struct_assembly.id                   1 
_pdbx_struct_assembly.details              author_and_software_defined_assembly 
_pdbx_struct_assembly.method_details       PISA 
_pdbx_struct_assembly.oligomeric_details   dimeric 
_pdbx_struct_assembly.oligomeric_count     2 
# 
_pdbx_struct_assembly_gen.assembly_id       1 
_pdbx_struct_assembly_gen.oper_expression   1,2 
_pdbx_struct_assembly_gen.asym_id_list      A,B 
# 
loop_
_pdbx_struct_assembly_prop.biol_id 
_pdbx_struct_assembly_prop.type 
_pdbx_struct_assembly_prop.value 
_pdbx_struct_assembly_prop.details 
1 'ABSA (A^2)' 1850  ? 
1 MORE         -11   ? 
1 'SSA (A^2)'  19380 ? 
# 
loop_
_pdbx_struct_oper_list.id 
_pdbx_struct_oper_list.type 
_pdbx_struct_oper_list.name 
_pdbx_struct_oper_list.symmetry_operation 
_pdbx_struct_oper_list.matrix[1][1] 
_pdbx_struct_oper_list.matrix[1][2] 
_pdbx_struct_oper_list.matrix[1][3] 
_pdbx_struct_oper_list.vector[1] 
_pdbx_struct_oper_list.matrix[2][1] 
_pdbx_struct_oper_list.matrix[2][2] 
_pdbx_struct_oper_list.matrix[2][3] 
_pdbx_struct_oper_list.vector[2] 
_pdbx_struct_oper_list.matrix[3][1] 
_pdbx_struct_oper_list.matrix[3][2] 
_pdbx_struct_oper_list.matrix[3][3] 
_pdbx_struct_oper_list.vector[3] 
1 'identity operation'         1_555 x,y,z         1.0000000000  0.0000000000 0.0000000000  0.0000000000  0.0000000000 1.0000000000  0.0000000000  0.0000000000  0.0000000000  0.0000000000  1.0000000000 0.0000000000  
2 'crystal symmetry operation' 5_555 x-y,-y,-z+2/3 -0.4098328719 0.0957416100 -0.9071221314 32.9671025523 0.0957416100 -0.9844680338 -0.1471605740 -1.1786426755 -0.9071221314 -0.1471605740 0.3943009057 21.3237605148 
# 
loop_
_pdbx_audit_revision_history.ordinal 
_pdbx_audit_revision_history.data_content_type 
_pdbx_audit_revision_history.major_revision 
_pdbx_audit_revision_history.minor_revision 
_pdbx_audit_revision_history.revision_date 
1 'Structure model' 1 0 2012-03-07 
2 'Structure model' 1 1 2014-01-15 
3 'Structure model' 1 2 2023-11-01 
# 
_pdbx_audit_revision_details.ordinal             1 
_pdbx_audit_revision_details.revision_ordinal    1 
_pdbx_audit_revision_details.data_content_type   'Structure model' 
_pdbx_audit_revision_details.provider            repository 
_pdbx_audit_revision_details.type                'Initial release' 
_pdbx_audit_revision_details.description         ? 
_pdbx_audit_revision_details.details             ? 
# 
loop_
_pdbx_audit_revision_group.ordinal 
_pdbx_audit_revision_group.revision_ordinal 
_pdbx_audit_revision_group.data_content_type 
_pdbx_audit_revision_group.group 
1 2 'Structure model' 'Database references'    
2 3 'Structure model' 'Data collection'        
3 3 'Structure model' 'Database references'    
4 3 'Structure model' 'Refinement description' 
# 
loop_
_pdbx_audit_revision_category.ordinal 
_pdbx_audit_revision_category.revision_ordinal 
_pdbx_audit_revision_category.data_content_type 
_pdbx_audit_revision_category.category 
1 3 'Structure model' chem_comp_atom                
2 3 'Structure model' chem_comp_bond                
3 3 'Structure model' database_2                    
4 3 'Structure model' pdbx_initial_refinement_model 
5 3 'Structure model' struct_ref_seq_dif            
# 
loop_
_pdbx_audit_revision_item.ordinal 
_pdbx_audit_revision_item.revision_ordinal 
_pdbx_audit_revision_item.data_content_type 
_pdbx_audit_revision_item.item 
1 3 'Structure model' '_database_2.pdbx_DOI'                
2 3 'Structure model' '_database_2.pdbx_database_accession' 
3 3 'Structure model' '_struct_ref_seq_dif.details'         
# 
loop_
_software.name 
_software.classification 
_software.version 
_software.citation_id 
_software.pdbx_ordinal 
BSS      'data collection' .   ? 1 
MOLREP   phasing           .   ? 2 
CNS      refinement        1.2 ? 3 
HKL-2000 'data reduction'  .   ? 4 
HKL-2000 'data scaling'    .   ? 5 
# 
loop_
_pdbx_validate_torsion.id 
_pdbx_validate_torsion.PDB_model_num 
_pdbx_validate_torsion.auth_comp_id 
_pdbx_validate_torsion.auth_asym_id 
_pdbx_validate_torsion.auth_seq_id 
_pdbx_validate_torsion.PDB_ins_code 
_pdbx_validate_torsion.label_alt_id 
_pdbx_validate_torsion.phi 
_pdbx_validate_torsion.psi 
1 1 MET A 90  ? ? -87.60 40.80  
2 1 VAL A 144 ? ? -47.23 108.35 
# 
loop_
_pdbx_unobs_or_zero_occ_residues.id 
_pdbx_unobs_or_zero_occ_residues.PDB_model_num 
_pdbx_unobs_or_zero_occ_residues.polymer_flag 
_pdbx_unobs_or_zero_occ_residues.occupancy_flag 
_pdbx_unobs_or_zero_occ_residues.auth_asym_id 
_pdbx_unobs_or_zero_occ_residues.auth_comp_id 
_pdbx_unobs_or_zero_occ_residues.auth_seq_id 
_pdbx_unobs_or_zero_occ_residues.PDB_ins_code 
_pdbx_unobs_or_zero_occ_residues.label_asym_id 
_pdbx_unobs_or_zero_occ_residues.label_comp_id 
_pdbx_unobs_or_zero_occ_residues.label_seq_id 
1  1 Y 1 A MET -21 ? A MET 1   
2  1 Y 1 A GLY -20 ? A GLY 2   
3  1 Y 1 A SER -19 ? A SER 3   
4  1 Y 1 A SER -18 ? A SER 4   
5  1 Y 1 A HIS -17 ? A HIS 5   
6  1 Y 1 A HIS -16 ? A HIS 6   
7  1 Y 1 A HIS -15 ? A HIS 7   
8  1 Y 1 A HIS -14 ? A HIS 8   
9  1 Y 1 A HIS -13 ? A HIS 9   
10 1 Y 1 A HIS -12 ? A HIS 10  
11 1 Y 1 A ARG 202 ? A ARG 223 
12 1 Y 1 A ALA 203 ? A ALA 224 
13 1 Y 1 A GLU 204 ? A GLU 225 
14 1 Y 1 A ALA 205 ? A ALA 226 
15 1 Y 1 A PRO 206 ? A PRO 227 
16 1 Y 1 A ARG 207 ? A ARG 228 
17 1 Y 1 A GLY 208 ? A GLY 229 
# 
loop_
_chem_comp_atom.comp_id 
_chem_comp_atom.atom_id 
_chem_comp_atom.type_symbol 
_chem_comp_atom.pdbx_aromatic_flag 
_chem_comp_atom.pdbx_stereo_config 
_chem_comp_atom.pdbx_ordinal 
ALA N    N N N 1   
ALA CA   C N S 2   
ALA C    C N N 3   
ALA O    O N N 4   
ALA CB   C N N 5   
ALA OXT  O N N 6   
ALA H    H N N 7   
ALA H2   H N N 8   
ALA HA   H N N 9   
ALA HB1  H N N 10  
ALA HB2  H N N 11  
ALA HB3  H N N 12  
ALA HXT  H N N 13  
ARG N    N N N 14  
ARG CA   C N S 15  
ARG C    C N N 16  
ARG O    O N N 17  
ARG CB   C N N 18  
ARG CG   C N N 19  
ARG CD   C N N 20  
ARG NE   N N N 21  
ARG CZ   C N N 22  
ARG NH1  N N N 23  
ARG NH2  N N N 24  
ARG OXT  O N N 25  
ARG H    H N N 26  
ARG H2   H N N 27  
ARG HA   H N N 28  
ARG HB2  H N N 29  
ARG HB3  H N N 30  
ARG HG2  H N N 31  
ARG HG3  H N N 32  
ARG HD2  H N N 33  
ARG HD3  H N N 34  
ARG HE   H N N 35  
ARG HH11 H N N 36  
ARG HH12 H N N 37  
ARG HH21 H N N 38  
ARG HH22 H N N 39  
ARG HXT  H N N 40  
ASN N    N N N 41  
ASN CA   C N S 42  
ASN C    C N N 43  
ASN O    O N N 44  
ASN CB   C N N 45  
ASN CG   C N N 46  
ASN OD1  O N N 47  
ASN ND2  N N N 48  
ASN OXT  O N N 49  
ASN H    H N N 50  
ASN H2   H N N 51  
ASN HA   H N N 52  
ASN HB2  H N N 53  
ASN HB3  H N N 54  
ASN HD21 H N N 55  
ASN HD22 H N N 56  
ASN HXT  H N N 57  
ASP N    N N N 58  
ASP CA   C N S 59  
ASP C    C N N 60  
ASP O    O N N 61  
ASP CB   C N N 62  
ASP CG   C N N 63  
ASP OD1  O N N 64  
ASP OD2  O N N 65  
ASP OXT  O N N 66  
ASP H    H N N 67  
ASP H2   H N N 68  
ASP HA   H N N 69  
ASP HB2  H N N 70  
ASP HB3  H N N 71  
ASP HD2  H N N 72  
ASP HXT  H N N 73  
CYS N    N N N 74  
CYS CA   C N R 75  
CYS C    C N N 76  
CYS O    O N N 77  
CYS CB   C N N 78  
CYS SG   S N N 79  
CYS OXT  O N N 80  
CYS H    H N N 81  
CYS H2   H N N 82  
CYS HA   H N N 83  
CYS HB2  H N N 84  
CYS HB3  H N N 85  
CYS HG   H N N 86  
CYS HXT  H N N 87  
GLN N    N N N 88  
GLN CA   C N S 89  
GLN C    C N N 90  
GLN O    O N N 91  
GLN CB   C N N 92  
GLN CG   C N N 93  
GLN CD   C N N 94  
GLN OE1  O N N 95  
GLN NE2  N N N 96  
GLN OXT  O N N 97  
GLN H    H N N 98  
GLN H2   H N N 99  
GLN HA   H N N 100 
GLN HB2  H N N 101 
GLN HB3  H N N 102 
GLN HG2  H N N 103 
GLN HG3  H N N 104 
GLN HE21 H N N 105 
GLN HE22 H N N 106 
GLN HXT  H N N 107 
GLU N    N N N 108 
GLU CA   C N S 109 
GLU C    C N N 110 
GLU O    O N N 111 
GLU CB   C N N 112 
GLU CG   C N N 113 
GLU CD   C N N 114 
GLU OE1  O N N 115 
GLU OE2  O N N 116 
GLU OXT  O N N 117 
GLU H    H N N 118 
GLU H2   H N N 119 
GLU HA   H N N 120 
GLU HB2  H N N 121 
GLU HB3  H N N 122 
GLU HG2  H N N 123 
GLU HG3  H N N 124 
GLU HE2  H N N 125 
GLU HXT  H N N 126 
GLY N    N N N 127 
GLY CA   C N N 128 
GLY C    C N N 129 
GLY O    O N N 130 
GLY OXT  O N N 131 
GLY H    H N N 132 
GLY H2   H N N 133 
GLY HA2  H N N 134 
GLY HA3  H N N 135 
GLY HXT  H N N 136 
HIS N    N N N 137 
HIS CA   C N S 138 
HIS C    C N N 139 
HIS O    O N N 140 
HIS CB   C N N 141 
HIS CG   C Y N 142 
HIS ND1  N Y N 143 
HIS CD2  C Y N 144 
HIS CE1  C Y N 145 
HIS NE2  N Y N 146 
HIS OXT  O N N 147 
HIS H    H N N 148 
HIS H2   H N N 149 
HIS HA   H N N 150 
HIS HB2  H N N 151 
HIS HB3  H N N 152 
HIS HD1  H N N 153 
HIS HD2  H N N 154 
HIS HE1  H N N 155 
HIS HE2  H N N 156 
HIS HXT  H N N 157 
HOH O    O N N 158 
HOH H1   H N N 159 
HOH H2   H N N 160 
ILE N    N N N 161 
ILE CA   C N S 162 
ILE C    C N N 163 
ILE O    O N N 164 
ILE CB   C N S 165 
ILE CG1  C N N 166 
ILE CG2  C N N 167 
ILE CD1  C N N 168 
ILE OXT  O N N 169 
ILE H    H N N 170 
ILE H2   H N N 171 
ILE HA   H N N 172 
ILE HB   H N N 173 
ILE HG12 H N N 174 
ILE HG13 H N N 175 
ILE HG21 H N N 176 
ILE HG22 H N N 177 
ILE HG23 H N N 178 
ILE HD11 H N N 179 
ILE HD12 H N N 180 
ILE HD13 H N N 181 
ILE HXT  H N N 182 
LEU N    N N N 183 
LEU CA   C N S 184 
LEU C    C N N 185 
LEU O    O N N 186 
LEU CB   C N N 187 
LEU CG   C N N 188 
LEU CD1  C N N 189 
LEU CD2  C N N 190 
LEU OXT  O N N 191 
LEU H    H N N 192 
LEU H2   H N N 193 
LEU HA   H N N 194 
LEU HB2  H N N 195 
LEU HB3  H N N 196 
LEU HG   H N N 197 
LEU HD11 H N N 198 
LEU HD12 H N N 199 
LEU HD13 H N N 200 
LEU HD21 H N N 201 
LEU HD22 H N N 202 
LEU HD23 H N N 203 
LEU HXT  H N N 204 
LYS N    N N N 205 
LYS CA   C N S 206 
LYS C    C N N 207 
LYS O    O N N 208 
LYS CB   C N N 209 
LYS CG   C N N 210 
LYS CD   C N N 211 
LYS CE   C N N 212 
LYS NZ   N N N 213 
LYS OXT  O N N 214 
LYS H    H N N 215 
LYS H2   H N N 216 
LYS HA   H N N 217 
LYS HB2  H N N 218 
LYS HB3  H N N 219 
LYS HG2  H N N 220 
LYS HG3  H N N 221 
LYS HD2  H N N 222 
LYS HD3  H N N 223 
LYS HE2  H N N 224 
LYS HE3  H N N 225 
LYS HZ1  H N N 226 
LYS HZ2  H N N 227 
LYS HZ3  H N N 228 
LYS HXT  H N N 229 
MET N    N N N 230 
MET CA   C N S 231 
MET C    C N N 232 
MET O    O N N 233 
MET CB   C N N 234 
MET CG   C N N 235 
MET SD   S N N 236 
MET CE   C N N 237 
MET OXT  O N N 238 
MET H    H N N 239 
MET H2   H N N 240 
MET HA   H N N 241 
MET HB2  H N N 242 
MET HB3  H N N 243 
MET HG2  H N N 244 
MET HG3  H N N 245 
MET HE1  H N N 246 
MET HE2  H N N 247 
MET HE3  H N N 248 
MET HXT  H N N 249 
PHE N    N N N 250 
PHE CA   C N S 251 
PHE C    C N N 252 
PHE O    O N N 253 
PHE CB   C N N 254 
PHE CG   C Y N 255 
PHE CD1  C Y N 256 
PHE CD2  C Y N 257 
PHE CE1  C Y N 258 
PHE CE2  C Y N 259 
PHE CZ   C Y N 260 
PHE OXT  O N N 261 
PHE H    H N N 262 
PHE H2   H N N 263 
PHE HA   H N N 264 
PHE HB2  H N N 265 
PHE HB3  H N N 266 
PHE HD1  H N N 267 
PHE HD2  H N N 268 
PHE HE1  H N N 269 
PHE HE2  H N N 270 
PHE HZ   H N N 271 
PHE HXT  H N N 272 
PRO N    N N N 273 
PRO CA   C N S 274 
PRO C    C N N 275 
PRO O    O N N 276 
PRO CB   C N N 277 
PRO CG   C N N 278 
PRO CD   C N N 279 
PRO OXT  O N N 280 
PRO H    H N N 281 
PRO HA   H N N 282 
PRO HB2  H N N 283 
PRO HB3  H N N 284 
PRO HG2  H N N 285 
PRO HG3  H N N 286 
PRO HD2  H N N 287 
PRO HD3  H N N 288 
PRO HXT  H N N 289 
SER N    N N N 290 
SER CA   C N S 291 
SER C    C N N 292 
SER O    O N N 293 
SER CB   C N N 294 
SER OG   O N N 295 
SER OXT  O N N 296 
SER H    H N N 297 
SER H2   H N N 298 
SER HA   H N N 299 
SER HB2  H N N 300 
SER HB3  H N N 301 
SER HG   H N N 302 
SER HXT  H N N 303 
THR N    N N N 304 
THR CA   C N S 305 
THR C    C N N 306 
THR O    O N N 307 
THR CB   C N R 308 
THR OG1  O N N 309 
THR CG2  C N N 310 
THR OXT  O N N 311 
THR H    H N N 312 
THR H2   H N N 313 
THR HA   H N N 314 
THR HB   H N N 315 
THR HG1  H N N 316 
THR HG21 H N N 317 
THR HG22 H N N 318 
THR HG23 H N N 319 
THR HXT  H N N 320 
TYR N    N N N 321 
TYR CA   C N S 322 
TYR C    C N N 323 
TYR O    O N N 324 
TYR CB   C N N 325 
TYR CG   C Y N 326 
TYR CD1  C Y N 327 
TYR CD2  C Y N 328 
TYR CE1  C Y N 329 
TYR CE2  C Y N 330 
TYR CZ   C Y N 331 
TYR OH   O N N 332 
TYR OXT  O N N 333 
TYR H    H N N 334 
TYR H2   H N N 335 
TYR HA   H N N 336 
TYR HB2  H N N 337 
TYR HB3  H N N 338 
TYR HD1  H N N 339 
TYR HD2  H N N 340 
TYR HE1  H N N 341 
TYR HE2  H N N 342 
TYR HH   H N N 343 
TYR HXT  H N N 344 
VAL N    N N N 345 
VAL CA   C N S 346 
VAL C    C N N 347 
VAL O    O N N 348 
VAL CB   C N N 349 
VAL CG1  C N N 350 
VAL CG2  C N N 351 
VAL OXT  O N N 352 
VAL H    H N N 353 
VAL H2   H N N 354 
VAL HA   H N N 355 
VAL HB   H N N 356 
VAL HG11 H N N 357 
VAL HG12 H N N 358 
VAL HG13 H N N 359 
VAL HG21 H N N 360 
VAL HG22 H N N 361 
VAL HG23 H N N 362 
VAL HXT  H N N 363 
# 
loop_
_chem_comp_bond.comp_id 
_chem_comp_bond.atom_id_1 
_chem_comp_bond.atom_id_2 
_chem_comp_bond.value_order 
_chem_comp_bond.pdbx_aromatic_flag 
_chem_comp_bond.pdbx_stereo_config 
_chem_comp_bond.pdbx_ordinal 
ALA N   CA   sing N N 1   
ALA N   H    sing N N 2   
ALA N   H2   sing N N 3   
ALA CA  C    sing N N 4   
ALA CA  CB   sing N N 5   
ALA CA  HA   sing N N 6   
ALA C   O    doub N N 7   
ALA C   OXT  sing N N 8   
ALA CB  HB1  sing N N 9   
ALA CB  HB2  sing N N 10  
ALA CB  HB3  sing N N 11  
ALA OXT HXT  sing N N 12  
ARG N   CA   sing N N 13  
ARG N   H    sing N N 14  
ARG N   H2   sing N N 15  
ARG CA  C    sing N N 16  
ARG CA  CB   sing N N 17  
ARG CA  HA   sing N N 18  
ARG C   O    doub N N 19  
ARG C   OXT  sing N N 20  
ARG CB  CG   sing N N 21  
ARG CB  HB2  sing N N 22  
ARG CB  HB3  sing N N 23  
ARG CG  CD   sing N N 24  
ARG CG  HG2  sing N N 25  
ARG CG  HG3  sing N N 26  
ARG CD  NE   sing N N 27  
ARG CD  HD2  sing N N 28  
ARG CD  HD3  sing N N 29  
ARG NE  CZ   sing N N 30  
ARG NE  HE   sing N N 31  
ARG CZ  NH1  sing N N 32  
ARG CZ  NH2  doub N N 33  
ARG NH1 HH11 sing N N 34  
ARG NH1 HH12 sing N N 35  
ARG NH2 HH21 sing N N 36  
ARG NH2 HH22 sing N N 37  
ARG OXT HXT  sing N N 38  
ASN N   CA   sing N N 39  
ASN N   H    sing N N 40  
ASN N   H2   sing N N 41  
ASN CA  C    sing N N 42  
ASN CA  CB   sing N N 43  
ASN CA  HA   sing N N 44  
ASN C   O    doub N N 45  
ASN C   OXT  sing N N 46  
ASN CB  CG   sing N N 47  
ASN CB  HB2  sing N N 48  
ASN CB  HB3  sing N N 49  
ASN CG  OD1  doub N N 50  
ASN CG  ND2  sing N N 51  
ASN ND2 HD21 sing N N 52  
ASN ND2 HD22 sing N N 53  
ASN OXT HXT  sing N N 54  
ASP N   CA   sing N N 55  
ASP N   H    sing N N 56  
ASP N   H2   sing N N 57  
ASP CA  C    sing N N 58  
ASP CA  CB   sing N N 59  
ASP CA  HA   sing N N 60  
ASP C   O    doub N N 61  
ASP C   OXT  sing N N 62  
ASP CB  CG   sing N N 63  
ASP CB  HB2  sing N N 64  
ASP CB  HB3  sing N N 65  
ASP CG  OD1  doub N N 66  
ASP CG  OD2  sing N N 67  
ASP OD2 HD2  sing N N 68  
ASP OXT HXT  sing N N 69  
CYS N   CA   sing N N 70  
CYS N   H    sing N N 71  
CYS N   H2   sing N N 72  
CYS CA  C    sing N N 73  
CYS CA  CB   sing N N 74  
CYS CA  HA   sing N N 75  
CYS C   O    doub N N 76  
CYS C   OXT  sing N N 77  
CYS CB  SG   sing N N 78  
CYS CB  HB2  sing N N 79  
CYS CB  HB3  sing N N 80  
CYS SG  HG   sing N N 81  
CYS OXT HXT  sing N N 82  
GLN N   CA   sing N N 83  
GLN N   H    sing N N 84  
GLN N   H2   sing N N 85  
GLN CA  C    sing N N 86  
GLN CA  CB   sing N N 87  
GLN CA  HA   sing N N 88  
GLN C   O    doub N N 89  
GLN C   OXT  sing N N 90  
GLN CB  CG   sing N N 91  
GLN CB  HB2  sing N N 92  
GLN CB  HB3  sing N N 93  
GLN CG  CD   sing N N 94  
GLN CG  HG2  sing N N 95  
GLN CG  HG3  sing N N 96  
GLN CD  OE1  doub N N 97  
GLN CD  NE2  sing N N 98  
GLN NE2 HE21 sing N N 99  
GLN NE2 HE22 sing N N 100 
GLN OXT HXT  sing N N 101 
GLU N   CA   sing N N 102 
GLU N   H    sing N N 103 
GLU N   H2   sing N N 104 
GLU CA  C    sing N N 105 
GLU CA  CB   sing N N 106 
GLU CA  HA   sing N N 107 
GLU C   O    doub N N 108 
GLU C   OXT  sing N N 109 
GLU CB  CG   sing N N 110 
GLU CB  HB2  sing N N 111 
GLU CB  HB3  sing N N 112 
GLU CG  CD   sing N N 113 
GLU CG  HG2  sing N N 114 
GLU CG  HG3  sing N N 115 
GLU CD  OE1  doub N N 116 
GLU CD  OE2  sing N N 117 
GLU OE2 HE2  sing N N 118 
GLU OXT HXT  sing N N 119 
GLY N   CA   sing N N 120 
GLY N   H    sing N N 121 
GLY N   H2   sing N N 122 
GLY CA  C    sing N N 123 
GLY CA  HA2  sing N N 124 
GLY CA  HA3  sing N N 125 
GLY C   O    doub N N 126 
GLY C   OXT  sing N N 127 
GLY OXT HXT  sing N N 128 
HIS N   CA   sing N N 129 
HIS N   H    sing N N 130 
HIS N   H2   sing N N 131 
HIS CA  C    sing N N 132 
HIS CA  CB   sing N N 133 
HIS CA  HA   sing N N 134 
HIS C   O    doub N N 135 
HIS C   OXT  sing N N 136 
HIS CB  CG   sing N N 137 
HIS CB  HB2  sing N N 138 
HIS CB  HB3  sing N N 139 
HIS CG  ND1  sing Y N 140 
HIS CG  CD2  doub Y N 141 
HIS ND1 CE1  doub Y N 142 
HIS ND1 HD1  sing N N 143 
HIS CD2 NE2  sing Y N 144 
HIS CD2 HD2  sing N N 145 
HIS CE1 NE2  sing Y N 146 
HIS CE1 HE1  sing N N 147 
HIS NE2 HE2  sing N N 148 
HIS OXT HXT  sing N N 149 
HOH O   H1   sing N N 150 
HOH O   H2   sing N N 151 
ILE N   CA   sing N N 152 
ILE N   H    sing N N 153 
ILE N   H2   sing N N 154 
ILE CA  C    sing N N 155 
ILE CA  CB   sing N N 156 
ILE CA  HA   sing N N 157 
ILE C   O    doub N N 158 
ILE C   OXT  sing N N 159 
ILE CB  CG1  sing N N 160 
ILE CB  CG2  sing N N 161 
ILE CB  HB   sing N N 162 
ILE CG1 CD1  sing N N 163 
ILE CG1 HG12 sing N N 164 
ILE CG1 HG13 sing N N 165 
ILE CG2 HG21 sing N N 166 
ILE CG2 HG22 sing N N 167 
ILE CG2 HG23 sing N N 168 
ILE CD1 HD11 sing N N 169 
ILE CD1 HD12 sing N N 170 
ILE CD1 HD13 sing N N 171 
ILE OXT HXT  sing N N 172 
LEU N   CA   sing N N 173 
LEU N   H    sing N N 174 
LEU N   H2   sing N N 175 
LEU CA  C    sing N N 176 
LEU CA  CB   sing N N 177 
LEU CA  HA   sing N N 178 
LEU C   O    doub N N 179 
LEU C   OXT  sing N N 180 
LEU CB  CG   sing N N 181 
LEU CB  HB2  sing N N 182 
LEU CB  HB3  sing N N 183 
LEU CG  CD1  sing N N 184 
LEU CG  CD2  sing N N 185 
LEU CG  HG   sing N N 186 
LEU CD1 HD11 sing N N 187 
LEU CD1 HD12 sing N N 188 
LEU CD1 HD13 sing N N 189 
LEU CD2 HD21 sing N N 190 
LEU CD2 HD22 sing N N 191 
LEU CD2 HD23 sing N N 192 
LEU OXT HXT  sing N N 193 
LYS N   CA   sing N N 194 
LYS N   H    sing N N 195 
LYS N   H2   sing N N 196 
LYS CA  C    sing N N 197 
LYS CA  CB   sing N N 198 
LYS CA  HA   sing N N 199 
LYS C   O    doub N N 200 
LYS C   OXT  sing N N 201 
LYS CB  CG   sing N N 202 
LYS CB  HB2  sing N N 203 
LYS CB  HB3  sing N N 204 
LYS CG  CD   sing N N 205 
LYS CG  HG2  sing N N 206 
LYS CG  HG3  sing N N 207 
LYS CD  CE   sing N N 208 
LYS CD  HD2  sing N N 209 
LYS CD  HD3  sing N N 210 
LYS CE  NZ   sing N N 211 
LYS CE  HE2  sing N N 212 
LYS CE  HE3  sing N N 213 
LYS NZ  HZ1  sing N N 214 
LYS NZ  HZ2  sing N N 215 
LYS NZ  HZ3  sing N N 216 
LYS OXT HXT  sing N N 217 
MET N   CA   sing N N 218 
MET N   H    sing N N 219 
MET N   H2   sing N N 220 
MET CA  C    sing N N 221 
MET CA  CB   sing N N 222 
MET CA  HA   sing N N 223 
MET C   O    doub N N 224 
MET C   OXT  sing N N 225 
MET CB  CG   sing N N 226 
MET CB  HB2  sing N N 227 
MET CB  HB3  sing N N 228 
MET CG  SD   sing N N 229 
MET CG  HG2  sing N N 230 
MET CG  HG3  sing N N 231 
MET SD  CE   sing N N 232 
MET CE  HE1  sing N N 233 
MET CE  HE2  sing N N 234 
MET CE  HE3  sing N N 235 
MET OXT HXT  sing N N 236 
PHE N   CA   sing N N 237 
PHE N   H    sing N N 238 
PHE N   H2   sing N N 239 
PHE CA  C    sing N N 240 
PHE CA  CB   sing N N 241 
PHE CA  HA   sing N N 242 
PHE C   O    doub N N 243 
PHE C   OXT  sing N N 244 
PHE CB  CG   sing N N 245 
PHE CB  HB2  sing N N 246 
PHE CB  HB3  sing N N 247 
PHE CG  CD1  doub Y N 248 
PHE CG  CD2  sing Y N 249 
PHE CD1 CE1  sing Y N 250 
PHE CD1 HD1  sing N N 251 
PHE CD2 CE2  doub Y N 252 
PHE CD2 HD2  sing N N 253 
PHE CE1 CZ   doub Y N 254 
PHE CE1 HE1  sing N N 255 
PHE CE2 CZ   sing Y N 256 
PHE CE2 HE2  sing N N 257 
PHE CZ  HZ   sing N N 258 
PHE OXT HXT  sing N N 259 
PRO N   CA   sing N N 260 
PRO N   CD   sing N N 261 
PRO N   H    sing N N 262 
PRO CA  C    sing N N 263 
PRO CA  CB   sing N N 264 
PRO CA  HA   sing N N 265 
PRO C   O    doub N N 266 
PRO C   OXT  sing N N 267 
PRO CB  CG   sing N N 268 
PRO CB  HB2  sing N N 269 
PRO CB  HB3  sing N N 270 
PRO CG  CD   sing N N 271 
PRO CG  HG2  sing N N 272 
PRO CG  HG3  sing N N 273 
PRO CD  HD2  sing N N 274 
PRO CD  HD3  sing N N 275 
PRO OXT HXT  sing N N 276 
SER N   CA   sing N N 277 
SER N   H    sing N N 278 
SER N   H2   sing N N 279 
SER CA  C    sing N N 280 
SER CA  CB   sing N N 281 
SER CA  HA   sing N N 282 
SER C   O    doub N N 283 
SER C   OXT  sing N N 284 
SER CB  OG   sing N N 285 
SER CB  HB2  sing N N 286 
SER CB  HB3  sing N N 287 
SER OG  HG   sing N N 288 
SER OXT HXT  sing N N 289 
THR N   CA   sing N N 290 
THR N   H    sing N N 291 
THR N   H2   sing N N 292 
THR CA  C    sing N N 293 
THR CA  CB   sing N N 294 
THR CA  HA   sing N N 295 
THR C   O    doub N N 296 
THR C   OXT  sing N N 297 
THR CB  OG1  sing N N 298 
THR CB  CG2  sing N N 299 
THR CB  HB   sing N N 300 
THR OG1 HG1  sing N N 301 
THR CG2 HG21 sing N N 302 
THR CG2 HG22 sing N N 303 
THR CG2 HG23 sing N N 304 
THR OXT HXT  sing N N 305 
TYR N   CA   sing N N 306 
TYR N   H    sing N N 307 
TYR N   H2   sing N N 308 
TYR CA  C    sing N N 309 
TYR CA  CB   sing N N 310 
TYR CA  HA   sing N N 311 
TYR C   O    doub N N 312 
TYR C   OXT  sing N N 313 
TYR CB  CG   sing N N 314 
TYR CB  HB2  sing N N 315 
TYR CB  HB3  sing N N 316 
TYR CG  CD1  doub Y N 317 
TYR CG  CD2  sing Y N 318 
TYR CD1 CE1  sing Y N 319 
TYR CD1 HD1  sing N N 320 
TYR CD2 CE2  doub Y N 321 
TYR CD2 HD2  sing N N 322 
TYR CE1 CZ   doub Y N 323 
TYR CE1 HE1  sing N N 324 
TYR CE2 CZ   sing Y N 325 
TYR CE2 HE2  sing N N 326 
TYR CZ  OH   sing N N 327 
TYR OH  HH   sing N N 328 
TYR OXT HXT  sing N N 329 
VAL N   CA   sing N N 330 
VAL N   H    sing N N 331 
VAL N   H2   sing N N 332 
VAL CA  C    sing N N 333 
VAL CA  CB   sing N N 334 
VAL CA  HA   sing N N 335 
VAL C   O    doub N N 336 
VAL C   OXT  sing N N 337 
VAL CB  CG1  sing N N 338 
VAL CB  CG2  sing N N 339 
VAL CB  HB   sing N N 340 
VAL CG1 HG11 sing N N 341 
VAL CG1 HG12 sing N N 342 
VAL CG1 HG13 sing N N 343 
VAL CG2 HG21 sing N N 344 
VAL CG2 HG22 sing N N 345 
VAL CG2 HG23 sing N N 346 
VAL OXT HXT  sing N N 347 
# 
_pdbx_entity_nonpoly.entity_id   2 
_pdbx_entity_nonpoly.name        water 
_pdbx_entity_nonpoly.comp_id     HOH 
# 
_pdbx_initial_refinement_model.id               1 
_pdbx_initial_refinement_model.entity_id_list   ? 
_pdbx_initial_refinement_model.type             'experimental model' 
_pdbx_initial_refinement_model.source_name      PDB 
_pdbx_initial_refinement_model.accession_code   1JKX 
_pdbx_initial_refinement_model.details          'PDB ENTRY 1JKX' 
# 
